data_2MVF
#
_entry.id   2MVF
#
_entity_poly.entity_id   1
_entity_poly.type   'polypeptide(L)'
_entity_poly.pdbx_seq_one_letter_code
;YERFIRPMGLRYKKANVTHPTLNVTVQLPILSVKKNPSNPLYTQLGVLTKGTIIEVNVSDLGIVTASGKIAWGRYAQITN
NPENDGCVNAVLLV
;
_entity_poly.pdbx_strand_id   A
#
# COMPACT_ATOMS: atom_id res chain seq x y z
N TYR A 1 -0.17 11.39 -10.74
CA TYR A 1 -0.55 11.35 -9.31
C TYR A 1 -1.57 12.43 -8.99
N GLU A 2 -1.98 13.14 -10.02
CA GLU A 2 -2.90 14.25 -9.85
C GLU A 2 -4.34 13.79 -9.97
N ARG A 3 -4.54 12.56 -10.38
CA ARG A 3 -5.85 12.00 -10.49
C ARG A 3 -6.32 11.48 -9.14
N PHE A 4 -7.53 11.84 -8.75
CA PHE A 4 -8.04 11.44 -7.46
C PHE A 4 -8.87 10.17 -7.58
N ILE A 5 -8.45 9.15 -6.86
CA ILE A 5 -9.07 7.85 -6.92
C ILE A 5 -9.11 7.20 -5.53
N ARG A 6 -10.26 6.64 -5.17
CA ARG A 6 -10.45 5.98 -3.89
C ARG A 6 -11.64 5.02 -3.99
N PRO A 7 -11.83 4.09 -3.02
CA PRO A 7 -12.93 3.14 -3.05
C PRO A 7 -14.21 3.79 -2.52
N MET A 8 -14.34 3.84 -1.19
CA MET A 8 -15.47 4.49 -0.58
C MET A 8 -15.19 4.83 0.88
N GLY A 9 -14.70 6.04 1.11
CA GLY A 9 -14.51 6.52 2.46
C GLY A 9 -13.48 5.73 3.25
N LEU A 10 -12.34 5.45 2.62
CA LEU A 10 -11.27 4.72 3.30
C LEU A 10 -10.79 5.51 4.52
N ARG A 11 -10.18 4.82 5.47
CA ARG A 11 -9.72 5.45 6.72
C ARG A 11 -8.87 6.69 6.45
N TYR A 12 -7.87 6.55 5.60
CA TYR A 12 -7.03 7.66 5.19
C TYR A 12 -6.04 7.16 4.16
N LYS A 13 -5.29 8.06 3.57
CA LYS A 13 -4.29 7.68 2.59
C LYS A 13 -3.03 7.14 3.26
N LYS A 14 -3.18 6.09 4.04
CA LYS A 14 -2.09 5.42 4.67
C LYS A 14 -2.29 3.92 4.61
N ALA A 15 -1.20 3.19 4.53
CA ALA A 15 -1.25 1.74 4.55
C ALA A 15 -0.03 1.17 5.27
N ASN A 16 -0.21 0.01 5.89
CA ASN A 16 0.89 -0.64 6.58
C ASN A 16 1.73 -1.38 5.57
N VAL A 17 2.86 -0.82 5.21
CA VAL A 17 3.71 -1.39 4.20
C VAL A 17 4.74 -2.30 4.83
N THR A 18 4.70 -3.56 4.45
CA THR A 18 5.63 -4.54 4.93
C THR A 18 6.77 -4.66 3.96
N HIS A 19 7.97 -4.44 4.45
CA HIS A 19 9.16 -4.48 3.62
C HIS A 19 9.91 -5.76 3.90
N PRO A 20 9.91 -6.73 2.97
CA PRO A 20 10.57 -8.02 3.18
C PRO A 20 12.09 -7.86 3.31
N THR A 21 12.61 -6.82 2.68
CA THR A 21 14.03 -6.53 2.72
C THR A 21 14.47 -6.16 4.14
N LEU A 22 13.66 -5.38 4.82
CA LEU A 22 13.99 -4.90 6.17
C LEU A 22 13.36 -5.79 7.19
N ASN A 23 12.35 -6.53 6.76
CA ASN A 23 11.56 -7.38 7.65
C ASN A 23 10.86 -6.53 8.70
N VAL A 24 10.17 -5.49 8.23
CA VAL A 24 9.49 -4.56 9.10
C VAL A 24 8.26 -4.00 8.41
N THR A 25 7.19 -3.77 9.16
CA THR A 25 6.01 -3.17 8.61
C THR A 25 5.83 -1.76 9.19
N VAL A 26 5.74 -0.79 8.31
CA VAL A 26 5.62 0.60 8.70
C VAL A 26 4.49 1.24 7.91
N GLN A 27 3.67 2.02 8.57
CA GLN A 27 2.59 2.68 7.88
C GLN A 27 3.11 3.91 7.17
N LEU A 28 3.01 3.91 5.85
CA LEU A 28 3.43 5.04 5.05
C LEU A 28 2.24 5.70 4.42
N PRO A 29 2.31 7.01 4.17
CA PRO A 29 1.26 7.71 3.46
C PRO A 29 1.26 7.29 1.99
N ILE A 30 0.08 7.13 1.44
CA ILE A 30 -0.04 6.73 0.07
C ILE A 30 -0.01 7.94 -0.84
N LEU A 31 1.03 8.03 -1.66
CA LEU A 31 1.18 9.16 -2.57
C LEU A 31 0.13 9.11 -3.66
N SER A 32 -0.10 7.92 -4.19
CA SER A 32 -1.09 7.73 -5.23
C SER A 32 -1.47 6.27 -5.34
N VAL A 33 -2.71 6.01 -5.73
CA VAL A 33 -3.18 4.66 -5.90
C VAL A 33 -3.60 4.46 -7.34
N LYS A 34 -3.41 3.27 -7.84
CA LYS A 34 -3.78 2.94 -9.18
C LYS A 34 -4.80 1.81 -9.17
N LYS A 35 -5.94 2.09 -9.77
CA LYS A 35 -7.07 1.17 -9.85
C LYS A 35 -6.68 -0.19 -10.39
N ASN A 36 -7.45 -1.19 -10.04
CA ASN A 36 -7.30 -2.49 -10.64
C ASN A 36 -7.90 -2.38 -12.04
N PRO A 37 -7.19 -2.86 -13.07
CA PRO A 37 -7.59 -2.65 -14.47
C PRO A 37 -8.97 -3.22 -14.81
N SER A 38 -9.35 -4.30 -14.15
CA SER A 38 -10.64 -4.90 -14.41
C SER A 38 -11.61 -4.68 -13.25
N ASN A 39 -11.06 -4.31 -12.08
CA ASN A 39 -11.85 -4.09 -10.87
C ASN A 39 -12.64 -5.35 -10.49
N PRO A 40 -12.00 -6.29 -9.77
CA PRO A 40 -12.59 -7.57 -9.39
C PRO A 40 -13.70 -7.47 -8.34
N LEU A 41 -13.92 -6.27 -7.80
CA LEU A 41 -14.94 -6.08 -6.78
C LEU A 41 -16.30 -6.47 -7.29
N TYR A 42 -16.95 -7.33 -6.55
CA TYR A 42 -18.26 -7.83 -6.90
C TYR A 42 -19.35 -6.95 -6.31
N THR A 43 -19.33 -5.68 -6.71
CA THR A 43 -20.32 -4.70 -6.23
C THR A 43 -20.17 -4.51 -4.70
N GLN A 44 -19.01 -4.87 -4.17
CA GLN A 44 -18.76 -4.77 -2.74
C GLN A 44 -18.81 -3.32 -2.26
N LEU A 45 -18.25 -2.41 -3.06
CA LEU A 45 -18.27 -0.97 -2.77
C LEU A 45 -17.66 -0.64 -1.40
N GLY A 46 -16.82 -1.51 -0.91
CA GLY A 46 -16.20 -1.27 0.38
C GLY A 46 -14.77 -0.84 0.26
N VAL A 47 -13.89 -1.81 0.18
CA VAL A 47 -12.47 -1.57 0.06
C VAL A 47 -11.95 -2.30 -1.15
N LEU A 48 -10.78 -1.89 -1.62
CA LEU A 48 -10.19 -2.51 -2.80
C LEU A 48 -9.66 -3.89 -2.49
N THR A 49 -9.44 -4.64 -3.52
CA THR A 49 -8.98 -5.99 -3.39
C THR A 49 -7.46 -6.06 -3.37
N LYS A 50 -6.95 -7.21 -2.99
CA LYS A 50 -5.51 -7.41 -2.93
C LYS A 50 -4.90 -7.36 -4.33
N GLY A 51 -3.74 -6.78 -4.40
CA GLY A 51 -3.06 -6.64 -5.67
C GLY A 51 -3.22 -5.25 -6.24
N THR A 52 -3.90 -4.36 -5.51
CA THR A 52 -4.06 -2.98 -5.96
C THR A 52 -2.70 -2.29 -5.97
N ILE A 53 -2.40 -1.50 -7.00
CA ILE A 53 -1.09 -0.91 -7.13
C ILE A 53 -1.04 0.48 -6.53
N ILE A 54 -0.08 0.73 -5.67
CA ILE A 54 0.10 2.06 -5.09
C ILE A 54 1.51 2.54 -5.32
N GLU A 55 1.69 3.83 -5.24
CA GLU A 55 2.99 4.39 -5.40
C GLU A 55 3.39 5.08 -4.10
N VAL A 56 4.46 4.61 -3.49
CA VAL A 56 4.91 5.15 -2.21
C VAL A 56 6.39 5.46 -2.23
N ASN A 57 6.78 6.34 -1.34
CA ASN A 57 8.17 6.74 -1.23
C ASN A 57 8.81 6.10 -0.02
N VAL A 58 9.67 5.10 -0.24
CA VAL A 58 10.33 4.44 0.87
C VAL A 58 11.58 5.24 1.29
N SER A 59 11.31 6.30 2.02
CA SER A 59 12.34 7.17 2.58
C SER A 59 11.75 7.94 3.75
N ASP A 60 10.47 8.26 3.63
CA ASP A 60 9.75 9.07 4.62
C ASP A 60 9.40 8.26 5.88
N LEU A 61 9.96 7.07 5.99
CA LEU A 61 9.74 6.24 7.18
C LEU A 61 10.33 6.94 8.40
N GLY A 62 11.49 7.54 8.22
CA GLY A 62 12.15 8.27 9.30
C GLY A 62 12.87 7.36 10.26
N ILE A 63 12.77 6.06 10.04
CA ILE A 63 13.39 5.09 10.94
C ILE A 63 14.88 4.94 10.66
N VAL A 64 15.27 5.13 9.39
CA VAL A 64 16.67 5.00 8.95
C VAL A 64 17.28 3.70 9.48
N THR A 65 16.85 2.59 8.90
CA THR A 65 17.34 1.29 9.33
C THR A 65 18.24 0.64 8.27
N ALA A 66 18.30 1.24 7.09
CA ALA A 66 19.08 0.68 5.99
C ALA A 66 20.05 1.70 5.40
N SER A 67 20.55 2.60 6.25
CA SER A 67 21.53 3.63 5.85
C SER A 67 20.99 4.57 4.74
N GLY A 68 19.70 4.46 4.44
CA GLY A 68 19.10 5.30 3.43
C GLY A 68 19.37 4.81 2.01
N LYS A 69 20.04 3.67 1.88
CA LYS A 69 20.40 3.11 0.58
C LYS A 69 19.19 2.55 -0.15
N ILE A 70 18.10 2.43 0.56
CA ILE A 70 16.87 1.91 0.01
C ILE A 70 15.94 3.03 -0.45
N ALA A 71 16.37 4.27 -0.27
CA ALA A 71 15.55 5.44 -0.58
C ALA A 71 15.20 5.52 -2.07
N TRP A 72 13.92 5.33 -2.38
CA TRP A 72 13.44 5.37 -3.76
C TRP A 72 11.92 5.24 -3.82
N GLY A 73 11.29 5.90 -4.79
CA GLY A 73 9.86 5.75 -4.98
C GLY A 73 9.54 4.40 -5.58
N ARG A 74 8.75 3.61 -4.86
CA ARG A 74 8.49 2.24 -5.28
C ARG A 74 7.00 1.96 -5.32
N TYR A 75 6.64 0.89 -6.00
CA TYR A 75 5.25 0.49 -6.10
C TYR A 75 4.98 -0.67 -5.16
N ALA A 76 3.87 -0.62 -4.47
CA ALA A 76 3.50 -1.65 -3.54
C ALA A 76 2.10 -2.14 -3.83
N GLN A 77 1.79 -3.34 -3.39
CA GLN A 77 0.48 -3.92 -3.63
C GLN A 77 -0.36 -3.90 -2.37
N ILE A 78 -1.58 -3.45 -2.50
CA ILE A 78 -2.51 -3.40 -1.39
C ILE A 78 -3.09 -4.77 -1.14
N THR A 79 -3.05 -5.18 0.09
CA THR A 79 -3.63 -6.41 0.54
C THR A 79 -4.27 -6.17 1.90
N ASN A 80 -5.58 -6.07 1.92
CA ASN A 80 -6.30 -5.80 3.15
C ASN A 80 -6.46 -7.05 3.96
N ASN A 81 -5.91 -7.04 5.16
CA ASN A 81 -6.08 -8.15 6.07
C ASN A 81 -6.57 -7.62 7.42
N PRO A 82 -7.85 -7.21 7.46
CA PRO A 82 -8.45 -6.63 8.65
C PRO A 82 -8.68 -7.65 9.76
N GLU A 83 -8.68 -8.91 9.42
CA GLU A 83 -8.90 -9.95 10.39
C GLU A 83 -7.62 -10.27 11.16
N ASN A 84 -6.48 -9.93 10.55
CA ASN A 84 -5.20 -10.18 11.18
C ASN A 84 -4.59 -8.89 11.71
N ASP A 85 -4.41 -7.92 10.84
CA ASP A 85 -3.84 -6.64 11.21
C ASP A 85 -4.92 -5.64 11.57
N GLY A 86 -6.06 -5.77 10.94
CA GLY A 86 -7.17 -4.85 11.21
C GLY A 86 -7.06 -3.56 10.44
N CYS A 87 -6.07 -3.48 9.58
CA CYS A 87 -5.80 -2.27 8.82
C CYS A 87 -5.60 -2.59 7.35
N VAL A 88 -5.47 -1.56 6.53
CA VAL A 88 -5.17 -1.71 5.13
C VAL A 88 -3.67 -1.97 5.02
N ASN A 89 -3.31 -3.08 4.44
CA ASN A 89 -1.91 -3.47 4.40
C ASN A 89 -1.38 -3.36 2.99
N ALA A 90 -0.11 -3.13 2.89
CA ALA A 90 0.56 -3.07 1.61
C ALA A 90 1.84 -3.86 1.67
N VAL A 91 2.18 -4.50 0.58
CA VAL A 91 3.39 -5.29 0.52
C VAL A 91 4.29 -4.79 -0.59
N LEU A 92 5.57 -4.69 -0.29
CA LEU A 92 6.53 -4.23 -1.26
C LEU A 92 7.18 -5.39 -1.96
N LEU A 93 7.15 -5.37 -3.26
CA LEU A 93 7.75 -6.42 -4.06
C LEU A 93 9.21 -6.08 -4.37
N VAL A 94 10.06 -7.06 -4.25
CA VAL A 94 11.49 -6.87 -4.48
C VAL A 94 12.00 -7.83 -5.54
N TYR A 1 -10.57 13.65 -3.04
CA TYR A 1 -11.15 12.86 -4.14
C TYR A 1 -10.31 12.97 -5.41
N GLU A 2 -9.05 13.36 -5.24
CA GLU A 2 -8.13 13.49 -6.36
C GLU A 2 -7.88 12.13 -7.00
N ARG A 3 -7.77 11.12 -6.16
CA ARG A 3 -7.47 9.78 -6.64
C ARG A 3 -8.73 9.11 -7.15
N PHE A 4 -9.87 9.52 -6.58
CA PHE A 4 -11.19 9.00 -6.92
C PHE A 4 -11.36 7.57 -6.40
N ILE A 5 -10.44 6.70 -6.77
CA ILE A 5 -10.45 5.33 -6.31
C ILE A 5 -10.14 5.29 -4.81
N ARG A 6 -10.87 4.47 -4.09
CA ARG A 6 -10.72 4.38 -2.66
C ARG A 6 -10.75 2.93 -2.22
N PRO A 7 -9.97 2.58 -1.18
CA PRO A 7 -10.01 1.24 -0.61
C PRO A 7 -11.32 1.02 0.11
N MET A 8 -11.50 1.76 1.20
CA MET A 8 -12.71 1.69 1.99
C MET A 8 -13.16 3.09 2.36
N GLY A 9 -12.37 4.10 2.00
CA GLY A 9 -12.68 5.46 2.40
C GLY A 9 -12.54 5.60 3.89
N LEU A 10 -11.56 4.91 4.44
CA LEU A 10 -11.36 4.83 5.88
C LEU A 10 -10.61 6.04 6.47
N ARG A 11 -10.16 5.87 7.72
CA ARG A 11 -9.53 6.94 8.52
C ARG A 11 -8.32 7.64 7.86
N TYR A 12 -7.40 6.90 7.25
CA TYR A 12 -6.18 7.52 6.71
C TYR A 12 -5.77 6.96 5.37
N LYS A 13 -4.85 7.65 4.74
CA LYS A 13 -4.29 7.28 3.45
C LYS A 13 -2.98 6.54 3.67
N LYS A 14 -2.91 5.78 4.75
CA LYS A 14 -1.70 5.09 5.12
C LYS A 14 -1.91 3.59 5.12
N ALA A 15 -0.87 2.88 4.74
CA ALA A 15 -0.90 1.43 4.71
C ALA A 15 0.32 0.88 5.43
N ASN A 16 0.19 -0.32 5.98
CA ASN A 16 1.30 -0.96 6.67
C ASN A 16 2.19 -1.62 5.64
N VAL A 17 3.27 -0.95 5.31
CA VAL A 17 4.16 -1.41 4.26
C VAL A 17 5.24 -2.32 4.83
N THR A 18 5.35 -3.50 4.24
CA THR A 18 6.33 -4.47 4.63
C THR A 18 7.34 -4.71 3.50
N HIS A 19 8.62 -4.61 3.83
CA HIS A 19 9.68 -4.90 2.87
C HIS A 19 10.29 -6.25 3.19
N PRO A 20 10.20 -7.22 2.26
CA PRO A 20 10.68 -8.59 2.49
C PRO A 20 12.20 -8.67 2.73
N THR A 21 12.93 -7.69 2.23
CA THR A 21 14.37 -7.68 2.39
C THR A 21 14.78 -7.17 3.79
N LEU A 22 13.90 -6.41 4.43
CA LEU A 22 14.18 -5.87 5.77
C LEU A 22 13.42 -6.66 6.79
N ASN A 23 12.34 -7.26 6.33
CA ASN A 23 11.42 -8.03 7.17
C ASN A 23 10.87 -7.12 8.28
N VAL A 24 10.42 -5.95 7.87
CA VAL A 24 9.91 -4.96 8.81
C VAL A 24 8.59 -4.38 8.28
N THR A 25 7.68 -4.07 9.19
CA THR A 25 6.41 -3.48 8.83
C THR A 25 6.29 -2.08 9.42
N VAL A 26 6.14 -1.08 8.55
CA VAL A 26 6.01 0.32 8.98
C VAL A 26 4.86 0.97 8.21
N GLN A 27 4.06 1.77 8.89
CA GLN A 27 2.92 2.40 8.25
C GLN A 27 3.30 3.73 7.59
N LEU A 28 3.14 3.79 6.28
CA LEU A 28 3.47 5.00 5.51
C LEU A 28 2.29 5.42 4.66
N PRO A 29 2.18 6.73 4.33
CA PRO A 29 1.13 7.23 3.46
C PRO A 29 1.35 6.78 2.02
N ILE A 30 0.27 6.56 1.31
CA ILE A 30 0.33 6.14 -0.07
C ILE A 30 0.37 7.36 -1.00
N LEU A 31 1.48 7.52 -1.72
CA LEU A 31 1.64 8.65 -2.63
C LEU A 31 0.76 8.54 -3.86
N SER A 32 0.67 7.35 -4.43
CA SER A 32 -0.11 7.13 -5.64
C SER A 32 -0.84 5.80 -5.56
N VAL A 33 -2.02 5.72 -6.14
CA VAL A 33 -2.79 4.49 -6.12
C VAL A 33 -3.19 4.06 -7.53
N LYS A 34 -3.23 2.77 -7.73
CA LYS A 34 -3.63 2.17 -8.98
C LYS A 34 -4.73 1.15 -8.72
N LYS A 35 -5.96 1.50 -9.10
CA LYS A 35 -7.10 0.61 -8.93
C LYS A 35 -6.89 -0.74 -9.62
N ASN A 36 -7.61 -1.74 -9.15
CA ASN A 36 -7.55 -3.05 -9.77
C ASN A 36 -8.27 -2.96 -11.11
N PRO A 37 -7.57 -3.24 -12.22
CA PRO A 37 -8.13 -3.08 -13.57
C PRO A 37 -9.22 -4.09 -13.91
N SER A 38 -9.04 -5.34 -13.51
CA SER A 38 -10.01 -6.38 -13.82
C SER A 38 -9.95 -7.52 -12.81
N ASN A 39 -9.44 -7.21 -11.63
CA ASN A 39 -9.32 -8.22 -10.59
C ASN A 39 -10.69 -8.56 -10.05
N PRO A 40 -11.00 -9.85 -9.89
CA PRO A 40 -12.30 -10.30 -9.42
C PRO A 40 -12.58 -9.87 -7.99
N LEU A 41 -13.80 -9.48 -7.72
CA LEU A 41 -14.20 -9.02 -6.41
C LEU A 41 -15.04 -10.04 -5.72
N TYR A 42 -14.56 -10.49 -4.61
CA TYR A 42 -15.26 -11.50 -3.81
C TYR A 42 -15.74 -10.92 -2.49
N THR A 43 -15.16 -9.81 -2.10
CA THR A 43 -15.50 -9.20 -0.85
C THR A 43 -16.65 -8.22 -0.99
N GLN A 44 -17.78 -8.56 -0.40
CA GLN A 44 -18.92 -7.65 -0.39
C GLN A 44 -18.62 -6.46 0.51
N LEU A 45 -17.99 -6.74 1.64
CA LEU A 45 -17.66 -5.73 2.63
C LEU A 45 -16.71 -4.67 2.07
N GLY A 46 -15.77 -5.09 1.26
CA GLY A 46 -14.81 -4.17 0.68
C GLY A 46 -14.88 -4.15 -0.81
N VAL A 47 -15.04 -2.98 -1.38
CA VAL A 47 -15.15 -2.84 -2.82
C VAL A 47 -13.81 -3.09 -3.52
N LEU A 48 -12.73 -2.87 -2.80
CA LEU A 48 -11.41 -3.08 -3.34
C LEU A 48 -10.80 -4.37 -2.77
N THR A 49 -10.36 -5.27 -3.66
CA THR A 49 -9.71 -6.49 -3.22
C THR A 49 -8.20 -6.34 -3.24
N LYS A 50 -7.53 -7.20 -2.49
CA LYS A 50 -6.07 -7.18 -2.39
C LYS A 50 -5.40 -7.44 -3.74
N GLY A 51 -4.21 -6.90 -3.89
CA GLY A 51 -3.51 -6.98 -5.15
C GLY A 51 -3.46 -5.62 -5.81
N THR A 52 -3.85 -4.60 -5.07
CA THR A 52 -3.86 -3.23 -5.58
C THR A 52 -2.42 -2.70 -5.68
N ILE A 53 -2.11 -1.95 -6.70
CA ILE A 53 -0.74 -1.44 -6.87
C ILE A 53 -0.64 0.01 -6.40
N ILE A 54 0.32 0.28 -5.53
CA ILE A 54 0.55 1.64 -5.04
C ILE A 54 2.00 2.03 -5.23
N GLU A 55 2.27 3.32 -5.15
CA GLU A 55 3.61 3.82 -5.28
C GLU A 55 3.97 4.66 -4.07
N VAL A 56 5.08 4.31 -3.43
CA VAL A 56 5.57 5.04 -2.27
C VAL A 56 7.04 5.35 -2.44
N ASN A 57 7.44 6.53 -2.00
CA ASN A 57 8.82 6.96 -2.13
C ASN A 57 9.47 7.11 -0.78
N VAL A 58 10.35 6.19 -0.44
CA VAL A 58 11.07 6.25 0.82
C VAL A 58 12.12 5.15 0.94
N SER A 59 11.69 3.88 0.80
CA SER A 59 12.56 2.71 0.95
C SER A 59 12.94 2.47 2.43
N ASP A 60 13.53 3.48 3.08
CA ASP A 60 13.89 3.41 4.51
C ASP A 60 12.66 3.22 5.39
N LEU A 61 11.49 3.61 4.88
CA LEU A 61 10.21 3.49 5.61
C LEU A 61 10.14 4.40 6.83
N GLY A 62 11.00 5.41 6.86
CA GLY A 62 10.98 6.34 7.97
C GLY A 62 11.93 5.94 9.06
N ILE A 63 12.55 4.79 8.93
CA ILE A 63 13.53 4.35 9.91
C ILE A 63 14.90 4.46 9.30
N VAL A 64 15.92 4.28 10.10
CA VAL A 64 17.26 4.41 9.59
C VAL A 64 17.86 3.05 9.21
N THR A 65 17.66 2.67 7.97
CA THR A 65 18.29 1.47 7.47
C THR A 65 19.50 1.90 6.64
N ALA A 66 19.35 3.02 5.94
CA ALA A 66 20.43 3.64 5.19
C ALA A 66 20.41 5.14 5.39
N SER A 67 19.58 5.58 6.34
CA SER A 67 19.45 6.98 6.69
C SER A 67 18.90 7.80 5.51
N GLY A 68 18.07 7.16 4.69
CA GLY A 68 17.47 7.82 3.56
C GLY A 68 18.35 7.82 2.32
N LYS A 69 19.50 7.16 2.41
CA LYS A 69 20.40 7.10 1.28
C LYS A 69 19.80 6.34 0.13
N ILE A 70 19.11 5.28 0.46
CA ILE A 70 18.49 4.45 -0.53
C ILE A 70 17.05 4.87 -0.79
N ALA A 71 16.70 6.11 -0.40
CA ALA A 71 15.35 6.61 -0.59
C ALA A 71 14.95 6.47 -2.05
N TRP A 72 13.89 5.73 -2.29
CA TRP A 72 13.50 5.45 -3.67
C TRP A 72 12.00 5.20 -3.75
N GLY A 73 11.42 5.52 -4.89
CA GLY A 73 10.01 5.29 -5.11
C GLY A 73 9.76 3.99 -5.82
N ARG A 74 9.10 3.07 -5.15
CA ARG A 74 8.81 1.77 -5.71
C ARG A 74 7.34 1.43 -5.56
N TYR A 75 6.93 0.34 -6.18
CA TYR A 75 5.54 -0.06 -6.17
C TYR A 75 5.31 -1.18 -5.18
N ALA A 76 4.19 -1.11 -4.50
CA ALA A 76 3.83 -2.10 -3.50
C ALA A 76 2.42 -2.59 -3.74
N GLN A 77 2.15 -3.80 -3.28
CA GLN A 77 0.83 -4.39 -3.45
C GLN A 77 0.03 -4.29 -2.16
N ILE A 78 -1.21 -3.87 -2.29
CA ILE A 78 -2.11 -3.74 -1.18
C ILE A 78 -2.71 -5.08 -0.83
N THR A 79 -2.53 -5.44 0.41
CA THR A 79 -3.07 -6.62 0.98
C THR A 79 -3.99 -6.22 2.13
N ASN A 80 -5.17 -5.74 1.78
CA ASN A 80 -6.12 -5.29 2.77
C ASN A 80 -6.64 -6.45 3.59
N ASN A 81 -6.44 -6.36 4.89
CA ASN A 81 -6.90 -7.40 5.81
C ASN A 81 -7.68 -6.75 6.93
N PRO A 82 -8.89 -6.25 6.64
CA PRO A 82 -9.70 -5.59 7.65
C PRO A 82 -10.26 -6.57 8.67
N GLU A 83 -10.41 -7.82 8.25
CA GLU A 83 -10.93 -8.86 9.13
C GLU A 83 -9.87 -9.27 10.15
N ASN A 84 -8.61 -9.22 9.73
CA ASN A 84 -7.51 -9.66 10.58
C ASN A 84 -6.84 -8.50 11.31
N ASP A 85 -6.37 -7.53 10.55
CA ASP A 85 -5.67 -6.39 11.09
C ASP A 85 -6.60 -5.22 11.33
N GLY A 86 -7.63 -5.13 10.50
CA GLY A 86 -8.54 -4.01 10.60
C GLY A 86 -7.93 -2.77 9.97
N CYS A 87 -6.91 -2.98 9.15
CA CYS A 87 -6.17 -1.91 8.52
C CYS A 87 -5.65 -2.35 7.17
N VAL A 88 -5.32 -1.41 6.33
CA VAL A 88 -4.79 -1.69 5.01
C VAL A 88 -3.30 -2.03 5.10
N ASN A 89 -2.93 -3.16 4.55
CA ASN A 89 -1.55 -3.60 4.58
C ASN A 89 -0.99 -3.53 3.18
N ALA A 90 0.31 -3.38 3.07
CA ALA A 90 0.95 -3.32 1.77
C ALA A 90 2.32 -3.99 1.81
N VAL A 91 2.72 -4.57 0.71
CA VAL A 91 4.01 -5.22 0.63
C VAL A 91 4.73 -4.80 -0.65
N LEU A 92 5.98 -4.40 -0.51
CA LEU A 92 6.75 -3.95 -1.67
C LEU A 92 7.19 -5.15 -2.50
N LEU A 93 6.91 -5.09 -3.79
CA LEU A 93 7.23 -6.18 -4.68
C LEU A 93 8.67 -6.08 -5.18
N VAL A 94 9.38 -7.18 -5.11
CA VAL A 94 10.76 -7.25 -5.55
C VAL A 94 10.95 -8.35 -6.60
N TYR A 1 -10.71 13.87 -9.47
CA TYR A 1 -11.06 13.75 -8.04
C TYR A 1 -12.06 12.63 -7.82
N GLU A 2 -12.13 11.69 -8.77
CA GLU A 2 -13.06 10.59 -8.68
C GLU A 2 -12.76 9.70 -7.49
N ARG A 3 -11.47 9.40 -7.28
CA ARG A 3 -11.04 8.54 -6.18
C ARG A 3 -11.80 7.21 -6.19
N PHE A 4 -12.01 6.66 -7.37
CA PHE A 4 -12.77 5.43 -7.52
C PHE A 4 -11.89 4.20 -7.21
N ILE A 5 -11.22 4.24 -6.07
CA ILE A 5 -10.43 3.13 -5.60
C ILE A 5 -10.85 2.82 -4.17
N ARG A 6 -11.39 1.64 -3.94
CA ARG A 6 -11.86 1.28 -2.62
C ARG A 6 -11.44 -0.13 -2.21
N PRO A 7 -10.24 -0.27 -1.62
CA PRO A 7 -9.77 -1.55 -1.08
C PRO A 7 -10.71 -2.05 0.02
N MET A 8 -11.26 -1.09 0.74
CA MET A 8 -12.22 -1.34 1.79
C MET A 8 -12.96 -0.06 2.11
N GLY A 9 -12.21 1.02 2.06
CA GLY A 9 -12.74 2.33 2.34
C GLY A 9 -11.74 3.15 3.10
N LEU A 10 -10.86 3.82 2.37
CA LEU A 10 -9.81 4.57 3.01
C LEU A 10 -10.25 5.98 3.33
N ARG A 11 -10.37 6.24 4.61
CA ARG A 11 -10.71 7.57 5.12
C ARG A 11 -9.54 8.52 4.87
N TYR A 12 -8.34 7.97 4.89
CA TYR A 12 -7.12 8.71 4.61
C TYR A 12 -6.21 7.83 3.78
N LYS A 13 -5.33 8.44 3.02
CA LYS A 13 -4.39 7.69 2.21
C LYS A 13 -3.25 7.22 3.09
N LYS A 14 -3.43 6.06 3.70
CA LYS A 14 -2.44 5.52 4.62
C LYS A 14 -2.58 4.00 4.73
N ALA A 15 -1.46 3.29 4.73
CA ALA A 15 -1.47 1.83 4.83
C ALA A 15 -0.28 1.32 5.60
N ASN A 16 -0.41 0.13 6.15
CA ASN A 16 0.66 -0.51 6.89
C ASN A 16 1.58 -1.22 5.91
N VAL A 17 2.69 -0.58 5.58
CA VAL A 17 3.57 -1.08 4.54
C VAL A 17 4.66 -1.98 5.09
N THR A 18 4.66 -3.22 4.65
CA THR A 18 5.66 -4.18 5.03
C THR A 18 6.76 -4.19 3.99
N HIS A 19 7.98 -3.97 4.44
CA HIS A 19 9.12 -3.93 3.57
C HIS A 19 9.91 -5.22 3.74
N PRO A 20 9.93 -6.08 2.71
CA PRO A 20 10.62 -7.38 2.79
C PRO A 20 12.12 -7.25 2.99
N THR A 21 12.67 -6.15 2.51
CA THR A 21 14.10 -5.88 2.64
C THR A 21 14.48 -5.56 4.10
N LEU A 22 13.55 -4.94 4.82
CA LEU A 22 13.80 -4.55 6.21
C LEU A 22 13.21 -5.58 7.13
N ASN A 23 12.24 -6.29 6.59
CA ASN A 23 11.46 -7.27 7.35
C ASN A 23 10.74 -6.56 8.49
N VAL A 24 10.15 -5.41 8.16
CA VAL A 24 9.47 -4.59 9.13
C VAL A 24 8.28 -3.93 8.45
N THR A 25 7.24 -3.67 9.20
CA THR A 25 6.10 -3.02 8.65
C THR A 25 5.82 -1.71 9.38
N VAL A 26 5.67 -0.65 8.61
CA VAL A 26 5.42 0.66 9.16
C VAL A 26 4.27 1.31 8.40
N GLN A 27 3.39 1.96 9.11
CA GLN A 27 2.25 2.60 8.47
C GLN A 27 2.66 3.95 7.89
N LEU A 28 2.54 4.10 6.57
CA LEU A 28 2.89 5.34 5.89
C LEU A 28 1.74 5.82 5.01
N PRO A 29 1.64 7.15 4.80
CA PRO A 29 0.68 7.73 3.87
C PRO A 29 0.92 7.22 2.45
N ILE A 30 -0.15 7.01 1.71
CA ILE A 30 -0.03 6.53 0.33
C ILE A 30 0.21 7.71 -0.61
N LEU A 31 1.34 7.71 -1.27
CA LEU A 31 1.73 8.80 -2.16
C LEU A 31 0.87 8.85 -3.42
N SER A 32 0.59 7.70 -3.99
CA SER A 32 -0.21 7.62 -5.21
C SER A 32 -0.89 6.26 -5.32
N VAL A 33 -2.05 6.24 -5.96
CA VAL A 33 -2.81 5.00 -6.12
C VAL A 33 -3.16 4.76 -7.59
N LYS A 34 -3.19 3.51 -7.98
CA LYS A 34 -3.57 3.11 -9.31
C LYS A 34 -4.55 1.95 -9.27
N LYS A 35 -5.50 1.97 -10.19
CA LYS A 35 -6.51 0.94 -10.25
C LYS A 35 -5.98 -0.33 -10.89
N ASN A 36 -6.54 -1.44 -10.50
CA ASN A 36 -6.24 -2.72 -11.11
C ASN A 36 -7.57 -3.37 -11.46
N PRO A 37 -7.91 -3.39 -12.75
CA PRO A 37 -9.23 -3.84 -13.22
C PRO A 37 -9.51 -5.35 -13.10
N SER A 38 -8.49 -6.17 -12.96
CA SER A 38 -8.72 -7.61 -12.96
C SER A 38 -8.27 -8.34 -11.69
N ASN A 39 -7.07 -8.03 -11.22
CA ASN A 39 -6.46 -8.78 -10.10
C ASN A 39 -7.28 -8.72 -8.78
N PRO A 40 -7.66 -7.51 -8.29
CA PRO A 40 -8.37 -7.37 -7.02
C PRO A 40 -9.89 -7.57 -7.11
N LEU A 41 -10.39 -7.96 -8.27
CA LEU A 41 -11.82 -8.14 -8.42
C LEU A 41 -12.20 -9.62 -8.43
N TYR A 42 -12.83 -10.09 -7.36
CA TYR A 42 -13.28 -11.48 -7.28
C TYR A 42 -14.44 -11.71 -8.25
N THR A 43 -15.32 -10.73 -8.33
CA THR A 43 -16.51 -10.82 -9.13
C THR A 43 -16.66 -9.57 -10.01
N GLN A 44 -17.75 -9.51 -10.76
CA GLN A 44 -18.03 -8.39 -11.65
C GLN A 44 -18.21 -7.08 -10.88
N LEU A 45 -18.88 -7.16 -9.75
CA LEU A 45 -19.11 -5.99 -8.92
C LEU A 45 -18.97 -6.34 -7.44
N GLY A 46 -18.80 -5.33 -6.62
CA GLY A 46 -18.64 -5.56 -5.20
C GLY A 46 -17.65 -4.61 -4.58
N VAL A 47 -16.54 -5.13 -4.11
CA VAL A 47 -15.51 -4.33 -3.49
C VAL A 47 -14.14 -4.82 -3.94
N LEU A 48 -13.19 -3.90 -4.05
CA LEU A 48 -11.85 -4.24 -4.46
C LEU A 48 -11.13 -4.94 -3.31
N THR A 49 -10.27 -5.87 -3.64
CA THR A 49 -9.52 -6.59 -2.65
C THR A 49 -8.03 -6.33 -2.82
N LYS A 50 -7.22 -7.08 -2.09
CA LYS A 50 -5.77 -6.96 -2.15
C LYS A 50 -5.27 -7.11 -3.60
N GLY A 51 -4.18 -6.42 -3.90
CA GLY A 51 -3.64 -6.43 -5.22
C GLY A 51 -3.73 -5.06 -5.89
N THR A 52 -4.17 -4.07 -5.12
CA THR A 52 -4.26 -2.70 -5.64
C THR A 52 -2.85 -2.11 -5.77
N ILE A 53 -2.60 -1.36 -6.84
CA ILE A 53 -1.27 -0.84 -7.10
C ILE A 53 -1.11 0.56 -6.50
N ILE A 54 -0.07 0.76 -5.71
CA ILE A 54 0.23 2.05 -5.11
C ILE A 54 1.69 2.41 -5.26
N GLU A 55 2.00 3.66 -5.02
CA GLU A 55 3.36 4.12 -5.10
C GLU A 55 3.73 4.71 -3.74
N VAL A 56 4.83 4.25 -3.16
CA VAL A 56 5.24 4.70 -1.84
C VAL A 56 6.72 5.09 -1.82
N ASN A 57 7.06 5.93 -0.87
CA ASN A 57 8.43 6.39 -0.72
C ASN A 57 9.15 5.63 0.38
N VAL A 58 10.07 4.75 -0.01
CA VAL A 58 10.81 3.99 0.97
C VAL A 58 12.03 4.78 1.44
N SER A 59 11.76 5.71 2.34
CA SER A 59 12.75 6.55 2.98
C SER A 59 12.05 7.41 4.03
N ASP A 60 10.75 7.64 3.79
CA ASP A 60 9.89 8.44 4.68
C ASP A 60 9.77 7.80 6.06
N LEU A 61 10.20 6.54 6.17
CA LEU A 61 10.13 5.78 7.41
C LEU A 61 10.92 6.46 8.51
N GLY A 62 12.05 7.05 8.15
CA GLY A 62 12.87 7.72 9.14
C GLY A 62 13.90 6.80 9.75
N ILE A 63 14.02 5.60 9.20
CA ILE A 63 14.98 4.64 9.70
C ILE A 63 15.91 4.21 8.57
N VAL A 64 17.09 3.78 8.92
CA VAL A 64 18.07 3.36 7.94
C VAL A 64 18.58 1.96 8.24
N THR A 65 18.46 1.07 7.26
CA THR A 65 18.98 -0.27 7.41
C THR A 65 20.49 -0.28 7.17
N ALA A 66 20.91 0.29 6.04
CA ALA A 66 22.31 0.37 5.69
C ALA A 66 22.54 1.43 4.62
N SER A 67 22.97 2.61 5.05
CA SER A 67 23.34 3.73 4.15
C SER A 67 22.14 4.28 3.35
N GLY A 68 20.97 3.66 3.50
CA GLY A 68 19.82 4.09 2.75
C GLY A 68 19.94 3.76 1.27
N LYS A 69 20.64 2.66 0.98
CA LYS A 69 20.91 2.22 -0.39
C LYS A 69 19.65 1.85 -1.14
N ILE A 70 18.57 1.70 -0.41
CA ILE A 70 17.30 1.34 -1.00
C ILE A 70 16.32 2.51 -1.01
N ALA A 71 16.77 3.69 -0.58
CA ALA A 71 15.90 4.86 -0.47
C ALA A 71 15.53 5.40 -1.84
N TRP A 72 14.27 5.18 -2.23
CA TRP A 72 13.72 5.62 -3.52
C TRP A 72 12.20 5.58 -3.49
N GLY A 73 11.58 6.01 -4.57
CA GLY A 73 10.15 5.87 -4.70
C GLY A 73 9.84 4.57 -5.40
N ARG A 74 9.08 3.73 -4.77
CA ARG A 74 8.82 2.40 -5.30
C ARG A 74 7.33 2.11 -5.35
N TYR A 75 6.99 1.04 -6.04
CA TYR A 75 5.60 0.65 -6.17
C TYR A 75 5.30 -0.49 -5.21
N ALA A 76 4.10 -0.47 -4.67
CA ALA A 76 3.69 -1.46 -3.70
C ALA A 76 2.28 -1.91 -3.99
N GLN A 77 1.88 -3.00 -3.37
CA GLN A 77 0.55 -3.54 -3.56
C GLN A 77 -0.22 -3.49 -2.26
N ILE A 78 -1.47 -3.10 -2.32
CA ILE A 78 -2.29 -3.08 -1.14
C ILE A 78 -2.83 -4.46 -0.87
N THR A 79 -2.52 -4.98 0.29
CA THR A 79 -2.95 -6.26 0.74
C THR A 79 -3.69 -6.10 2.06
N ASN A 80 -4.98 -5.95 2.01
CA ASN A 80 -5.73 -5.71 3.22
C ASN A 80 -6.06 -7.01 3.93
N ASN A 81 -5.68 -7.08 5.19
CA ASN A 81 -6.01 -8.23 6.01
C ASN A 81 -6.58 -7.76 7.33
N PRO A 82 -7.80 -7.22 7.32
CA PRO A 82 -8.43 -6.70 8.52
C PRO A 82 -8.91 -7.82 9.44
N GLU A 83 -9.03 -9.00 8.88
CA GLU A 83 -9.49 -10.16 9.62
C GLU A 83 -8.30 -10.84 10.32
N ASN A 84 -7.09 -10.48 9.89
CA ASN A 84 -5.88 -11.07 10.45
C ASN A 84 -5.09 -10.05 11.27
N ASP A 85 -4.73 -8.97 10.62
CA ASP A 85 -3.97 -7.90 11.26
C ASP A 85 -4.89 -6.84 11.80
N GLY A 86 -6.05 -6.70 11.17
CA GLY A 86 -7.01 -5.73 11.61
C GLY A 86 -6.87 -4.39 10.91
N CYS A 87 -5.82 -4.25 10.12
CA CYS A 87 -5.56 -3.00 9.42
C CYS A 87 -5.33 -3.24 7.93
N VAL A 88 -5.39 -2.17 7.15
CA VAL A 88 -5.11 -2.25 5.73
C VAL A 88 -3.61 -2.26 5.54
N ASN A 89 -3.11 -3.33 4.98
CA ASN A 89 -1.69 -3.54 4.84
C ASN A 89 -1.28 -3.34 3.40
N ALA A 90 -0.05 -3.00 3.21
CA ALA A 90 0.53 -2.87 1.89
C ALA A 90 1.89 -3.54 1.86
N VAL A 91 2.24 -4.12 0.74
CA VAL A 91 3.51 -4.80 0.63
C VAL A 91 4.35 -4.22 -0.51
N LEU A 92 5.62 -4.01 -0.24
CA LEU A 92 6.53 -3.45 -1.23
C LEU A 92 7.06 -4.55 -2.12
N LEU A 93 7.00 -4.32 -3.41
CA LEU A 93 7.50 -5.30 -4.37
C LEU A 93 8.85 -4.89 -4.90
N VAL A 94 9.69 -5.88 -5.17
CA VAL A 94 11.01 -5.65 -5.74
C VAL A 94 11.35 -6.73 -6.75
N TYR A 1 -10.11 4.72 -16.84
CA TYR A 1 -9.35 4.01 -15.77
C TYR A 1 -8.65 5.02 -14.87
N GLU A 2 -9.09 6.26 -14.98
CA GLU A 2 -8.54 7.36 -14.21
C GLU A 2 -9.44 7.74 -13.05
N ARG A 3 -10.61 7.10 -12.98
CA ARG A 3 -11.59 7.38 -11.94
C ARG A 3 -11.02 7.14 -10.56
N PHE A 4 -11.37 8.00 -9.63
CA PHE A 4 -10.86 7.93 -8.26
C PHE A 4 -11.54 6.79 -7.52
N ILE A 5 -10.83 6.20 -6.56
CA ILE A 5 -11.36 5.09 -5.81
C ILE A 5 -11.57 5.46 -4.34
N ARG A 6 -12.82 5.50 -3.93
CA ARG A 6 -13.15 5.74 -2.52
C ARG A 6 -13.94 4.58 -1.95
N PRO A 7 -13.33 3.80 -1.05
CA PRO A 7 -13.98 2.63 -0.45
C PRO A 7 -15.24 3.00 0.32
N MET A 8 -15.07 3.81 1.34
CA MET A 8 -16.17 4.25 2.17
C MET A 8 -15.78 5.58 2.81
N GLY A 9 -14.89 6.27 2.13
CA GLY A 9 -14.37 7.49 2.65
C GLY A 9 -13.15 7.24 3.50
N LEU A 10 -12.13 8.02 3.30
CA LEU A 10 -10.91 7.85 4.05
C LEU A 10 -10.33 9.20 4.45
N ARG A 11 -9.75 9.26 5.63
CA ARG A 11 -9.18 10.50 6.13
C ARG A 11 -7.85 10.81 5.46
N TYR A 12 -7.08 9.77 5.21
CA TYR A 12 -5.75 9.93 4.65
C TYR A 12 -5.29 8.57 4.13
N LYS A 13 -4.63 8.53 3.00
CA LYS A 13 -4.21 7.26 2.41
C LYS A 13 -2.97 6.72 3.09
N LYS A 14 -3.17 5.82 4.02
CA LYS A 14 -2.10 5.15 4.69
C LYS A 14 -2.29 3.65 4.67
N ALA A 15 -1.20 2.94 4.54
CA ALA A 15 -1.22 1.50 4.56
C ALA A 15 -0.07 0.98 5.39
N ASN A 16 -0.24 -0.19 5.96
CA ASN A 16 0.80 -0.77 6.78
C ASN A 16 1.74 -1.53 5.88
N VAL A 17 2.89 -0.93 5.59
CA VAL A 17 3.81 -1.49 4.62
C VAL A 17 4.89 -2.33 5.27
N THR A 18 5.01 -3.55 4.80
CA THR A 18 6.05 -4.45 5.26
C THR A 18 7.08 -4.60 4.15
N HIS A 19 8.33 -4.39 4.51
CA HIS A 19 9.40 -4.48 3.54
C HIS A 19 10.16 -5.78 3.75
N PRO A 20 10.01 -6.74 2.84
CA PRO A 20 10.61 -8.07 2.97
C PRO A 20 12.13 -8.07 2.95
N THR A 21 12.72 -7.04 2.36
CA THR A 21 14.16 -6.95 2.27
C THR A 21 14.77 -6.40 3.58
N LEU A 22 13.96 -5.71 4.38
CA LEU A 22 14.41 -5.14 5.65
C LEU A 22 13.79 -5.91 6.78
N ASN A 23 12.71 -6.58 6.47
CA ASN A 23 11.90 -7.32 7.45
C ASN A 23 11.35 -6.36 8.50
N VAL A 24 10.78 -5.26 8.03
CA VAL A 24 10.26 -4.23 8.91
C VAL A 24 8.87 -3.81 8.44
N THR A 25 7.97 -3.62 9.40
CA THR A 25 6.63 -3.19 9.10
C THR A 25 6.37 -1.80 9.69
N VAL A 26 6.07 -0.85 8.82
CA VAL A 26 5.85 0.54 9.23
C VAL A 26 4.65 1.12 8.48
N GLN A 27 3.89 1.98 9.14
CA GLN A 27 2.77 2.64 8.50
C GLN A 27 3.30 3.76 7.59
N LEU A 28 3.01 3.67 6.31
CA LEU A 28 3.45 4.69 5.37
C LEU A 28 2.28 5.29 4.62
N PRO A 29 2.36 6.58 4.33
CA PRO A 29 1.37 7.25 3.50
C PRO A 29 1.51 6.81 2.05
N ILE A 30 0.41 6.71 1.36
CA ILE A 30 0.44 6.26 0.00
C ILE A 30 0.45 7.45 -0.94
N LEU A 31 1.46 7.49 -1.82
CA LEU A 31 1.61 8.59 -2.75
C LEU A 31 0.54 8.56 -3.83
N SER A 32 0.27 7.38 -4.34
CA SER A 32 -0.71 7.19 -5.40
C SER A 32 -1.49 5.90 -5.19
N VAL A 33 -2.78 5.93 -5.49
CA VAL A 33 -3.61 4.73 -5.34
C VAL A 33 -4.36 4.41 -6.64
N LYS A 34 -4.25 3.17 -7.09
CA LYS A 34 -4.94 2.75 -8.32
C LYS A 34 -5.48 1.33 -8.17
N LYS A 35 -6.57 1.06 -8.85
CA LYS A 35 -7.11 -0.29 -8.89
C LYS A 35 -6.68 -0.95 -10.18
N ASN A 36 -6.69 -2.27 -10.23
CA ASN A 36 -6.32 -2.95 -11.46
C ASN A 36 -7.49 -2.92 -12.42
N PRO A 37 -7.28 -2.36 -13.61
CA PRO A 37 -8.34 -2.27 -14.64
C PRO A 37 -8.71 -3.66 -15.15
N SER A 38 -7.80 -4.59 -14.99
CA SER A 38 -7.99 -5.96 -15.41
C SER A 38 -8.75 -6.77 -14.36
N ASN A 39 -9.05 -6.16 -13.22
CA ASN A 39 -9.75 -6.86 -12.15
C ASN A 39 -11.15 -6.28 -11.95
N PRO A 40 -12.16 -6.96 -12.51
CA PRO A 40 -13.54 -6.61 -12.31
C PRO A 40 -14.13 -7.45 -11.16
N LEU A 41 -14.44 -6.81 -10.06
CA LEU A 41 -15.00 -7.51 -8.91
C LEU A 41 -16.41 -7.95 -9.17
N TYR A 42 -16.78 -9.02 -8.50
CA TYR A 42 -18.06 -9.69 -8.72
C TYR A 42 -19.25 -8.79 -8.43
N THR A 43 -19.16 -7.98 -7.39
CA THR A 43 -20.29 -7.14 -7.05
C THR A 43 -19.85 -5.83 -6.37
N GLN A 44 -18.78 -5.88 -5.58
CA GLN A 44 -18.29 -4.69 -4.92
C GLN A 44 -17.23 -3.99 -5.75
N LEU A 45 -17.64 -2.99 -6.49
CA LEU A 45 -16.72 -2.26 -7.36
C LEU A 45 -16.19 -1.02 -6.67
N GLY A 46 -16.90 -0.58 -5.65
CA GLY A 46 -16.49 0.59 -4.91
C GLY A 46 -15.59 0.24 -3.74
N VAL A 47 -15.28 -1.03 -3.62
CA VAL A 47 -14.42 -1.51 -2.56
C VAL A 47 -13.16 -2.11 -3.17
N LEU A 48 -12.02 -1.67 -2.70
CA LEU A 48 -10.75 -2.16 -3.22
C LEU A 48 -10.35 -3.45 -2.53
N THR A 49 -9.87 -4.39 -3.31
CA THR A 49 -9.45 -5.66 -2.79
C THR A 49 -7.93 -5.81 -2.88
N LYS A 50 -7.43 -6.86 -2.28
CA LYS A 50 -6.01 -7.15 -2.29
C LYS A 50 -5.50 -7.38 -3.71
N GLY A 51 -4.24 -7.06 -3.93
CA GLY A 51 -3.66 -7.19 -5.24
C GLY A 51 -3.65 -5.87 -5.97
N THR A 52 -4.09 -4.81 -5.30
CA THR A 52 -4.15 -3.49 -5.88
C THR A 52 -2.76 -2.82 -5.88
N ILE A 53 -2.57 -1.86 -6.77
CA ILE A 53 -1.26 -1.23 -6.96
C ILE A 53 -1.22 0.20 -6.42
N ILE A 54 -0.24 0.45 -5.58
CA ILE A 54 -0.03 1.77 -4.99
C ILE A 54 1.40 2.20 -5.11
N GLU A 55 1.62 3.49 -4.94
CA GLU A 55 2.95 4.05 -4.96
C GLU A 55 3.30 4.51 -3.56
N VAL A 56 4.46 4.10 -3.06
CA VAL A 56 4.87 4.44 -1.72
C VAL A 56 6.22 5.11 -1.68
N ASN A 57 6.43 5.92 -0.66
CA ASN A 57 7.68 6.61 -0.49
C ASN A 57 8.49 5.91 0.60
N VAL A 58 9.51 5.18 0.20
CA VAL A 58 10.33 4.49 1.16
C VAL A 58 11.62 5.26 1.37
N SER A 59 11.51 6.29 2.19
CA SER A 59 12.64 7.14 2.52
C SER A 59 12.35 7.89 3.81
N ASP A 60 11.08 8.20 4.02
CA ASP A 60 10.63 8.95 5.20
C ASP A 60 10.36 7.99 6.37
N LEU A 61 10.97 6.80 6.30
CA LEU A 61 10.80 5.78 7.33
C LEU A 61 11.26 6.28 8.69
N GLY A 62 12.34 7.06 8.69
CA GLY A 62 12.84 7.61 9.92
C GLY A 62 14.33 7.81 9.90
N ILE A 63 15.05 6.96 9.19
CA ILE A 63 16.50 7.08 9.14
C ILE A 63 17.01 7.17 7.72
N VAL A 64 18.18 7.73 7.59
CA VAL A 64 18.87 7.89 6.31
C VAL A 64 20.34 7.59 6.49
N THR A 65 20.98 7.13 5.44
CA THR A 65 22.38 6.85 5.50
C THR A 65 23.17 8.12 5.23
N ALA A 66 23.36 8.42 3.95
CA ALA A 66 24.07 9.62 3.52
C ALA A 66 24.09 9.70 2.01
N SER A 67 23.34 8.83 1.34
CA SER A 67 23.38 8.79 -0.12
C SER A 67 22.05 8.31 -0.71
N GLY A 68 21.01 8.28 0.10
CA GLY A 68 19.72 7.80 -0.39
C GLY A 68 19.76 6.30 -0.67
N LYS A 69 20.59 5.60 0.10
CA LYS A 69 20.80 4.17 -0.09
C LYS A 69 19.52 3.41 0.12
N ILE A 70 18.79 3.80 1.13
CA ILE A 70 17.53 3.18 1.45
C ILE A 70 16.35 4.10 1.13
N ALA A 71 16.63 5.18 0.41
CA ALA A 71 15.61 6.13 0.03
C ALA A 71 15.22 5.92 -1.42
N TRP A 72 14.02 5.39 -1.64
CA TRP A 72 13.55 5.10 -2.99
C TRP A 72 12.06 5.39 -3.14
N GLY A 73 11.63 5.65 -4.35
CA GLY A 73 10.22 5.75 -4.60
C GLY A 73 9.79 4.53 -5.38
N ARG A 74 9.02 3.66 -4.75
CA ARG A 74 8.65 2.40 -5.37
C ARG A 74 7.16 2.13 -5.28
N TYR A 75 6.73 1.12 -5.99
CA TYR A 75 5.34 0.73 -6.01
C TYR A 75 5.14 -0.50 -5.15
N ALA A 76 3.99 -0.58 -4.50
CA ALA A 76 3.68 -1.66 -3.61
C ALA A 76 2.31 -2.22 -3.92
N GLN A 77 2.01 -3.37 -3.34
CA GLN A 77 0.73 -4.02 -3.57
C GLN A 77 -0.09 -4.04 -2.29
N ILE A 78 -1.35 -3.62 -2.38
CA ILE A 78 -2.24 -3.63 -1.23
C ILE A 78 -2.80 -5.01 -1.00
N THR A 79 -2.71 -5.46 0.23
CA THR A 79 -3.30 -6.69 0.64
C THR A 79 -4.09 -6.44 1.93
N ASN A 80 -5.34 -6.03 1.78
CA ASN A 80 -6.16 -5.72 2.93
C ASN A 80 -6.81 -6.96 3.50
N ASN A 81 -6.44 -7.27 4.73
CA ASN A 81 -7.01 -8.40 5.44
C ASN A 81 -7.51 -7.95 6.81
N PRO A 82 -8.62 -7.20 6.85
CA PRO A 82 -9.19 -6.70 8.10
C PRO A 82 -9.62 -7.85 9.00
N GLU A 83 -9.89 -8.97 8.37
CA GLU A 83 -10.29 -10.18 9.04
C GLU A 83 -9.15 -10.73 9.89
N ASN A 84 -7.93 -10.56 9.41
CA ASN A 84 -6.77 -11.09 10.10
C ASN A 84 -6.10 -10.02 10.96
N ASP A 85 -5.71 -8.92 10.34
CA ASP A 85 -5.01 -7.85 11.03
C ASP A 85 -5.95 -6.73 11.43
N GLY A 86 -7.00 -6.55 10.67
CA GLY A 86 -7.94 -5.48 10.94
C GLY A 86 -7.49 -4.16 10.35
N CYS A 87 -6.40 -4.21 9.60
CA CYS A 87 -5.83 -3.02 9.01
C CYS A 87 -5.56 -3.26 7.53
N VAL A 88 -5.40 -2.18 6.78
CA VAL A 88 -5.04 -2.28 5.38
C VAL A 88 -3.54 -2.50 5.30
N ASN A 89 -3.16 -3.63 4.76
CA ASN A 89 -1.76 -4.00 4.73
C ASN A 89 -1.21 -3.79 3.34
N ALA A 90 0.04 -3.44 3.25
CA ALA A 90 0.69 -3.26 1.98
C ALA A 90 2.06 -3.90 2.00
N VAL A 91 2.47 -4.45 0.88
CA VAL A 91 3.75 -5.09 0.80
C VAL A 91 4.50 -4.63 -0.44
N LEU A 92 5.77 -4.35 -0.26
CA LEU A 92 6.62 -3.92 -1.36
C LEU A 92 7.34 -5.14 -1.90
N LEU A 93 7.11 -5.43 -3.16
CA LEU A 93 7.69 -6.61 -3.77
C LEU A 93 9.05 -6.32 -4.40
N VAL A 94 9.97 -7.24 -4.20
CA VAL A 94 11.32 -7.13 -4.74
C VAL A 94 11.61 -8.32 -5.64
N TYR A 1 -9.19 15.67 -4.30
CA TYR A 1 -9.16 14.42 -5.08
C TYR A 1 -9.48 13.21 -4.21
N GLU A 2 -10.76 12.98 -3.99
CA GLU A 2 -11.24 11.83 -3.24
C GLU A 2 -10.98 10.54 -4.02
N ARG A 3 -11.14 10.63 -5.35
CA ARG A 3 -10.95 9.51 -6.26
C ARG A 3 -12.04 8.46 -6.12
N PHE A 4 -12.10 7.55 -7.07
CA PHE A 4 -13.09 6.49 -7.06
C PHE A 4 -12.48 5.20 -6.53
N ILE A 5 -11.23 5.27 -6.12
CA ILE A 5 -10.53 4.12 -5.60
C ILE A 5 -10.37 4.25 -4.09
N ARG A 6 -11.07 3.41 -3.35
CA ARG A 6 -10.98 3.38 -1.91
C ARG A 6 -11.48 2.04 -1.40
N PRO A 7 -10.97 1.57 -0.25
CA PRO A 7 -11.42 0.30 0.34
C PRO A 7 -12.87 0.38 0.80
N MET A 8 -13.20 1.50 1.43
CA MET A 8 -14.53 1.79 1.94
C MET A 8 -14.53 3.21 2.48
N GLY A 9 -13.52 3.96 2.07
CA GLY A 9 -13.29 5.27 2.62
C GLY A 9 -12.16 5.20 3.60
N LEU A 10 -11.35 6.23 3.66
CA LEU A 10 -10.21 6.23 4.55
C LEU A 10 -9.91 7.64 5.05
N ARG A 11 -9.63 7.75 6.34
CA ARG A 11 -9.35 9.04 6.97
C ARG A 11 -8.10 9.70 6.38
N TYR A 12 -7.07 8.92 6.20
CA TYR A 12 -5.83 9.40 5.62
C TYR A 12 -5.30 8.39 4.65
N LYS A 13 -4.62 8.86 3.63
CA LYS A 13 -4.06 7.98 2.64
C LYS A 13 -2.75 7.40 3.14
N LYS A 14 -2.86 6.40 3.99
CA LYS A 14 -1.71 5.74 4.54
C LYS A 14 -1.91 4.23 4.46
N ALA A 15 -0.81 3.51 4.32
CA ALA A 15 -0.87 2.07 4.25
C ALA A 15 0.21 1.45 5.13
N ASN A 16 -0.06 0.26 5.62
CA ASN A 16 0.91 -0.45 6.46
C ASN A 16 1.87 -1.20 5.57
N VAL A 17 3.04 -0.62 5.37
CA VAL A 17 4.02 -1.15 4.45
C VAL A 17 4.99 -2.10 5.12
N THR A 18 5.02 -3.32 4.64
CA THR A 18 5.91 -4.32 5.14
C THR A 18 7.02 -4.59 4.14
N HIS A 19 8.25 -4.50 4.60
CA HIS A 19 9.41 -4.77 3.76
C HIS A 19 9.92 -6.16 4.06
N PRO A 20 9.80 -7.08 3.09
CA PRO A 20 10.18 -8.50 3.28
C PRO A 20 11.68 -8.68 3.53
N THR A 21 12.46 -7.72 3.09
CA THR A 21 13.91 -7.77 3.26
C THR A 21 14.29 -7.73 4.74
N LEU A 22 13.61 -6.87 5.49
CA LEU A 22 13.91 -6.68 6.91
C LEU A 22 12.84 -7.33 7.74
N ASN A 23 11.73 -7.66 7.10
CA ASN A 23 10.56 -8.23 7.77
C ASN A 23 10.04 -7.27 8.82
N VAL A 24 9.94 -6.01 8.43
CA VAL A 24 9.49 -4.97 9.32
C VAL A 24 8.37 -4.19 8.64
N THR A 25 7.43 -3.68 9.40
CA THR A 25 6.34 -2.97 8.81
C THR A 25 6.15 -1.59 9.46
N VAL A 26 5.96 -0.61 8.62
CA VAL A 26 5.76 0.78 9.02
C VAL A 26 4.68 1.41 8.17
N GLN A 27 3.98 2.39 8.70
CA GLN A 27 2.92 3.03 7.94
C GLN A 27 3.43 4.25 7.20
N LEU A 28 3.26 4.25 5.88
CA LEU A 28 3.69 5.36 5.05
C LEU A 28 2.51 5.94 4.28
N PRO A 29 2.52 7.26 4.02
CA PRO A 29 1.50 7.92 3.20
C PRO A 29 1.49 7.38 1.78
N ILE A 30 0.31 7.25 1.21
CA ILE A 30 0.16 6.81 -0.15
C ILE A 30 0.18 8.01 -1.07
N LEU A 31 1.17 8.05 -1.96
CA LEU A 31 1.31 9.17 -2.88
C LEU A 31 0.20 9.14 -3.93
N SER A 32 -0.12 7.97 -4.42
CA SER A 32 -1.16 7.81 -5.42
C SER A 32 -1.69 6.39 -5.40
N VAL A 33 -2.97 6.23 -5.72
CA VAL A 33 -3.60 4.92 -5.75
C VAL A 33 -3.97 4.56 -7.17
N LYS A 34 -3.77 3.32 -7.53
CA LYS A 34 -4.07 2.84 -8.86
C LYS A 34 -4.84 1.54 -8.81
N LYS A 35 -5.86 1.43 -9.62
CA LYS A 35 -6.61 0.20 -9.70
C LYS A 35 -5.99 -0.70 -10.75
N ASN A 36 -6.27 -1.98 -10.67
CA ASN A 36 -5.75 -2.91 -11.66
C ASN A 36 -6.40 -2.66 -13.01
N PRO A 37 -5.66 -2.92 -14.11
CA PRO A 37 -6.15 -2.70 -15.48
C PRO A 37 -7.35 -3.59 -15.79
N SER A 38 -7.33 -4.79 -15.25
CA SER A 38 -8.39 -5.73 -15.44
C SER A 38 -8.41 -6.72 -14.29
N ASN A 39 -9.12 -6.36 -13.25
CA ASN A 39 -9.28 -7.22 -12.09
C ASN A 39 -10.75 -7.40 -11.75
N PRO A 40 -11.43 -8.28 -12.48
CA PRO A 40 -12.83 -8.59 -12.22
C PRO A 40 -12.98 -9.39 -10.94
N LEU A 41 -13.99 -9.07 -10.16
CA LEU A 41 -14.27 -9.83 -8.96
C LEU A 41 -15.11 -11.03 -9.32
N TYR A 42 -14.89 -12.15 -8.65
CA TYR A 42 -15.65 -13.35 -8.93
C TYR A 42 -17.14 -13.09 -8.67
N THR A 43 -17.41 -12.44 -7.55
CA THR A 43 -18.75 -12.05 -7.21
C THR A 43 -19.16 -10.82 -8.02
N GLN A 44 -20.46 -10.56 -8.10
CA GLN A 44 -20.98 -9.43 -8.87
C GLN A 44 -20.48 -8.10 -8.33
N LEU A 45 -20.50 -7.94 -7.03
CA LEU A 45 -20.09 -6.69 -6.42
C LEU A 45 -19.44 -6.94 -5.06
N GLY A 46 -18.89 -5.88 -4.49
CA GLY A 46 -18.26 -5.99 -3.20
C GLY A 46 -17.35 -4.82 -2.91
N VAL A 47 -16.57 -4.93 -1.86
CA VAL A 47 -15.63 -3.88 -1.48
C VAL A 47 -14.35 -4.00 -2.29
N LEU A 48 -13.38 -3.14 -2.01
CA LEU A 48 -12.12 -3.18 -2.72
C LEU A 48 -11.38 -4.47 -2.39
N THR A 49 -10.96 -5.17 -3.41
CA THR A 49 -10.28 -6.42 -3.24
C THR A 49 -8.76 -6.20 -3.17
N LYS A 50 -8.06 -7.16 -2.59
CA LYS A 50 -6.63 -7.11 -2.46
C LYS A 50 -5.95 -7.24 -3.81
N GLY A 51 -4.76 -6.68 -3.93
CA GLY A 51 -4.05 -6.70 -5.19
C GLY A 51 -4.01 -5.33 -5.84
N THR A 52 -4.44 -4.33 -5.09
CA THR A 52 -4.45 -2.94 -5.58
C THR A 52 -3.02 -2.37 -5.55
N ILE A 53 -2.64 -1.62 -6.56
CA ILE A 53 -1.28 -1.10 -6.63
C ILE A 53 -1.21 0.39 -6.30
N ILE A 54 -0.35 0.76 -5.37
CA ILE A 54 -0.19 2.16 -4.98
C ILE A 54 1.25 2.60 -5.17
N GLU A 55 1.44 3.91 -5.29
CA GLU A 55 2.77 4.45 -5.43
C GLU A 55 3.22 5.08 -4.11
N VAL A 56 4.34 4.61 -3.60
CA VAL A 56 4.87 5.12 -2.35
C VAL A 56 6.35 5.46 -2.51
N ASN A 57 6.87 6.29 -1.64
CA ASN A 57 8.25 6.66 -1.72
C ASN A 57 8.99 6.12 -0.53
N VAL A 58 10.04 5.34 -0.79
CA VAL A 58 10.81 4.75 0.28
C VAL A 58 11.72 5.81 0.89
N SER A 59 11.12 6.65 1.71
CA SER A 59 11.81 7.68 2.49
C SER A 59 10.93 8.09 3.68
N ASP A 60 9.67 7.69 3.64
CA ASP A 60 8.70 8.04 4.68
C ASP A 60 8.67 7.01 5.79
N LEU A 61 9.72 6.20 5.87
CA LEU A 61 9.82 5.17 6.90
C LEU A 61 9.79 5.79 8.29
N GLY A 62 10.43 6.95 8.42
CA GLY A 62 10.48 7.65 9.69
C GLY A 62 11.74 7.31 10.45
N ILE A 63 12.42 6.28 9.99
CA ILE A 63 13.68 5.85 10.56
C ILE A 63 14.66 5.54 9.44
N VAL A 64 15.91 5.43 9.78
CA VAL A 64 16.91 5.10 8.79
C VAL A 64 17.52 3.74 9.08
N THR A 65 17.52 2.90 8.07
CA THR A 65 18.07 1.56 8.18
C THR A 65 19.22 1.37 7.18
N ALA A 66 19.31 2.30 6.22
CA ALA A 66 20.33 2.24 5.19
C ALA A 66 20.80 3.64 4.84
N SER A 67 20.68 4.55 5.80
CA SER A 67 21.10 5.96 5.65
C SER A 67 20.45 6.64 4.43
N GLY A 68 19.31 6.13 3.99
CA GLY A 68 18.61 6.73 2.87
C GLY A 68 19.17 6.34 1.52
N LYS A 69 20.11 5.39 1.51
CA LYS A 69 20.74 4.94 0.28
C LYS A 69 19.70 4.27 -0.61
N ILE A 70 18.82 3.53 0.02
CA ILE A 70 17.78 2.80 -0.68
C ILE A 70 16.55 3.65 -0.96
N ALA A 71 16.64 4.95 -0.72
CA ALA A 71 15.51 5.84 -0.95
C ALA A 71 15.15 5.88 -2.43
N TRP A 72 13.89 5.56 -2.73
CA TRP A 72 13.43 5.53 -4.11
C TRP A 72 11.91 5.31 -4.13
N GLY A 73 11.26 5.69 -5.22
CA GLY A 73 9.82 5.52 -5.34
C GLY A 73 9.46 4.16 -5.88
N ARG A 74 8.69 3.40 -5.10
CA ARG A 74 8.33 2.03 -5.48
C ARG A 74 6.83 1.83 -5.36
N TYR A 75 6.34 0.76 -5.97
CA TYR A 75 4.93 0.45 -5.93
C TYR A 75 4.67 -0.70 -4.97
N ALA A 76 3.65 -0.54 -4.15
CA ALA A 76 3.31 -1.53 -3.16
C ALA A 76 1.96 -2.15 -3.46
N GLN A 77 1.83 -3.42 -3.13
CA GLN A 77 0.60 -4.14 -3.37
C GLN A 77 -0.27 -4.13 -2.12
N ILE A 78 -1.50 -3.67 -2.28
CA ILE A 78 -2.44 -3.59 -1.19
C ILE A 78 -3.07 -4.93 -0.93
N THR A 79 -2.85 -5.42 0.26
CA THR A 79 -3.42 -6.64 0.72
C THR A 79 -4.18 -6.36 2.03
N ASN A 80 -5.45 -6.07 1.90
CA ASN A 80 -6.26 -5.73 3.05
C ASN A 80 -6.89 -6.97 3.64
N ASN A 81 -6.51 -7.26 4.87
CA ASN A 81 -7.07 -8.39 5.59
C ASN A 81 -7.22 -8.01 7.06
N PRO A 82 -8.29 -7.27 7.39
CA PRO A 82 -8.56 -6.83 8.76
C PRO A 82 -8.76 -8.02 9.71
N GLU A 83 -9.21 -9.11 9.16
CA GLU A 83 -9.42 -10.32 9.94
C GLU A 83 -8.10 -10.88 10.45
N ASN A 84 -7.08 -10.77 9.63
CA ASN A 84 -5.78 -11.36 9.94
C ASN A 84 -4.88 -10.36 10.65
N ASP A 85 -4.66 -9.21 10.04
CA ASP A 85 -3.75 -8.22 10.61
C ASP A 85 -4.51 -7.14 11.36
N GLY A 86 -5.73 -6.88 10.92
CA GLY A 86 -6.56 -5.88 11.56
C GLY A 86 -6.47 -4.52 10.90
N CYS A 87 -5.77 -4.43 9.78
CA CYS A 87 -5.62 -3.15 9.09
C CYS A 87 -5.33 -3.35 7.60
N VAL A 88 -5.33 -2.24 6.85
CA VAL A 88 -5.03 -2.27 5.43
C VAL A 88 -3.52 -2.31 5.26
N ASN A 89 -3.05 -3.35 4.64
CA ASN A 89 -1.63 -3.56 4.52
C ASN A 89 -1.15 -3.42 3.10
N ALA A 90 0.09 -3.04 2.95
CA ALA A 90 0.70 -2.92 1.67
C ALA A 90 2.05 -3.62 1.70
N VAL A 91 2.31 -4.45 0.72
CA VAL A 91 3.56 -5.16 0.68
C VAL A 91 4.41 -4.63 -0.46
N LEU A 92 5.64 -4.30 -0.15
CA LEU A 92 6.55 -3.79 -1.13
C LEU A 92 7.39 -4.91 -1.68
N LEU A 93 7.31 -5.11 -2.98
CA LEU A 93 8.03 -6.19 -3.62
C LEU A 93 9.44 -5.75 -4.03
N VAL A 94 10.37 -6.67 -3.91
CA VAL A 94 11.76 -6.42 -4.25
C VAL A 94 12.24 -7.39 -5.31
N TYR A 1 -8.44 12.78 -10.61
CA TYR A 1 -8.34 13.46 -9.30
C TYR A 1 -9.36 12.90 -8.34
N GLU A 2 -10.17 12.01 -8.85
CA GLU A 2 -11.22 11.37 -8.08
C GLU A 2 -10.63 10.53 -6.96
N ARG A 3 -9.54 9.84 -7.25
CA ARG A 3 -8.87 8.96 -6.28
C ARG A 3 -9.83 7.87 -5.81
N PHE A 4 -10.15 6.95 -6.72
CA PHE A 4 -11.09 5.87 -6.44
C PHE A 4 -10.56 4.91 -5.39
N ILE A 5 -9.26 4.79 -5.31
CA ILE A 5 -8.65 3.85 -4.39
C ILE A 5 -8.65 4.36 -2.96
N ARG A 6 -9.28 3.61 -2.08
CA ARG A 6 -9.28 3.93 -0.66
C ARG A 6 -9.04 2.65 0.12
N PRO A 7 -8.38 2.73 1.28
CA PRO A 7 -8.07 1.56 2.11
C PRO A 7 -9.32 0.76 2.49
N MET A 8 -10.22 1.40 3.21
CA MET A 8 -11.46 0.76 3.65
C MET A 8 -12.40 1.83 4.22
N GLY A 9 -12.48 2.95 3.51
CA GLY A 9 -13.33 4.05 3.97
C GLY A 9 -12.75 4.77 5.17
N LEU A 10 -11.43 4.77 5.29
CA LEU A 10 -10.76 5.45 6.40
C LEU A 10 -10.63 6.94 6.13
N ARG A 11 -10.28 7.67 7.16
CA ARG A 11 -10.11 9.12 7.10
C ARG A 11 -9.03 9.53 6.08
N TYR A 12 -7.96 8.75 5.99
CA TYR A 12 -6.90 9.04 5.04
C TYR A 12 -6.47 7.80 4.28
N LYS A 13 -5.88 8.01 3.11
CA LYS A 13 -5.36 6.92 2.31
C LYS A 13 -4.02 6.51 2.87
N LYS A 14 -4.04 5.64 3.85
CA LYS A 14 -2.85 5.21 4.53
C LYS A 14 -2.88 3.71 4.73
N ALA A 15 -1.75 3.05 4.50
CA ALA A 15 -1.68 1.60 4.61
C ALA A 15 -0.53 1.18 5.50
N ASN A 16 -0.63 -0.03 6.04
CA ASN A 16 0.40 -0.61 6.88
C ASN A 16 1.42 -1.30 5.99
N VAL A 17 2.55 -0.65 5.77
CA VAL A 17 3.54 -1.11 4.80
C VAL A 17 4.63 -1.97 5.46
N THR A 18 4.73 -3.21 5.02
CA THR A 18 5.76 -4.12 5.47
C THR A 18 6.78 -4.35 4.35
N HIS A 19 8.05 -4.15 4.67
CA HIS A 19 9.11 -4.35 3.69
C HIS A 19 9.84 -5.63 4.01
N PRO A 20 9.62 -6.69 3.21
CA PRO A 20 10.25 -8.01 3.43
C PRO A 20 11.77 -7.96 3.47
N THR A 21 12.35 -7.15 2.61
CA THR A 21 13.79 -7.02 2.48
C THR A 21 14.44 -6.50 3.76
N LEU A 22 13.81 -5.52 4.36
CA LEU A 22 14.37 -4.87 5.54
C LEU A 22 13.72 -5.41 6.78
N ASN A 23 12.60 -6.06 6.58
CA ASN A 23 11.78 -6.58 7.68
C ASN A 23 11.35 -5.43 8.58
N VAL A 24 10.76 -4.42 7.97
CA VAL A 24 10.33 -3.25 8.71
C VAL A 24 8.91 -2.88 8.29
N THR A 25 8.07 -2.62 9.25
CA THR A 25 6.69 -2.27 9.00
C THR A 25 6.40 -0.85 9.50
N VAL A 26 5.83 -0.04 8.63
CA VAL A 26 5.50 1.32 8.94
C VAL A 26 4.18 1.70 8.29
N GLN A 27 3.35 2.43 9.00
CA GLN A 27 2.11 2.87 8.42
C GLN A 27 2.35 4.20 7.74
N LEU A 28 2.16 4.25 6.45
CA LEU A 28 2.51 5.43 5.68
C LEU A 28 1.38 5.78 4.72
N PRO A 29 1.08 7.09 4.52
CA PRO A 29 0.08 7.53 3.56
C PRO A 29 0.51 7.18 2.14
N ILE A 30 -0.44 6.86 1.31
CA ILE A 30 -0.14 6.43 -0.04
C ILE A 30 0.14 7.61 -0.97
N LEU A 31 1.35 7.63 -1.53
CA LEU A 31 1.77 8.69 -2.44
C LEU A 31 1.03 8.63 -3.77
N SER A 32 0.81 7.42 -4.27
CA SER A 32 0.12 7.24 -5.54
C SER A 32 -0.63 5.92 -5.53
N VAL A 33 -1.81 5.89 -6.14
CA VAL A 33 -2.64 4.69 -6.19
C VAL A 33 -3.01 4.33 -7.62
N LYS A 34 -3.03 3.03 -7.92
CA LYS A 34 -3.43 2.55 -9.23
C LYS A 34 -4.45 1.44 -9.11
N LYS A 35 -5.60 1.66 -9.75
CA LYS A 35 -6.70 0.71 -9.75
C LYS A 35 -6.85 0.09 -11.13
N ASN A 36 -7.34 -1.14 -11.18
CA ASN A 36 -7.52 -1.88 -12.44
C ASN A 36 -8.47 -1.11 -13.37
N PRO A 37 -8.32 -1.29 -14.71
CA PRO A 37 -9.12 -0.53 -15.69
C PRO A 37 -10.62 -0.73 -15.49
N SER A 38 -11.02 -1.89 -15.00
CA SER A 38 -12.41 -2.14 -14.73
C SER A 38 -12.65 -2.19 -13.21
N ASN A 39 -12.57 -3.38 -12.64
CA ASN A 39 -12.75 -3.57 -11.23
C ASN A 39 -11.67 -4.51 -10.73
N PRO A 40 -11.22 -4.32 -9.49
CA PRO A 40 -10.26 -5.24 -8.85
C PRO A 40 -10.82 -6.66 -8.84
N LEU A 41 -12.11 -6.75 -8.55
CA LEU A 41 -12.82 -8.02 -8.63
C LEU A 41 -13.93 -7.91 -9.62
N TYR A 42 -13.66 -8.42 -10.78
CA TYR A 42 -14.61 -8.39 -11.89
C TYR A 42 -15.80 -9.27 -11.57
N THR A 43 -15.54 -10.43 -10.98
CA THR A 43 -16.59 -11.38 -10.66
C THR A 43 -17.58 -10.81 -9.61
N GLN A 44 -17.05 -10.32 -8.48
CA GLN A 44 -17.90 -9.76 -7.44
C GLN A 44 -18.50 -8.42 -7.88
N LEU A 45 -17.71 -7.63 -8.65
CA LEU A 45 -18.12 -6.34 -9.23
C LEU A 45 -18.00 -5.16 -8.26
N GLY A 46 -17.28 -4.12 -8.70
CA GLY A 46 -17.18 -2.88 -7.95
C GLY A 46 -16.18 -2.91 -6.80
N VAL A 47 -16.33 -3.89 -5.93
CA VAL A 47 -15.53 -3.98 -4.71
C VAL A 47 -14.02 -4.04 -4.96
N LEU A 48 -13.27 -3.62 -3.95
CA LEU A 48 -11.82 -3.63 -4.00
C LEU A 48 -11.29 -4.91 -3.41
N THR A 49 -10.04 -5.19 -3.70
CA THR A 49 -9.41 -6.38 -3.21
C THR A 49 -7.89 -6.20 -3.18
N LYS A 50 -7.20 -7.18 -2.62
CA LYS A 50 -5.75 -7.16 -2.56
C LYS A 50 -5.16 -7.28 -3.96
N GLY A 51 -3.97 -6.74 -4.12
CA GLY A 51 -3.33 -6.73 -5.41
C GLY A 51 -3.32 -5.34 -6.01
N THR A 52 -3.74 -4.37 -5.23
CA THR A 52 -3.78 -2.98 -5.70
C THR A 52 -2.37 -2.38 -5.70
N ILE A 53 -2.02 -1.65 -6.75
CA ILE A 53 -0.67 -1.11 -6.88
C ILE A 53 -0.59 0.30 -6.30
N ILE A 54 0.35 0.51 -5.40
CA ILE A 54 0.53 1.82 -4.77
C ILE A 54 1.98 2.24 -4.83
N GLU A 55 2.21 3.53 -4.64
CA GLU A 55 3.55 4.07 -4.59
C GLU A 55 3.83 4.54 -3.18
N VAL A 56 4.94 4.09 -2.63
CA VAL A 56 5.36 4.47 -1.29
C VAL A 56 6.78 5.01 -1.34
N ASN A 57 7.13 5.81 -0.35
CA ASN A 57 8.45 6.40 -0.32
C ASN A 57 9.38 5.62 0.57
N VAL A 58 10.35 4.97 -0.05
CA VAL A 58 11.37 4.24 0.69
C VAL A 58 12.55 5.20 0.92
N SER A 59 12.26 6.48 0.80
CA SER A 59 13.23 7.53 1.03
C SER A 59 12.77 8.45 2.16
N ASP A 60 11.45 8.67 2.23
CA ASP A 60 10.86 9.54 3.25
C ASP A 60 11.07 8.95 4.64
N LEU A 61 10.94 7.64 4.72
CA LEU A 61 11.10 6.90 5.97
C LEU A 61 12.51 7.07 6.50
N GLY A 62 13.46 7.11 5.59
CA GLY A 62 14.84 7.23 5.96
C GLY A 62 15.52 5.89 5.87
N ILE A 63 15.47 5.13 6.96
CA ILE A 63 16.08 3.80 7.08
C ILE A 63 17.59 3.86 6.91
N VAL A 64 18.02 4.06 5.67
CA VAL A 64 19.42 4.15 5.30
C VAL A 64 20.18 2.90 5.72
N THR A 65 20.02 1.83 4.94
CA THR A 65 20.73 0.60 5.20
C THR A 65 22.21 0.78 4.89
N ALA A 66 22.47 1.48 3.79
CA ALA A 66 23.82 1.78 3.36
C ALA A 66 23.81 2.95 2.38
N SER A 67 24.33 4.10 2.81
CA SER A 67 24.43 5.31 1.99
C SER A 67 23.06 5.78 1.46
N GLY A 68 21.98 5.24 2.01
CA GLY A 68 20.65 5.62 1.56
C GLY A 68 20.38 5.17 0.13
N LYS A 69 21.02 4.08 -0.27
CA LYS A 69 20.92 3.57 -1.64
C LYS A 69 19.50 3.17 -1.97
N ILE A 70 18.86 2.50 -1.04
CA ILE A 70 17.51 2.03 -1.25
C ILE A 70 16.47 3.14 -1.09
N ALA A 71 16.93 4.33 -0.75
CA ALA A 71 16.03 5.44 -0.53
C ALA A 71 15.51 6.00 -1.84
N TRP A 72 14.23 5.74 -2.11
CA TRP A 72 13.56 6.24 -3.32
C TRP A 72 12.08 5.80 -3.33
N GLY A 73 11.27 6.44 -4.15
CA GLY A 73 9.88 6.05 -4.24
C GLY A 73 9.72 4.75 -5.01
N ARG A 74 9.10 3.78 -4.40
CA ARG A 74 8.94 2.46 -5.01
C ARG A 74 7.48 2.02 -4.91
N TYR A 75 7.11 1.01 -5.68
CA TYR A 75 5.74 0.56 -5.70
C TYR A 75 5.53 -0.69 -4.86
N ALA A 76 4.40 -0.72 -4.18
CA ALA A 76 4.05 -1.82 -3.30
C ALA A 76 2.66 -2.32 -3.64
N GLN A 77 2.28 -3.44 -3.06
CA GLN A 77 1.00 -4.04 -3.34
C GLN A 77 0.12 -4.05 -2.10
N ILE A 78 -1.13 -3.60 -2.26
CA ILE A 78 -2.10 -3.60 -1.17
C ILE A 78 -2.65 -5.00 -0.96
N THR A 79 -2.59 -5.44 0.28
CA THR A 79 -3.15 -6.69 0.69
C THR A 79 -3.98 -6.49 1.96
N ASN A 80 -5.27 -6.44 1.80
CA ASN A 80 -6.19 -6.25 2.90
C ASN A 80 -6.29 -7.50 3.75
N ASN A 81 -5.90 -7.39 5.00
CA ASN A 81 -6.03 -8.48 5.95
C ASN A 81 -6.67 -7.98 7.23
N PRO A 82 -7.98 -7.67 7.17
CA PRO A 82 -8.70 -7.15 8.34
C PRO A 82 -8.97 -8.25 9.36
N GLU A 83 -8.96 -9.48 8.91
CA GLU A 83 -9.19 -10.60 9.79
C GLU A 83 -7.95 -10.89 10.61
N ASN A 84 -6.78 -10.56 10.06
CA ASN A 84 -5.52 -10.82 10.74
C ASN A 84 -5.05 -9.61 11.52
N ASP A 85 -4.88 -8.48 10.84
CA ASP A 85 -4.41 -7.27 11.47
C ASP A 85 -5.54 -6.32 11.80
N GLY A 86 -6.58 -6.37 11.00
CA GLY A 86 -7.69 -5.45 11.17
C GLY A 86 -7.41 -4.14 10.46
N CYS A 87 -6.33 -4.13 9.70
CA CYS A 87 -5.90 -2.95 8.97
C CYS A 87 -5.66 -3.30 7.52
N VAL A 88 -5.64 -2.29 6.67
CA VAL A 88 -5.30 -2.48 5.27
C VAL A 88 -3.79 -2.50 5.17
N ASN A 89 -3.25 -3.60 4.72
CA ASN A 89 -1.82 -3.80 4.72
C ASN A 89 -1.25 -3.61 3.33
N ALA A 90 -0.02 -3.21 3.27
CA ALA A 90 0.68 -3.06 2.02
C ALA A 90 2.02 -3.75 2.11
N VAL A 91 2.39 -4.46 1.09
CA VAL A 91 3.64 -5.17 1.08
C VAL A 91 4.44 -4.84 -0.17
N LEU A 92 5.73 -4.61 0.00
CA LEU A 92 6.58 -4.31 -1.12
C LEU A 92 7.08 -5.61 -1.73
N LEU A 93 6.75 -5.81 -2.98
CA LEU A 93 7.11 -7.03 -3.68
C LEU A 93 8.55 -7.00 -4.17
N VAL A 94 9.25 -8.09 -3.94
CA VAL A 94 10.63 -8.23 -4.38
C VAL A 94 10.82 -9.53 -5.15
N TYR A 1 -13.13 6.11 -11.83
CA TYR A 1 -12.34 5.19 -10.98
C TYR A 1 -12.92 5.13 -9.57
N GLU A 2 -14.19 5.46 -9.46
CA GLU A 2 -14.85 5.54 -8.16
C GLU A 2 -14.87 4.19 -7.45
N ARG A 3 -15.08 3.14 -8.22
CA ARG A 3 -15.16 1.79 -7.68
C ARG A 3 -13.79 1.23 -7.26
N PHE A 4 -12.72 1.86 -7.71
CA PHE A 4 -11.37 1.39 -7.35
C PHE A 4 -10.61 2.40 -6.49
N ILE A 5 -10.98 3.65 -6.62
CA ILE A 5 -10.33 4.73 -5.88
C ILE A 5 -11.35 5.45 -5.02
N ARG A 6 -11.03 5.61 -3.74
CA ARG A 6 -11.93 6.22 -2.74
C ARG A 6 -13.15 5.33 -2.52
N PRO A 7 -12.99 4.27 -1.70
CA PRO A 7 -14.05 3.31 -1.41
C PRO A 7 -15.32 4.02 -0.93
N MET A 8 -15.24 4.58 0.25
CA MET A 8 -16.33 5.36 0.82
C MET A 8 -15.74 6.48 1.64
N GLY A 9 -14.49 6.78 1.33
CA GLY A 9 -13.76 7.73 2.08
C GLY A 9 -12.86 7.03 3.06
N LEU A 10 -11.71 7.61 3.30
CA LEU A 10 -10.77 7.02 4.22
C LEU A 10 -10.16 8.10 5.09
N ARG A 11 -9.83 7.75 6.32
CA ARG A 11 -9.35 8.71 7.30
C ARG A 11 -8.02 9.36 6.90
N TYR A 12 -7.12 8.58 6.32
CA TYR A 12 -5.81 9.10 5.94
C TYR A 12 -5.15 8.16 4.94
N LYS A 13 -4.43 8.72 3.99
CA LYS A 13 -3.74 7.94 2.98
C LYS A 13 -2.46 7.36 3.53
N LYS A 14 -2.57 6.27 4.28
CA LYS A 14 -1.39 5.64 4.84
C LYS A 14 -1.67 4.15 5.08
N ALA A 15 -0.76 3.31 4.61
CA ALA A 15 -0.91 1.86 4.72
C ALA A 15 0.25 1.23 5.44
N ASN A 16 0.02 0.05 6.00
CA ASN A 16 1.05 -0.66 6.74
C ASN A 16 1.86 -1.50 5.76
N VAL A 17 3.08 -1.06 5.47
CA VAL A 17 3.89 -1.71 4.46
C VAL A 17 4.89 -2.67 5.08
N THR A 18 4.79 -3.93 4.72
CA THR A 18 5.71 -4.94 5.16
C THR A 18 6.82 -5.08 4.13
N HIS A 19 8.04 -4.97 4.58
CA HIS A 19 9.20 -5.03 3.70
C HIS A 19 9.87 -6.38 3.85
N PRO A 20 9.79 -7.24 2.82
CA PRO A 20 10.34 -8.62 2.85
C PRO A 20 11.82 -8.69 3.22
N THR A 21 12.59 -7.75 2.73
CA THR A 21 14.03 -7.75 2.96
C THR A 21 14.37 -7.41 4.43
N LEU A 22 13.54 -6.60 5.07
CA LEU A 22 13.79 -6.19 6.45
C LEU A 22 12.96 -7.05 7.38
N ASN A 23 11.91 -7.62 6.81
CA ASN A 23 10.92 -8.41 7.56
C ASN A 23 10.31 -7.57 8.66
N VAL A 24 9.99 -6.33 8.31
CA VAL A 24 9.43 -5.39 9.25
C VAL A 24 8.26 -4.67 8.60
N THR A 25 7.25 -4.37 9.37
CA THR A 25 6.13 -3.65 8.84
C THR A 25 6.16 -2.20 9.33
N VAL A 26 6.20 -1.29 8.39
CA VAL A 26 6.25 0.12 8.68
C VAL A 26 5.11 0.80 7.98
N GLN A 27 4.32 1.54 8.71
CA GLN A 27 3.20 2.21 8.12
C GLN A 27 3.70 3.47 7.40
N LEU A 28 3.42 3.57 6.12
CA LEU A 28 3.90 4.68 5.31
C LEU A 28 2.75 5.34 4.55
N PRO A 29 2.87 6.65 4.28
CA PRO A 29 1.84 7.40 3.55
C PRO A 29 1.76 6.98 2.08
N ILE A 30 0.59 7.07 1.52
CA ILE A 30 0.38 6.68 0.14
C ILE A 30 0.50 7.89 -0.76
N LEU A 31 1.51 7.87 -1.63
CA LEU A 31 1.72 8.97 -2.55
C LEU A 31 0.63 9.00 -3.61
N SER A 32 0.28 7.83 -4.10
CA SER A 32 -0.73 7.72 -5.13
C SER A 32 -1.28 6.30 -5.19
N VAL A 33 -2.51 6.17 -5.64
CA VAL A 33 -3.13 4.86 -5.75
C VAL A 33 -3.48 4.55 -7.19
N LYS A 34 -3.39 3.30 -7.55
CA LYS A 34 -3.70 2.84 -8.89
C LYS A 34 -4.68 1.69 -8.79
N LYS A 35 -5.61 1.62 -9.72
CA LYS A 35 -6.62 0.58 -9.71
C LYS A 35 -5.98 -0.80 -9.81
N ASN A 36 -6.57 -1.76 -9.12
CA ASN A 36 -6.08 -3.12 -9.16
C ASN A 36 -6.41 -3.76 -10.52
N PRO A 37 -5.66 -4.80 -10.92
CA PRO A 37 -5.86 -5.50 -12.20
C PRO A 37 -7.24 -6.19 -12.28
N SER A 38 -7.92 -6.26 -11.14
CA SER A 38 -9.25 -6.84 -11.04
C SER A 38 -9.23 -8.35 -11.28
N ASN A 39 -8.06 -8.95 -11.12
CA ASN A 39 -7.92 -10.41 -11.27
C ASN A 39 -8.75 -11.16 -10.21
N PRO A 40 -8.64 -10.80 -8.89
CA PRO A 40 -9.41 -11.46 -7.82
C PRO A 40 -10.92 -11.18 -7.90
N LEU A 41 -11.28 -10.16 -8.65
CA LEU A 41 -12.68 -9.79 -8.80
C LEU A 41 -13.26 -10.33 -10.07
N TYR A 42 -14.44 -10.84 -9.96
CA TYR A 42 -15.14 -11.41 -11.09
C TYR A 42 -16.43 -10.64 -11.37
N THR A 43 -17.05 -10.14 -10.32
CA THR A 43 -18.27 -9.37 -10.45
C THR A 43 -17.95 -7.91 -10.82
N GLN A 44 -18.97 -7.20 -11.27
CA GLN A 44 -18.83 -5.80 -11.66
C GLN A 44 -19.21 -4.87 -10.52
N LEU A 45 -19.36 -5.44 -9.33
CA LEU A 45 -19.80 -4.70 -8.15
C LEU A 45 -18.82 -3.58 -7.78
N GLY A 46 -17.53 -3.86 -7.89
CA GLY A 46 -16.53 -2.85 -7.61
C GLY A 46 -16.27 -2.67 -6.13
N VAL A 47 -15.39 -3.49 -5.59
CA VAL A 47 -15.03 -3.41 -4.18
C VAL A 47 -13.51 -3.38 -4.05
N LEU A 48 -13.02 -2.90 -2.91
CA LEU A 48 -11.59 -2.80 -2.69
C LEU A 48 -11.04 -4.16 -2.24
N THR A 49 -10.22 -4.76 -3.08
CA THR A 49 -9.62 -6.03 -2.79
C THR A 49 -8.12 -5.98 -2.93
N LYS A 50 -7.47 -7.01 -2.44
CA LYS A 50 -6.03 -7.12 -2.50
C LYS A 50 -5.56 -7.21 -3.95
N GLY A 51 -4.33 -6.76 -4.16
CA GLY A 51 -3.80 -6.72 -5.49
C GLY A 51 -3.83 -5.32 -6.04
N THR A 52 -4.19 -4.37 -5.19
CA THR A 52 -4.25 -2.96 -5.60
C THR A 52 -2.83 -2.37 -5.58
N ILE A 53 -2.51 -1.53 -6.55
CA ILE A 53 -1.16 -0.99 -6.64
C ILE A 53 -1.08 0.44 -6.11
N ILE A 54 -0.13 0.70 -5.25
CA ILE A 54 0.07 2.03 -4.69
C ILE A 54 1.50 2.48 -4.88
N GLU A 55 1.71 3.78 -4.81
CA GLU A 55 3.04 4.33 -4.92
C GLU A 55 3.47 4.87 -3.57
N VAL A 56 4.64 4.45 -3.11
CA VAL A 56 5.14 4.87 -1.80
C VAL A 56 6.58 5.38 -1.90
N ASN A 57 6.97 6.15 -0.92
CA ASN A 57 8.31 6.71 -0.87
C ASN A 57 9.22 5.86 -0.02
N VAL A 58 10.15 5.19 -0.67
CA VAL A 58 11.12 4.40 0.03
C VAL A 58 12.39 5.19 0.20
N SER A 59 12.45 5.94 1.27
CA SER A 59 13.63 6.74 1.59
C SER A 59 14.07 6.50 3.04
N ASP A 60 13.14 6.63 3.96
CA ASP A 60 13.43 6.48 5.38
C ASP A 60 13.08 5.09 5.87
N LEU A 61 11.86 4.66 5.59
CA LEU A 61 11.35 3.36 6.06
C LEU A 61 11.34 3.31 7.60
N GLY A 62 11.23 4.49 8.21
CA GLY A 62 11.21 4.57 9.66
C GLY A 62 12.59 4.79 10.27
N ILE A 63 13.62 4.68 9.44
CA ILE A 63 14.99 4.84 9.91
C ILE A 63 15.76 5.78 9.00
N VAL A 64 16.99 6.08 9.37
CA VAL A 64 17.85 6.90 8.53
C VAL A 64 19.06 6.09 8.11
N THR A 65 19.23 5.90 6.82
CA THR A 65 20.33 5.13 6.30
C THR A 65 21.55 6.02 6.05
N ALA A 66 21.60 6.62 4.88
CA ALA A 66 22.69 7.50 4.52
C ALA A 66 22.22 8.56 3.55
N SER A 67 21.61 9.62 4.10
CA SER A 67 21.12 10.74 3.30
C SER A 67 20.19 10.29 2.17
N GLY A 68 19.32 9.31 2.45
CA GLY A 68 18.43 8.81 1.42
C GLY A 68 19.18 8.07 0.32
N LYS A 69 20.15 7.27 0.73
CA LYS A 69 21.02 6.54 -0.18
C LYS A 69 20.21 5.60 -1.06
N ILE A 70 19.25 4.96 -0.46
CA ILE A 70 18.41 4.02 -1.15
C ILE A 70 17.03 4.63 -1.44
N ALA A 71 16.96 5.95 -1.50
CA ALA A 71 15.69 6.63 -1.71
C ALA A 71 15.22 6.50 -3.16
N TRP A 72 14.20 5.68 -3.35
CA TRP A 72 13.60 5.46 -4.65
C TRP A 72 12.08 5.39 -4.55
N GLY A 73 11.41 5.81 -5.60
CA GLY A 73 9.97 5.67 -5.62
C GLY A 73 9.61 4.25 -5.96
N ARG A 74 8.80 3.64 -5.14
CA ARG A 74 8.44 2.24 -5.32
C ARG A 74 6.95 2.06 -5.28
N TYR A 75 6.48 1.01 -5.89
CA TYR A 75 5.09 0.68 -5.86
C TYR A 75 4.89 -0.56 -5.00
N ALA A 76 3.82 -0.58 -4.25
CA ALA A 76 3.56 -1.66 -3.32
C ALA A 76 2.24 -2.33 -3.61
N GLN A 77 2.14 -3.57 -3.23
CA GLN A 77 0.94 -4.34 -3.44
C GLN A 77 0.03 -4.26 -2.22
N ILE A 78 -1.18 -3.81 -2.42
CA ILE A 78 -2.16 -3.74 -1.35
C ILE A 78 -2.72 -5.10 -1.08
N THR A 79 -2.52 -5.54 0.14
CA THR A 79 -3.02 -6.78 0.62
C THR A 79 -3.86 -6.47 1.86
N ASN A 80 -5.11 -6.17 1.63
CA ASN A 80 -5.99 -5.76 2.71
C ASN A 80 -6.68 -6.96 3.31
N ASN A 81 -6.61 -7.05 4.61
CA ASN A 81 -7.25 -8.11 5.32
C ASN A 81 -7.81 -7.58 6.63
N PRO A 82 -8.94 -6.86 6.56
CA PRO A 82 -9.57 -6.29 7.74
C PRO A 82 -10.20 -7.37 8.62
N GLU A 83 -10.38 -8.53 8.04
CA GLU A 83 -10.94 -9.66 8.72
C GLU A 83 -9.97 -10.19 9.78
N ASN A 84 -8.69 -10.18 9.46
CA ASN A 84 -7.69 -10.70 10.38
C ASN A 84 -6.91 -9.57 11.03
N ASP A 85 -6.24 -8.78 10.22
CA ASP A 85 -5.47 -7.67 10.73
C ASP A 85 -6.37 -6.54 11.16
N GLY A 86 -7.40 -6.32 10.39
CA GLY A 86 -8.34 -5.25 10.68
C GLY A 86 -8.00 -3.98 9.95
N CYS A 87 -6.86 -3.98 9.30
CA CYS A 87 -6.39 -2.79 8.60
C CYS A 87 -5.93 -3.12 7.18
N VAL A 88 -5.72 -2.07 6.39
CA VAL A 88 -5.23 -2.21 5.03
C VAL A 88 -3.72 -2.33 5.07
N ASN A 89 -3.21 -3.44 4.59
CA ASN A 89 -1.79 -3.68 4.62
C ASN A 89 -1.24 -3.67 3.22
N ALA A 90 0.01 -3.33 3.10
CA ALA A 90 0.67 -3.31 1.83
C ALA A 90 2.01 -4.01 1.93
N VAL A 91 2.46 -4.59 0.86
CA VAL A 91 3.74 -5.28 0.84
C VAL A 91 4.59 -4.76 -0.31
N LEU A 92 5.86 -4.52 -0.03
CA LEU A 92 6.75 -4.01 -1.03
C LEU A 92 7.36 -5.16 -1.80
N LEU A 93 7.22 -5.11 -3.10
CA LEU A 93 7.74 -6.16 -3.95
C LEU A 93 9.07 -5.74 -4.55
N VAL A 94 9.93 -6.72 -4.79
CA VAL A 94 11.25 -6.46 -5.34
C VAL A 94 11.52 -7.40 -6.52
N TYR A 1 -15.86 9.31 -11.41
CA TYR A 1 -15.06 9.07 -10.19
C TYR A 1 -14.16 7.86 -10.36
N GLU A 2 -13.79 7.60 -11.61
CA GLU A 2 -12.92 6.48 -11.96
C GLU A 2 -11.54 6.65 -11.35
N ARG A 3 -11.09 7.90 -11.29
CA ARG A 3 -9.78 8.24 -10.76
C ARG A 3 -9.69 7.97 -9.26
N PHE A 4 -10.84 7.84 -8.60
CA PHE A 4 -10.85 7.56 -7.18
C PHE A 4 -11.20 6.08 -6.98
N ILE A 5 -10.27 5.36 -6.38
CA ILE A 5 -10.43 3.92 -6.19
C ILE A 5 -10.79 3.60 -4.73
N ARG A 6 -11.84 2.81 -4.54
CA ARG A 6 -12.23 2.39 -3.20
C ARG A 6 -11.90 0.92 -3.02
N PRO A 7 -10.84 0.62 -2.25
CA PRO A 7 -10.45 -0.78 -1.95
C PRO A 7 -11.58 -1.50 -1.21
N MET A 8 -12.17 -0.78 -0.27
CA MET A 8 -13.28 -1.28 0.53
C MET A 8 -13.72 -0.16 1.46
N GLY A 9 -13.54 1.07 1.01
CA GLY A 9 -13.85 2.22 1.81
C GLY A 9 -12.63 2.75 2.54
N LEU A 10 -12.00 3.77 2.00
CA LEU A 10 -10.81 4.33 2.62
C LEU A 10 -11.08 5.75 3.13
N ARG A 11 -10.97 5.89 4.45
CA ARG A 11 -11.18 7.17 5.12
C ARG A 11 -10.02 8.13 4.84
N TYR A 12 -8.86 7.56 4.56
CA TYR A 12 -7.65 8.31 4.31
C TYR A 12 -6.67 7.40 3.57
N LYS A 13 -5.86 7.96 2.69
CA LYS A 13 -4.90 7.14 1.95
C LYS A 13 -3.68 6.84 2.82
N LYS A 14 -3.76 5.76 3.57
CA LYS A 14 -2.68 5.33 4.43
C LYS A 14 -2.74 3.82 4.60
N ALA A 15 -1.60 3.17 4.57
CA ALA A 15 -1.56 1.72 4.70
C ALA A 15 -0.36 1.26 5.51
N ASN A 16 -0.49 0.09 6.12
CA ASN A 16 0.57 -0.50 6.91
C ASN A 16 1.44 -1.34 5.98
N VAL A 17 2.64 -0.86 5.71
CA VAL A 17 3.51 -1.46 4.70
C VAL A 17 4.59 -2.36 5.31
N THR A 18 4.65 -3.59 4.83
CA THR A 18 5.67 -4.54 5.23
C THR A 18 6.70 -4.66 4.10
N HIS A 19 7.95 -4.47 4.45
CA HIS A 19 9.03 -4.56 3.48
C HIS A 19 9.77 -5.87 3.66
N PRO A 20 9.59 -6.82 2.72
CA PRO A 20 10.19 -8.16 2.81
C PRO A 20 11.72 -8.12 2.91
N THR A 21 12.33 -7.18 2.22
CA THR A 21 13.78 -7.07 2.21
C THR A 21 14.34 -6.52 3.54
N LEU A 22 13.59 -5.63 4.18
CA LEU A 22 14.05 -5.00 5.42
C LEU A 22 13.50 -5.72 6.60
N ASN A 23 12.47 -6.52 6.33
CA ASN A 23 11.75 -7.27 7.39
C ASN A 23 11.14 -6.29 8.40
N VAL A 24 10.56 -5.21 7.89
CA VAL A 24 10.01 -4.19 8.76
C VAL A 24 8.64 -3.75 8.28
N THR A 25 7.73 -3.56 9.22
CA THR A 25 6.39 -3.11 8.90
C THR A 25 6.17 -1.72 9.48
N VAL A 26 5.90 -0.77 8.61
CA VAL A 26 5.71 0.62 8.98
C VAL A 26 4.50 1.20 8.27
N GLN A 27 3.80 2.11 8.91
CA GLN A 27 2.60 2.69 8.33
C GLN A 27 2.89 4.05 7.74
N LEU A 28 2.69 4.20 6.44
CA LEU A 28 2.93 5.47 5.78
C LEU A 28 1.73 5.88 4.95
N PRO A 29 1.48 7.20 4.84
CA PRO A 29 0.45 7.72 3.94
C PRO A 29 0.77 7.34 2.50
N ILE A 30 -0.23 7.04 1.71
CA ILE A 30 -0.02 6.64 0.35
C ILE A 30 0.20 7.86 -0.53
N LEU A 31 1.36 7.90 -1.19
CA LEU A 31 1.71 9.03 -2.04
C LEU A 31 0.82 9.14 -3.26
N SER A 32 0.57 8.01 -3.90
CA SER A 32 -0.29 7.97 -5.06
C SER A 32 -0.94 6.61 -5.18
N VAL A 33 -2.10 6.57 -5.81
CA VAL A 33 -2.81 5.32 -6.02
C VAL A 33 -2.94 5.04 -7.50
N LYS A 34 -2.88 3.77 -7.86
CA LYS A 34 -3.00 3.37 -9.24
C LYS A 34 -4.07 2.31 -9.36
N LYS A 35 -5.08 2.60 -10.17
CA LYS A 35 -6.13 1.65 -10.43
C LYS A 35 -5.54 0.47 -11.19
N ASN A 36 -5.95 -0.72 -10.83
CA ASN A 36 -5.37 -1.92 -11.38
C ASN A 36 -5.61 -2.02 -12.88
N PRO A 37 -4.53 -2.09 -13.68
CA PRO A 37 -4.64 -2.26 -15.12
C PRO A 37 -5.17 -3.66 -15.46
N SER A 38 -4.81 -4.62 -14.62
CA SER A 38 -5.24 -5.98 -14.79
C SER A 38 -6.73 -6.12 -14.46
N ASN A 39 -7.16 -5.43 -13.39
CA ASN A 39 -8.55 -5.49 -12.91
C ASN A 39 -9.03 -6.92 -12.69
N PRO A 40 -8.59 -7.57 -11.60
CA PRO A 40 -9.00 -8.94 -11.26
C PRO A 40 -10.50 -9.06 -11.19
N LEU A 41 -11.12 -8.03 -10.64
CA LEU A 41 -12.54 -7.93 -10.54
C LEU A 41 -13.01 -6.65 -11.20
N TYR A 42 -13.76 -6.77 -12.28
CA TYR A 42 -14.34 -5.59 -12.91
C TYR A 42 -15.26 -4.91 -11.91
N THR A 43 -16.13 -5.71 -11.31
CA THR A 43 -17.02 -5.26 -10.25
C THR A 43 -17.95 -6.39 -9.83
N GLN A 44 -18.20 -6.48 -8.53
CA GLN A 44 -19.13 -7.46 -7.99
C GLN A 44 -19.89 -6.84 -6.85
N LEU A 45 -19.16 -6.39 -5.85
CA LEU A 45 -19.75 -5.75 -4.68
C LEU A 45 -19.61 -4.24 -4.80
N GLY A 46 -19.20 -3.78 -5.96
CA GLY A 46 -18.99 -2.35 -6.18
C GLY A 46 -17.57 -1.95 -5.87
N VAL A 47 -16.82 -2.88 -5.30
CA VAL A 47 -15.43 -2.68 -4.95
C VAL A 47 -14.59 -3.83 -5.48
N LEU A 48 -13.31 -3.62 -5.56
CA LEU A 48 -12.39 -4.63 -6.05
C LEU A 48 -11.73 -5.36 -4.90
N THR A 49 -11.03 -6.43 -5.22
CA THR A 49 -10.31 -7.18 -4.22
C THR A 49 -8.88 -6.68 -4.07
N LYS A 50 -8.21 -7.17 -3.04
CA LYS A 50 -6.84 -6.79 -2.72
C LYS A 50 -5.89 -6.98 -3.91
N GLY A 51 -4.82 -6.20 -3.93
CA GLY A 51 -3.90 -6.20 -5.02
C GLY A 51 -3.88 -4.86 -5.73
N THR A 52 -4.51 -3.87 -5.11
CA THR A 52 -4.55 -2.50 -5.66
C THR A 52 -3.14 -1.90 -5.61
N ILE A 53 -2.73 -1.23 -6.68
CA ILE A 53 -1.36 -0.72 -6.75
C ILE A 53 -1.26 0.69 -6.18
N ILE A 54 -0.30 0.90 -5.30
CA ILE A 54 -0.04 2.23 -4.74
C ILE A 54 1.42 2.56 -4.88
N GLU A 55 1.74 3.84 -4.87
CA GLU A 55 3.10 4.27 -5.01
C GLU A 55 3.56 4.95 -3.74
N VAL A 56 4.67 4.48 -3.20
CA VAL A 56 5.19 5.03 -1.97
C VAL A 56 6.67 5.35 -2.10
N ASN A 57 7.13 6.27 -1.29
CA ASN A 57 8.53 6.64 -1.30
C ASN A 57 9.26 5.91 -0.20
N VAL A 58 10.06 4.93 -0.59
CA VAL A 58 10.77 4.13 0.39
C VAL A 58 12.02 4.86 0.86
N SER A 59 11.79 5.81 1.73
CA SER A 59 12.85 6.61 2.36
C SER A 59 12.25 7.42 3.50
N ASP A 60 10.92 7.53 3.48
CA ASP A 60 10.16 8.23 4.52
C ASP A 60 9.97 7.31 5.73
N LEU A 61 10.67 6.18 5.69
CA LEU A 61 10.57 5.15 6.71
C LEU A 61 11.04 5.68 8.06
N GLY A 62 12.03 6.56 8.04
CA GLY A 62 12.57 7.12 9.27
C GLY A 62 13.59 6.21 9.90
N ILE A 63 14.19 5.35 9.09
CA ILE A 63 15.19 4.42 9.60
C ILE A 63 16.54 4.69 8.94
N VAL A 64 17.59 4.20 9.56
CA VAL A 64 18.93 4.37 9.05
C VAL A 64 19.53 3.02 8.73
N THR A 65 19.97 2.86 7.50
CA THR A 65 20.60 1.63 7.07
C THR A 65 22.04 1.89 6.66
N ALA A 66 22.20 2.57 5.53
CA ALA A 66 23.50 2.94 5.03
C ALA A 66 23.38 3.94 3.89
N SER A 67 23.52 5.22 4.21
CA SER A 67 23.52 6.30 3.21
C SER A 67 22.16 6.41 2.49
N GLY A 68 21.12 5.80 3.05
CA GLY A 68 19.83 5.84 2.39
C GLY A 68 19.83 5.04 1.11
N LYS A 69 20.59 3.95 1.10
CA LYS A 69 20.72 3.09 -0.07
C LYS A 69 19.40 2.44 -0.43
N ILE A 70 18.49 2.43 0.50
CA ILE A 70 17.20 1.85 0.30
C ILE A 70 16.19 2.88 -0.22
N ALA A 71 16.64 4.11 -0.39
CA ALA A 71 15.77 5.19 -0.83
C ALA A 71 15.47 5.10 -2.32
N TRP A 72 14.24 4.72 -2.62
CA TRP A 72 13.78 4.61 -3.98
C TRP A 72 12.26 4.53 -3.99
N GLY A 73 11.63 5.34 -4.84
CA GLY A 73 10.19 5.31 -4.96
C GLY A 73 9.72 4.04 -5.63
N ARG A 74 9.04 3.23 -4.87
CA ARG A 74 8.56 1.96 -5.35
C ARG A 74 7.09 1.78 -5.07
N TYR A 75 6.46 0.92 -5.84
CA TYR A 75 5.05 0.70 -5.68
C TYR A 75 4.77 -0.58 -4.94
N ALA A 76 3.69 -0.58 -4.22
CA ALA A 76 3.28 -1.70 -3.40
C ALA A 76 1.82 -1.99 -3.67
N GLN A 77 1.34 -3.10 -3.16
CA GLN A 77 -0.04 -3.45 -3.37
C GLN A 77 -0.82 -3.49 -2.06
N ILE A 78 -2.06 -3.03 -2.11
CA ILE A 78 -2.92 -3.00 -0.96
C ILE A 78 -3.58 -4.34 -0.77
N THR A 79 -3.40 -4.88 0.41
CA THR A 79 -4.00 -6.12 0.80
C THR A 79 -4.41 -6.01 2.28
N ASN A 80 -5.69 -5.77 2.50
CA ASN A 80 -6.18 -5.61 3.85
C ASN A 80 -6.27 -6.94 4.58
N ASN A 81 -5.80 -6.95 5.82
CA ASN A 81 -5.87 -8.14 6.64
C ASN A 81 -6.22 -7.74 8.07
N PRO A 82 -7.47 -7.34 8.31
CA PRO A 82 -7.93 -6.93 9.64
C PRO A 82 -7.97 -8.10 10.59
N GLU A 83 -8.02 -9.29 10.03
CA GLU A 83 -8.08 -10.50 10.81
C GLU A 83 -6.79 -10.73 11.59
N ASN A 84 -5.67 -10.42 10.97
CA ASN A 84 -4.38 -10.63 11.63
C ASN A 84 -3.75 -9.32 12.06
N ASP A 85 -3.53 -8.43 11.11
CA ASP A 85 -2.90 -7.16 11.39
C ASP A 85 -3.88 -6.23 12.09
N GLY A 86 -5.13 -6.30 11.67
CA GLY A 86 -6.17 -5.46 12.25
C GLY A 86 -6.29 -4.14 11.54
N CYS A 87 -5.55 -3.99 10.46
CA CYS A 87 -5.55 -2.75 9.71
C CYS A 87 -5.38 -3.04 8.21
N VAL A 88 -5.42 -2.00 7.39
CA VAL A 88 -5.22 -2.15 5.97
C VAL A 88 -3.73 -2.25 5.68
N ASN A 89 -3.34 -3.35 5.06
CA ASN A 89 -1.93 -3.61 4.85
C ASN A 89 -1.54 -3.38 3.42
N ALA A 90 -0.29 -3.07 3.23
CA ALA A 90 0.28 -2.92 1.93
C ALA A 90 1.60 -3.63 1.92
N VAL A 91 1.92 -4.31 0.85
CA VAL A 91 3.15 -5.04 0.78
C VAL A 91 3.94 -4.64 -0.45
N LEU A 92 5.23 -4.45 -0.25
CA LEU A 92 6.13 -4.07 -1.31
C LEU A 92 6.52 -5.29 -2.11
N LEU A 93 6.38 -5.21 -3.40
CA LEU A 93 6.72 -6.30 -4.27
C LEU A 93 8.13 -6.13 -4.80
N VAL A 94 8.82 -7.23 -4.95
CA VAL A 94 10.19 -7.22 -5.46
C VAL A 94 10.36 -8.29 -6.53
N TYR A 1 -19.36 7.50 -12.90
CA TYR A 1 -18.08 7.33 -13.62
C TYR A 1 -16.89 7.73 -12.73
N GLU A 2 -17.16 7.91 -11.45
CA GLU A 2 -16.12 8.25 -10.50
C GLU A 2 -16.10 7.26 -9.36
N ARG A 3 -15.61 6.08 -9.66
CA ARG A 3 -15.46 5.05 -8.67
C ARG A 3 -14.24 5.34 -7.80
N PHE A 4 -14.29 4.93 -6.56
CA PHE A 4 -13.22 5.21 -5.63
C PHE A 4 -12.27 4.04 -5.52
N ILE A 5 -10.98 4.34 -5.44
CA ILE A 5 -9.97 3.32 -5.28
C ILE A 5 -9.83 3.01 -3.80
N ARG A 6 -10.34 1.88 -3.39
CA ARG A 6 -10.32 1.51 -1.99
C ARG A 6 -10.37 0.00 -1.83
N PRO A 7 -9.73 -0.53 -0.76
CA PRO A 7 -9.73 -1.97 -0.46
C PRO A 7 -11.14 -2.43 -0.07
N MET A 8 -11.85 -1.53 0.57
CA MET A 8 -13.22 -1.71 1.01
C MET A 8 -13.62 -0.42 1.66
N GLY A 9 -12.76 0.02 2.54
CA GLY A 9 -12.90 1.24 3.21
C GLY A 9 -11.57 1.64 3.77
N LEU A 10 -11.30 2.90 3.80
CA LEU A 10 -10.05 3.38 4.31
C LEU A 10 -10.25 4.65 5.11
N ARG A 11 -9.46 4.81 6.17
CA ARG A 11 -9.60 5.95 7.06
C ARG A 11 -8.79 7.15 6.54
N TYR A 12 -7.75 6.88 5.78
CA TYR A 12 -6.85 7.91 5.31
C TYR A 12 -5.90 7.33 4.26
N LYS A 13 -5.24 8.19 3.49
CA LYS A 13 -4.25 7.76 2.51
C LYS A 13 -3.00 7.20 3.20
N LYS A 14 -3.13 6.07 3.85
CA LYS A 14 -2.02 5.47 4.56
C LYS A 14 -2.22 3.96 4.69
N ALA A 15 -1.16 3.20 4.46
CA ALA A 15 -1.23 1.75 4.53
C ALA A 15 -0.05 1.18 5.31
N ASN A 16 -0.26 0.05 5.94
CA ASN A 16 0.79 -0.60 6.72
C ASN A 16 1.64 -1.46 5.77
N VAL A 17 2.81 -0.97 5.42
CA VAL A 17 3.65 -1.63 4.41
C VAL A 17 4.65 -2.60 5.03
N THR A 18 4.57 -3.85 4.62
CA THR A 18 5.49 -4.88 5.08
C THR A 18 6.59 -5.08 4.04
N HIS A 19 7.82 -4.96 4.47
CA HIS A 19 8.96 -5.12 3.60
C HIS A 19 9.61 -6.46 3.90
N PRO A 20 9.45 -7.45 3.02
CA PRO A 20 9.99 -8.80 3.25
C PRO A 20 11.52 -8.83 3.30
N THR A 21 12.15 -7.90 2.60
CA THR A 21 13.60 -7.83 2.55
C THR A 21 14.17 -7.29 3.86
N LEU A 22 13.36 -6.53 4.60
CA LEU A 22 13.80 -5.95 5.87
C LEU A 22 13.18 -6.73 7.00
N ASN A 23 12.10 -7.44 6.66
CA ASN A 23 11.31 -8.21 7.64
C ASN A 23 10.72 -7.25 8.67
N VAL A 24 10.15 -6.16 8.20
CA VAL A 24 9.60 -5.14 9.07
C VAL A 24 8.36 -4.55 8.41
N THR A 25 7.40 -4.17 9.21
CA THR A 25 6.23 -3.58 8.67
C THR A 25 6.04 -2.17 9.25
N VAL A 26 6.01 -1.19 8.39
CA VAL A 26 5.91 0.20 8.77
C VAL A 26 4.79 0.85 7.99
N GLN A 27 3.97 1.62 8.68
CA GLN A 27 2.84 2.25 8.04
C GLN A 27 3.24 3.60 7.44
N LEU A 28 3.08 3.74 6.13
CA LEU A 28 3.42 4.97 5.43
C LEU A 28 2.23 5.47 4.63
N PRO A 29 2.18 6.79 4.35
CA PRO A 29 1.11 7.37 3.54
C PRO A 29 1.21 6.94 2.07
N ILE A 30 0.08 6.90 1.41
CA ILE A 30 0.03 6.51 0.02
C ILE A 30 0.25 7.73 -0.87
N LEU A 31 1.38 7.78 -1.55
CA LEU A 31 1.72 8.91 -2.41
C LEU A 31 0.83 8.98 -3.65
N SER A 32 0.60 7.84 -4.27
CA SER A 32 -0.21 7.76 -5.46
C SER A 32 -0.88 6.40 -5.57
N VAL A 33 -1.96 6.33 -6.31
CA VAL A 33 -2.68 5.08 -6.46
C VAL A 33 -2.81 4.70 -7.93
N LYS A 34 -2.79 3.41 -8.18
CA LYS A 34 -2.97 2.84 -9.48
C LYS A 34 -4.10 1.82 -9.45
N LYS A 35 -5.19 2.16 -10.09
CA LYS A 35 -6.35 1.30 -10.14
C LYS A 35 -6.07 0.17 -11.12
N ASN A 36 -6.22 -1.06 -10.67
CA ASN A 36 -5.99 -2.22 -11.53
C ASN A 36 -7.00 -2.26 -12.65
N PRO A 37 -6.54 -2.46 -13.90
CA PRO A 37 -7.38 -2.37 -15.10
C PRO A 37 -8.53 -3.37 -15.11
N SER A 38 -8.27 -4.60 -14.70
CA SER A 38 -9.28 -5.60 -14.70
C SER A 38 -8.89 -6.79 -13.82
N ASN A 39 -9.22 -6.69 -12.55
CA ASN A 39 -9.01 -7.78 -11.64
C ASN A 39 -10.32 -8.48 -11.38
N PRO A 40 -10.27 -9.79 -11.10
CA PRO A 40 -11.47 -10.59 -10.82
C PRO A 40 -12.30 -10.02 -9.69
N LEU A 41 -13.48 -9.55 -10.02
CA LEU A 41 -14.40 -9.02 -9.05
C LEU A 41 -15.50 -10.00 -8.80
N TYR A 42 -15.07 -11.18 -8.43
CA TYR A 42 -15.94 -12.29 -8.14
C TYR A 42 -16.85 -11.95 -6.97
N THR A 43 -16.28 -11.29 -5.97
CA THR A 43 -17.01 -10.99 -4.75
C THR A 43 -17.54 -9.55 -4.72
N GLN A 44 -16.71 -8.60 -5.20
CA GLN A 44 -17.07 -7.16 -5.23
C GLN A 44 -17.37 -6.62 -3.82
N LEU A 45 -16.94 -7.35 -2.80
CA LEU A 45 -17.21 -6.97 -1.40
C LEU A 45 -16.55 -5.66 -1.01
N GLY A 46 -15.33 -5.46 -1.47
CA GLY A 46 -14.61 -4.25 -1.14
C GLY A 46 -14.60 -3.25 -2.26
N VAL A 47 -15.48 -3.46 -3.25
CA VAL A 47 -15.54 -2.62 -4.47
C VAL A 47 -14.35 -2.98 -5.37
N LEU A 48 -13.16 -2.87 -4.82
CA LEU A 48 -11.94 -3.30 -5.48
C LEU A 48 -11.48 -4.60 -4.87
N THR A 49 -10.44 -5.17 -5.42
CA THR A 49 -9.87 -6.37 -4.88
C THR A 49 -8.48 -6.11 -4.36
N LYS A 50 -8.04 -6.92 -3.41
CA LYS A 50 -6.70 -6.81 -2.89
C LYS A 50 -5.68 -7.06 -4.00
N GLY A 51 -4.54 -6.45 -3.89
CA GLY A 51 -3.56 -6.51 -4.94
C GLY A 51 -3.53 -5.21 -5.71
N THR A 52 -4.21 -4.19 -5.18
CA THR A 52 -4.27 -2.86 -5.81
C THR A 52 -2.89 -2.21 -5.75
N ILE A 53 -2.47 -1.55 -6.83
CA ILE A 53 -1.12 -1.01 -6.90
C ILE A 53 -1.07 0.43 -6.37
N ILE A 54 -0.13 0.70 -5.47
CA ILE A 54 0.09 2.05 -4.96
C ILE A 54 1.55 2.40 -5.00
N GLU A 55 1.85 3.69 -4.99
CA GLU A 55 3.22 4.13 -5.00
C GLU A 55 3.61 4.66 -3.64
N VAL A 56 4.68 4.14 -3.09
CA VAL A 56 5.18 4.57 -1.81
C VAL A 56 6.65 4.90 -1.94
N ASN A 57 7.12 5.81 -1.11
CA ASN A 57 8.50 6.20 -1.16
C ASN A 57 9.25 5.62 0.01
N VAL A 58 10.05 4.62 -0.26
CA VAL A 58 10.82 3.97 0.77
C VAL A 58 12.08 4.76 1.07
N SER A 59 11.93 5.74 1.94
CA SER A 59 13.05 6.56 2.35
C SER A 59 13.26 6.55 3.85
N ASP A 60 12.52 7.41 4.55
CA ASP A 60 12.67 7.56 6.00
C ASP A 60 12.26 6.32 6.75
N LEU A 61 11.11 5.74 6.39
CA LEU A 61 10.55 4.59 7.11
C LEU A 61 10.36 4.92 8.60
N GLY A 62 10.40 6.21 8.92
CA GLY A 62 10.26 6.66 10.30
C GLY A 62 11.57 6.61 11.08
N ILE A 63 12.65 6.21 10.42
CA ILE A 63 13.96 6.09 11.07
C ILE A 63 15.06 6.70 10.22
N VAL A 64 16.22 6.80 10.79
CA VAL A 64 17.38 7.28 10.07
C VAL A 64 18.38 6.13 9.93
N THR A 65 18.61 5.69 8.71
CA THR A 65 19.54 4.61 8.47
C THR A 65 20.12 4.69 7.05
N ALA A 66 21.39 4.28 6.91
CA ALA A 66 22.09 4.25 5.61
C ALA A 66 22.02 5.60 4.90
N SER A 67 21.85 6.67 5.68
CA SER A 67 21.73 8.04 5.17
C SER A 67 20.58 8.18 4.16
N GLY A 68 19.65 7.23 4.19
CA GLY A 68 18.51 7.27 3.30
C GLY A 68 18.88 7.02 1.84
N LYS A 69 19.98 6.31 1.60
CA LYS A 69 20.44 6.03 0.24
C LYS A 69 19.46 5.14 -0.51
N ILE A 70 18.62 4.48 0.24
CA ILE A 70 17.65 3.57 -0.32
C ILE A 70 16.35 4.27 -0.71
N ALA A 71 16.36 5.60 -0.65
CA ALA A 71 15.16 6.37 -0.95
C ALA A 71 14.76 6.24 -2.42
N TRP A 72 13.69 5.49 -2.65
CA TRP A 72 13.16 5.27 -3.98
C TRP A 72 11.65 5.22 -3.96
N GLY A 73 11.05 5.61 -5.07
CA GLY A 73 9.63 5.48 -5.19
C GLY A 73 9.28 4.17 -5.85
N ARG A 74 8.67 3.28 -5.09
CA ARG A 74 8.35 1.96 -5.59
C ARG A 74 6.89 1.63 -5.36
N TYR A 75 6.42 0.61 -6.03
CA TYR A 75 5.02 0.26 -5.97
C TYR A 75 4.77 -0.93 -5.08
N ALA A 76 3.70 -0.85 -4.32
CA ALA A 76 3.34 -1.89 -3.38
C ALA A 76 1.90 -2.30 -3.62
N GLN A 77 1.55 -3.52 -3.26
CA GLN A 77 0.20 -4.02 -3.45
C GLN A 77 -0.60 -3.90 -2.17
N ILE A 78 -1.81 -3.37 -2.29
CA ILE A 78 -2.69 -3.25 -1.15
C ILE A 78 -3.35 -4.58 -0.87
N THR A 79 -3.11 -5.09 0.30
CA THR A 79 -3.69 -6.30 0.77
C THR A 79 -4.21 -6.07 2.20
N ASN A 80 -5.49 -5.81 2.31
CA ASN A 80 -6.09 -5.49 3.59
C ASN A 80 -6.37 -6.72 4.42
N ASN A 81 -5.82 -6.75 5.62
CA ASN A 81 -6.04 -7.85 6.54
C ASN A 81 -6.45 -7.29 7.90
N PRO A 82 -7.69 -6.78 8.01
CA PRO A 82 -8.18 -6.18 9.25
C PRO A 82 -8.42 -7.23 10.33
N GLU A 83 -8.61 -8.47 9.91
CA GLU A 83 -8.81 -9.55 10.84
C GLU A 83 -7.52 -9.85 11.59
N ASN A 84 -6.39 -9.75 10.89
CA ASN A 84 -5.10 -10.10 11.47
C ASN A 84 -4.36 -8.87 11.99
N ASP A 85 -4.13 -7.90 11.10
CA ASP A 85 -3.44 -6.67 11.49
C ASP A 85 -4.38 -5.69 12.13
N GLY A 86 -5.58 -5.62 11.59
CA GLY A 86 -6.57 -4.70 12.09
C GLY A 86 -6.61 -3.42 11.29
N CYS A 87 -5.90 -3.39 10.17
CA CYS A 87 -5.85 -2.21 9.32
C CYS A 87 -5.54 -2.61 7.87
N VAL A 88 -5.47 -1.62 7.00
CA VAL A 88 -5.16 -1.85 5.59
C VAL A 88 -3.66 -2.04 5.43
N ASN A 89 -3.27 -3.13 4.80
CA ASN A 89 -1.86 -3.47 4.70
C ASN A 89 -1.40 -3.39 3.27
N ALA A 90 -0.14 -3.17 3.09
CA ALA A 90 0.45 -3.14 1.78
C ALA A 90 1.72 -3.98 1.78
N VAL A 91 2.01 -4.60 0.66
CA VAL A 91 3.20 -5.42 0.56
C VAL A 91 4.08 -4.94 -0.58
N LEU A 92 5.35 -4.77 -0.29
CA LEU A 92 6.30 -4.28 -1.28
C LEU A 92 7.09 -5.46 -1.84
N LEU A 93 7.06 -5.59 -3.15
CA LEU A 93 7.75 -6.68 -3.81
C LEU A 93 9.15 -6.26 -4.24
N VAL A 94 10.04 -7.23 -4.30
CA VAL A 94 11.42 -6.95 -4.67
C VAL A 94 11.77 -7.64 -5.98
N TYR A 1 -20.04 3.76 -0.01
CA TYR A 1 -18.73 4.30 -0.46
C TYR A 1 -17.82 3.16 -0.92
N GLU A 2 -18.43 2.03 -1.23
CA GLU A 2 -17.71 0.86 -1.67
C GLU A 2 -17.40 0.94 -3.15
N ARG A 3 -16.64 1.94 -3.49
CA ARG A 3 -16.23 2.17 -4.87
C ARG A 3 -14.72 2.23 -4.94
N PHE A 4 -14.16 1.79 -6.05
CA PHE A 4 -12.71 1.75 -6.21
C PHE A 4 -12.16 3.06 -6.74
N ILE A 5 -10.91 3.34 -6.37
CA ILE A 5 -10.23 4.60 -6.71
C ILE A 5 -10.91 5.76 -6.00
N ARG A 6 -10.44 6.06 -4.79
CA ARG A 6 -10.99 7.17 -4.00
C ARG A 6 -12.48 6.96 -3.72
N PRO A 7 -12.78 6.16 -2.68
CA PRO A 7 -14.17 5.79 -2.32
C PRO A 7 -15.05 7.01 -2.09
N MET A 8 -14.47 8.01 -1.46
CA MET A 8 -15.11 9.28 -1.19
C MET A 8 -14.12 10.13 -0.45
N GLY A 9 -13.22 9.44 0.18
CA GLY A 9 -12.23 10.01 0.98
C GLY A 9 -11.89 9.03 2.03
N LEU A 10 -10.94 9.33 2.83
CA LEU A 10 -10.56 8.44 3.89
C LEU A 10 -9.93 9.24 5.02
N ARG A 11 -9.60 8.58 6.13
CA ARG A 11 -9.04 9.28 7.28
C ARG A 11 -7.73 9.98 6.93
N TYR A 12 -6.89 9.30 6.16
CA TYR A 12 -5.64 9.87 5.69
C TYR A 12 -5.00 8.86 4.76
N LYS A 13 -4.19 9.33 3.83
CA LYS A 13 -3.58 8.45 2.84
C LYS A 13 -2.32 7.77 3.39
N LYS A 14 -2.51 6.69 4.15
CA LYS A 14 -1.42 5.89 4.66
C LYS A 14 -1.74 4.40 4.57
N ALA A 15 -0.71 3.60 4.41
CA ALA A 15 -0.85 2.15 4.36
C ALA A 15 0.31 1.50 5.10
N ASN A 16 0.07 0.33 5.66
CA ASN A 16 1.12 -0.37 6.37
C ASN A 16 1.94 -1.20 5.40
N VAL A 17 3.08 -0.67 5.03
CA VAL A 17 3.94 -1.29 4.06
C VAL A 17 4.84 -2.32 4.72
N THR A 18 4.71 -3.54 4.28
CA THR A 18 5.48 -4.63 4.80
C THR A 18 6.56 -5.01 3.79
N HIS A 19 7.79 -5.04 4.24
CA HIS A 19 8.89 -5.44 3.40
C HIS A 19 9.31 -6.83 3.78
N PRO A 20 9.08 -7.81 2.89
CA PRO A 20 9.39 -9.24 3.18
C PRO A 20 10.87 -9.47 3.44
N THR A 21 11.71 -8.63 2.85
CA THR A 21 13.14 -8.72 3.00
C THR A 21 13.54 -8.50 4.46
N LEU A 22 12.92 -7.52 5.10
CA LEU A 22 13.24 -7.16 6.47
C LEU A 22 12.27 -7.86 7.41
N ASN A 23 11.14 -8.26 6.84
CA ASN A 23 10.04 -8.88 7.58
C ASN A 23 9.55 -7.91 8.66
N VAL A 24 9.27 -6.69 8.22
CA VAL A 24 8.81 -5.64 9.10
C VAL A 24 7.72 -4.84 8.40
N THR A 25 6.78 -4.30 9.15
CA THR A 25 5.73 -3.52 8.57
C THR A 25 5.75 -2.10 9.13
N VAL A 26 5.87 -1.13 8.24
CA VAL A 26 5.92 0.26 8.61
C VAL A 26 4.90 1.05 7.80
N GLN A 27 4.12 1.86 8.47
CA GLN A 27 3.10 2.65 7.80
C GLN A 27 3.72 3.86 7.11
N LEU A 28 3.47 3.99 5.82
CA LEU A 28 3.94 5.14 5.04
C LEU A 28 2.78 5.77 4.29
N PRO A 29 2.84 7.10 4.06
CA PRO A 29 1.82 7.81 3.28
C PRO A 29 1.74 7.31 1.84
N ILE A 30 0.54 7.27 1.31
CA ILE A 30 0.33 6.84 -0.08
C ILE A 30 0.36 8.07 -0.98
N LEU A 31 1.28 8.05 -1.94
CA LEU A 31 1.40 9.16 -2.87
C LEU A 31 0.26 9.20 -3.87
N SER A 32 -0.07 8.03 -4.40
CA SER A 32 -1.14 7.90 -5.39
C SER A 32 -1.56 6.44 -5.51
N VAL A 33 -2.78 6.20 -5.98
CA VAL A 33 -3.29 4.86 -6.13
C VAL A 33 -3.63 4.56 -7.58
N LYS A 34 -3.43 3.32 -7.99
CA LYS A 34 -3.72 2.89 -9.35
C LYS A 34 -4.58 1.63 -9.31
N LYS A 35 -5.51 1.54 -10.24
CA LYS A 35 -6.42 0.41 -10.28
C LYS A 35 -5.77 -0.82 -10.88
N ASN A 36 -6.36 -1.96 -10.57
CA ASN A 36 -5.95 -3.23 -11.10
C ASN A 36 -7.19 -3.92 -11.68
N PRO A 37 -7.07 -4.56 -12.86
CA PRO A 37 -8.22 -5.18 -13.54
C PRO A 37 -8.91 -6.28 -12.71
N SER A 38 -8.20 -6.83 -11.75
CA SER A 38 -8.74 -7.88 -10.91
C SER A 38 -9.37 -7.33 -9.62
N ASN A 39 -9.34 -5.99 -9.44
CA ASN A 39 -9.94 -5.38 -8.25
C ASN A 39 -11.47 -5.60 -8.18
N PRO A 40 -12.24 -5.26 -9.25
CA PRO A 40 -13.69 -5.45 -9.26
C PRO A 40 -14.06 -6.91 -9.49
N LEU A 41 -14.56 -7.56 -8.45
CA LEU A 41 -14.92 -8.98 -8.53
C LEU A 41 -16.36 -9.23 -8.10
N TYR A 42 -16.96 -8.23 -7.46
CA TYR A 42 -18.34 -8.35 -6.98
C TYR A 42 -19.31 -8.52 -8.15
N THR A 43 -18.97 -7.87 -9.26
CA THR A 43 -19.74 -7.92 -10.54
C THR A 43 -21.14 -7.28 -10.48
N GLN A 44 -21.87 -7.50 -9.40
CA GLN A 44 -23.20 -6.94 -9.26
C GLN A 44 -23.15 -5.43 -9.11
N LEU A 45 -22.18 -4.96 -8.34
CA LEU A 45 -22.01 -3.55 -8.06
C LEU A 45 -20.54 -3.16 -8.14
N GLY A 46 -19.81 -3.44 -7.07
CA GLY A 46 -18.41 -3.14 -7.03
C GLY A 46 -17.80 -3.50 -5.71
N VAL A 47 -16.50 -3.72 -5.70
CA VAL A 47 -15.77 -4.06 -4.50
C VAL A 47 -14.28 -3.91 -4.76
N LEU A 48 -13.52 -3.65 -3.73
CA LEU A 48 -12.09 -3.52 -3.88
C LEU A 48 -11.43 -4.77 -3.34
N THR A 49 -10.65 -5.40 -4.17
CA THR A 49 -9.97 -6.62 -3.82
C THR A 49 -8.47 -6.40 -3.81
N LYS A 50 -7.80 -7.03 -2.86
CA LYS A 50 -6.35 -6.96 -2.71
C LYS A 50 -5.63 -7.19 -4.06
N GLY A 51 -4.46 -6.60 -4.20
CA GLY A 51 -3.73 -6.67 -5.43
C GLY A 51 -3.67 -5.32 -6.12
N THR A 52 -4.13 -4.29 -5.41
CA THR A 52 -4.14 -2.92 -5.93
C THR A 52 -2.72 -2.34 -5.93
N ILE A 53 -2.38 -1.54 -6.91
CA ILE A 53 -1.02 -0.99 -7.01
C ILE A 53 -1.02 0.48 -6.58
N ILE A 54 -0.14 0.82 -5.64
CA ILE A 54 -0.03 2.21 -5.19
C ILE A 54 1.39 2.71 -5.30
N GLU A 55 1.53 4.02 -5.30
CA GLU A 55 2.84 4.65 -5.35
C GLU A 55 3.19 5.17 -3.97
N VAL A 56 4.35 4.79 -3.46
CA VAL A 56 4.79 5.24 -2.15
C VAL A 56 6.20 5.79 -2.22
N ASN A 57 6.50 6.71 -1.33
CA ASN A 57 7.81 7.31 -1.27
C ASN A 57 8.67 6.53 -0.29
N VAL A 58 9.59 5.74 -0.81
CA VAL A 58 10.42 4.93 0.04
C VAL A 58 11.72 5.67 0.36
N SER A 59 11.59 6.71 1.15
CA SER A 59 12.74 7.47 1.61
C SER A 59 12.71 7.55 3.12
N ASP A 60 11.53 7.79 3.67
CA ASP A 60 11.36 7.89 5.11
C ASP A 60 11.45 6.53 5.77
N LEU A 61 10.79 5.54 5.15
CA LEU A 61 10.70 4.17 5.67
C LEU A 61 10.16 4.14 7.10
N GLY A 62 9.53 5.25 7.51
CA GLY A 62 9.05 5.38 8.88
C GLY A 62 10.19 5.68 9.83
N ILE A 63 11.27 4.93 9.70
CA ILE A 63 12.46 5.11 10.50
C ILE A 63 13.67 5.19 9.56
N VAL A 64 14.73 5.79 10.03
CA VAL A 64 15.92 5.99 9.22
C VAL A 64 16.96 4.89 9.46
N THR A 65 16.47 3.66 9.52
CA THR A 65 17.28 2.47 9.80
C THR A 65 18.56 2.40 8.93
N ALA A 66 18.41 2.63 7.64
CA ALA A 66 19.53 2.54 6.72
C ALA A 66 20.13 3.90 6.41
N SER A 67 19.69 4.93 7.17
CA SER A 67 20.13 6.30 6.94
C SER A 67 19.72 6.73 5.53
N GLY A 68 18.54 6.28 5.13
CA GLY A 68 18.09 6.52 3.78
C GLY A 68 18.95 5.77 2.80
N LYS A 69 19.48 6.46 1.79
CA LYS A 69 20.36 5.88 0.76
C LYS A 69 19.56 5.05 -0.21
N ILE A 70 18.69 4.25 0.31
CA ILE A 70 17.80 3.45 -0.48
C ILE A 70 16.53 4.23 -0.78
N ALA A 71 16.62 5.54 -0.61
CA ALA A 71 15.50 6.43 -0.81
C ALA A 71 15.12 6.53 -2.29
N TRP A 72 13.95 6.02 -2.61
CA TRP A 72 13.43 6.03 -3.97
C TRP A 72 11.94 5.62 -3.96
N GLY A 73 11.13 6.31 -4.74
CA GLY A 73 9.72 5.96 -4.80
C GLY A 73 9.48 4.62 -5.46
N ARG A 74 8.67 3.80 -4.83
CA ARG A 74 8.37 2.46 -5.33
C ARG A 74 6.87 2.22 -5.36
N TYR A 75 6.49 1.08 -5.87
CA TYR A 75 5.10 0.70 -5.93
C TYR A 75 4.83 -0.45 -4.99
N ALA A 76 3.72 -0.38 -4.29
CA ALA A 76 3.37 -1.39 -3.32
C ALA A 76 2.03 -2.01 -3.66
N GLN A 77 1.86 -3.27 -3.31
CA GLN A 77 0.62 -3.98 -3.56
C GLN A 77 -0.27 -3.92 -2.33
N ILE A 78 -1.50 -3.48 -2.52
CA ILE A 78 -2.45 -3.42 -1.43
C ILE A 78 -3.02 -4.78 -1.16
N THR A 79 -2.81 -5.22 0.06
CA THR A 79 -3.33 -6.46 0.53
C THR A 79 -3.93 -6.27 1.91
N ASN A 80 -5.23 -6.12 1.95
CA ASN A 80 -5.92 -5.89 3.18
C ASN A 80 -6.14 -7.18 3.94
N ASN A 81 -5.71 -7.20 5.19
CA ASN A 81 -5.91 -8.37 6.02
C ASN A 81 -6.38 -7.92 7.40
N PRO A 82 -7.64 -7.44 7.50
CA PRO A 82 -8.22 -6.97 8.76
C PRO A 82 -8.34 -8.10 9.78
N GLU A 83 -8.45 -9.30 9.29
CA GLU A 83 -8.59 -10.46 10.12
C GLU A 83 -7.32 -10.73 10.93
N ASN A 84 -6.17 -10.49 10.31
CA ASN A 84 -4.90 -10.77 10.97
C ASN A 84 -4.32 -9.52 11.61
N ASP A 85 -4.13 -8.49 10.81
CA ASP A 85 -3.55 -7.25 11.32
C ASP A 85 -4.63 -6.34 11.86
N GLY A 86 -5.74 -6.29 11.17
CA GLY A 86 -6.83 -5.44 11.60
C GLY A 86 -6.89 -4.13 10.84
N CYS A 87 -6.09 -4.02 9.78
CA CYS A 87 -6.06 -2.79 8.99
C CYS A 87 -5.66 -3.09 7.54
N VAL A 88 -5.60 -2.05 6.71
CA VAL A 88 -5.21 -2.18 5.32
C VAL A 88 -3.70 -2.25 5.23
N ASN A 89 -3.18 -3.31 4.64
CA ASN A 89 -1.76 -3.50 4.57
C ASN A 89 -1.29 -3.43 3.14
N ALA A 90 -0.06 -3.05 2.95
CA ALA A 90 0.54 -3.01 1.64
C ALA A 90 1.85 -3.77 1.67
N VAL A 91 2.20 -4.40 0.59
CA VAL A 91 3.44 -5.14 0.51
C VAL A 91 4.31 -4.62 -0.63
N LEU A 92 5.55 -4.33 -0.31
CA LEU A 92 6.46 -3.82 -1.30
C LEU A 92 7.44 -4.90 -1.71
N LEU A 93 7.51 -5.16 -2.99
CA LEU A 93 8.36 -6.22 -3.51
C LEU A 93 9.65 -5.63 -4.07
N VAL A 94 10.71 -6.43 -4.01
CA VAL A 94 12.02 -6.02 -4.51
C VAL A 94 12.62 -7.10 -5.39
N TYR A 1 -14.46 10.04 -15.34
CA TYR A 1 -15.29 10.27 -14.12
C TYR A 1 -15.12 9.13 -13.13
N GLU A 2 -14.07 8.36 -13.29
CA GLU A 2 -13.82 7.22 -12.47
C GLU A 2 -12.34 7.09 -12.20
N ARG A 3 -11.95 7.60 -11.07
CA ARG A 3 -10.58 7.52 -10.61
C ARG A 3 -10.58 7.20 -9.12
N PHE A 4 -11.57 6.44 -8.69
CA PHE A 4 -11.74 6.16 -7.29
C PHE A 4 -11.17 4.81 -6.91
N ILE A 5 -10.07 4.83 -6.18
CA ILE A 5 -9.46 3.61 -5.70
C ILE A 5 -9.46 3.60 -4.17
N ARG A 6 -10.42 2.92 -3.59
CA ARG A 6 -10.52 2.81 -2.14
C ARG A 6 -10.53 1.35 -1.71
N PRO A 7 -9.39 0.87 -1.19
CA PRO A 7 -9.23 -0.53 -0.74
C PRO A 7 -10.29 -0.95 0.28
N MET A 8 -10.61 -0.04 1.19
CA MET A 8 -11.58 -0.32 2.23
C MET A 8 -12.29 0.97 2.67
N GLY A 9 -12.15 2.01 1.85
CA GLY A 9 -12.74 3.30 2.20
C GLY A 9 -12.06 3.94 3.39
N LEU A 10 -10.77 3.65 3.53
CA LEU A 10 -9.97 4.15 4.66
C LEU A 10 -10.03 5.68 4.76
N ARG A 11 -10.08 6.18 6.00
CA ARG A 11 -10.23 7.61 6.28
C ARG A 11 -9.09 8.44 5.71
N TYR A 12 -7.90 7.88 5.71
CA TYR A 12 -6.74 8.55 5.19
C TYR A 12 -5.91 7.57 4.41
N LYS A 13 -5.32 8.01 3.31
CA LYS A 13 -4.54 7.12 2.45
C LYS A 13 -3.26 6.71 3.16
N LYS A 14 -3.35 5.67 3.97
CA LYS A 14 -2.21 5.17 4.71
C LYS A 14 -2.37 3.67 4.97
N ALA A 15 -1.29 2.93 4.81
CA ALA A 15 -1.33 1.48 4.98
C ALA A 15 -0.08 0.99 5.69
N ASN A 16 -0.17 -0.20 6.27
CA ASN A 16 0.96 -0.81 6.95
C ASN A 16 1.84 -1.47 5.93
N VAL A 17 2.97 -0.86 5.62
CA VAL A 17 3.82 -1.33 4.55
C VAL A 17 4.96 -2.22 5.07
N THR A 18 4.98 -3.44 4.62
CA THR A 18 6.03 -4.37 4.97
C THR A 18 7.11 -4.35 3.90
N HIS A 19 8.33 -4.11 4.32
CA HIS A 19 9.44 -4.05 3.42
C HIS A 19 10.25 -5.32 3.58
N PRO A 20 10.20 -6.23 2.60
CA PRO A 20 10.90 -7.53 2.68
C PRO A 20 12.41 -7.39 2.75
N THR A 21 12.91 -6.29 2.21
CA THR A 21 14.32 -6.00 2.21
C THR A 21 14.82 -5.79 3.65
N LEU A 22 14.03 -5.09 4.44
CA LEU A 22 14.39 -4.77 5.82
C LEU A 22 13.71 -5.72 6.76
N ASN A 23 12.73 -6.42 6.22
CA ASN A 23 11.90 -7.37 6.99
C ASN A 23 11.19 -6.61 8.12
N VAL A 24 10.62 -5.46 7.78
CA VAL A 24 9.99 -4.62 8.78
C VAL A 24 8.69 -4.03 8.23
N THR A 25 7.71 -3.89 9.10
CA THR A 25 6.45 -3.31 8.72
C THR A 25 6.33 -1.92 9.33
N VAL A 26 6.18 -0.93 8.47
CA VAL A 26 6.05 0.45 8.90
C VAL A 26 4.82 1.06 8.25
N GLN A 27 3.98 1.69 9.04
CA GLN A 27 2.77 2.29 8.52
C GLN A 27 3.13 3.57 7.79
N LEU A 28 2.81 3.63 6.51
CA LEU A 28 3.21 4.76 5.69
C LEU A 28 2.05 5.33 4.92
N PRO A 29 2.08 6.64 4.65
CA PRO A 29 1.07 7.28 3.83
C PRO A 29 1.20 6.87 2.37
N ILE A 30 0.08 6.76 1.71
CA ILE A 30 0.07 6.36 0.32
C ILE A 30 0.08 7.59 -0.58
N LEU A 31 1.15 7.73 -1.36
CA LEU A 31 1.28 8.88 -2.27
C LEU A 31 0.33 8.78 -3.45
N SER A 32 0.25 7.60 -4.06
CA SER A 32 -0.58 7.39 -5.24
C SER A 32 -1.24 6.02 -5.18
N VAL A 33 -2.44 5.91 -5.75
CA VAL A 33 -3.17 4.65 -5.79
C VAL A 33 -3.66 4.35 -7.21
N LYS A 34 -3.52 3.12 -7.64
CA LYS A 34 -4.05 2.71 -8.94
C LYS A 34 -4.59 1.29 -8.88
N LYS A 35 -5.67 1.05 -9.59
CA LYS A 35 -6.25 -0.27 -9.68
C LYS A 35 -6.09 -0.81 -11.09
N ASN A 36 -5.91 -2.10 -11.21
CA ASN A 36 -5.68 -2.72 -12.51
C ASN A 36 -6.75 -3.74 -12.83
N PRO A 37 -7.19 -3.77 -14.11
CA PRO A 37 -8.20 -4.73 -14.59
C PRO A 37 -7.68 -6.17 -14.60
N SER A 38 -6.36 -6.30 -14.42
CA SER A 38 -5.72 -7.59 -14.36
C SER A 38 -6.27 -8.40 -13.20
N ASN A 39 -6.51 -7.73 -12.10
CA ASN A 39 -7.02 -8.40 -10.91
C ASN A 39 -8.50 -8.69 -11.05
N PRO A 40 -8.90 -9.93 -10.78
CA PRO A 40 -10.30 -10.36 -10.84
C PRO A 40 -11.13 -9.75 -9.72
N LEU A 41 -10.46 -9.33 -8.66
CA LEU A 41 -11.12 -8.78 -7.49
C LEU A 41 -12.00 -9.83 -6.84
N TYR A 42 -12.85 -9.41 -5.93
CA TYR A 42 -13.78 -10.31 -5.25
C TYR A 42 -14.73 -10.91 -6.28
N THR A 43 -14.99 -10.14 -7.34
CA THR A 43 -15.84 -10.55 -8.46
C THR A 43 -17.34 -10.58 -8.09
N GLN A 44 -17.68 -11.39 -7.09
CA GLN A 44 -19.08 -11.58 -6.70
C GLN A 44 -19.73 -10.29 -6.21
N LEU A 45 -18.99 -9.51 -5.44
CA LEU A 45 -19.54 -8.27 -4.91
C LEU A 45 -19.19 -7.08 -5.81
N GLY A 46 -18.03 -7.16 -6.44
CA GLY A 46 -17.58 -6.07 -7.28
C GLY A 46 -16.77 -5.04 -6.50
N VAL A 47 -16.74 -5.24 -5.19
CA VAL A 47 -16.00 -4.36 -4.29
C VAL A 47 -14.50 -4.56 -4.49
N LEU A 48 -13.75 -3.46 -4.43
CA LEU A 48 -12.30 -3.50 -4.61
C LEU A 48 -11.67 -4.50 -3.65
N THR A 49 -10.67 -5.20 -4.12
CA THR A 49 -10.04 -6.25 -3.36
C THR A 49 -8.51 -6.12 -3.43
N LYS A 50 -7.82 -6.79 -2.50
CA LYS A 50 -6.35 -6.77 -2.44
C LYS A 50 -5.69 -7.00 -3.81
N GLY A 51 -4.52 -6.43 -3.97
CA GLY A 51 -3.82 -6.49 -5.23
C GLY A 51 -3.70 -5.13 -5.87
N THR A 52 -4.08 -4.10 -5.12
CA THR A 52 -4.02 -2.72 -5.60
C THR A 52 -2.57 -2.22 -5.59
N ILE A 53 -2.16 -1.50 -6.62
CA ILE A 53 -0.79 -0.99 -6.68
C ILE A 53 -0.73 0.45 -6.19
N ILE A 54 0.14 0.71 -5.24
CA ILE A 54 0.27 2.05 -4.67
C ILE A 54 1.70 2.53 -4.74
N GLU A 55 1.87 3.82 -4.53
CA GLU A 55 3.16 4.45 -4.53
C GLU A 55 3.50 4.94 -3.13
N VAL A 56 4.68 4.56 -2.64
CA VAL A 56 5.12 4.94 -1.30
C VAL A 56 6.52 5.55 -1.35
N ASN A 57 6.85 6.32 -0.33
CA ASN A 57 8.14 6.98 -0.25
C ASN A 57 9.02 6.37 0.82
N VAL A 58 10.08 5.72 0.42
CA VAL A 58 11.02 5.16 1.37
C VAL A 58 12.26 6.06 1.46
N SER A 59 12.12 7.14 2.21
CA SER A 59 13.21 8.10 2.39
C SER A 59 13.03 8.91 3.68
N ASP A 60 11.80 9.35 3.94
CA ASP A 60 11.49 10.18 5.12
C ASP A 60 11.04 9.31 6.28
N LEU A 61 11.35 8.03 6.22
CA LEU A 61 10.90 7.06 7.22
C LEU A 61 11.61 7.28 8.56
N GLY A 62 12.71 8.01 8.55
CA GLY A 62 13.45 8.26 9.77
C GLY A 62 14.38 7.13 10.14
N ILE A 63 14.43 6.13 9.29
CA ILE A 63 15.29 4.98 9.53
C ILE A 63 16.38 4.93 8.49
N VAL A 64 17.41 4.19 8.78
CA VAL A 64 18.54 4.10 7.90
C VAL A 64 18.99 2.66 7.73
N THR A 65 19.03 2.24 6.49
CA THR A 65 19.48 0.93 6.12
C THR A 65 20.94 1.06 5.67
N ALA A 66 21.39 0.18 4.78
CA ALA A 66 22.75 0.26 4.28
C ALA A 66 22.95 1.52 3.42
N SER A 67 23.26 2.62 4.10
CA SER A 67 23.54 3.92 3.46
C SER A 67 22.31 4.49 2.76
N GLY A 68 21.14 3.91 3.02
CA GLY A 68 19.92 4.40 2.40
C GLY A 68 19.96 4.23 0.89
N LYS A 69 20.61 3.17 0.43
CA LYS A 69 20.79 2.91 -1.00
C LYS A 69 19.47 2.63 -1.71
N ILE A 70 18.44 2.36 -0.94
CA ILE A 70 17.15 2.06 -1.49
C ILE A 70 16.17 3.23 -1.31
N ALA A 71 16.67 4.40 -0.94
CA ALA A 71 15.80 5.55 -0.72
C ALA A 71 15.31 6.15 -2.02
N TRP A 72 14.03 5.91 -2.32
CA TRP A 72 13.39 6.37 -3.55
C TRP A 72 11.88 6.24 -3.43
N GLY A 73 11.17 6.68 -4.45
CA GLY A 73 9.75 6.46 -4.50
C GLY A 73 9.48 5.13 -5.15
N ARG A 74 8.85 4.22 -4.42
CA ARG A 74 8.67 2.87 -4.91
C ARG A 74 7.21 2.45 -4.83
N TYR A 75 6.87 1.37 -5.49
CA TYR A 75 5.50 0.92 -5.54
C TYR A 75 5.29 -0.33 -4.69
N ALA A 76 4.17 -0.37 -4.01
CA ALA A 76 3.83 -1.47 -3.12
C ALA A 76 2.45 -2.01 -3.45
N GLN A 77 2.17 -3.22 -3.00
CA GLN A 77 0.89 -3.84 -3.28
C GLN A 77 0.00 -3.85 -2.04
N ILE A 78 -1.23 -3.42 -2.20
CA ILE A 78 -2.21 -3.41 -1.14
C ILE A 78 -2.81 -4.77 -0.94
N THR A 79 -2.75 -5.24 0.26
CA THR A 79 -3.37 -6.44 0.67
C THR A 79 -4.04 -6.19 2.02
N ASN A 80 -5.29 -5.78 1.96
CA ASN A 80 -6.02 -5.42 3.16
C ASN A 80 -6.54 -6.65 3.85
N ASN A 81 -6.17 -6.80 5.09
CA ASN A 81 -6.63 -7.91 5.90
C ASN A 81 -7.15 -7.38 7.22
N PRO A 82 -8.31 -6.71 7.21
CA PRO A 82 -8.90 -6.15 8.43
C PRO A 82 -9.35 -7.26 9.37
N GLU A 83 -9.60 -8.42 8.80
CA GLU A 83 -10.02 -9.57 9.56
C GLU A 83 -8.86 -10.14 10.36
N ASN A 84 -7.65 -9.91 9.85
CA ASN A 84 -6.45 -10.47 10.48
C ASN A 84 -5.69 -9.40 11.26
N ASP A 85 -5.33 -8.33 10.57
CA ASP A 85 -4.59 -7.23 11.20
C ASP A 85 -5.56 -6.19 11.73
N GLY A 86 -6.59 -5.93 10.97
CA GLY A 86 -7.56 -4.92 11.35
C GLY A 86 -7.43 -3.65 10.55
N CYS A 87 -6.37 -3.55 9.76
CA CYS A 87 -6.11 -2.38 8.94
C CYS A 87 -5.75 -2.77 7.52
N VAL A 88 -5.58 -1.78 6.66
CA VAL A 88 -5.16 -2.02 5.29
C VAL A 88 -3.66 -2.24 5.27
N ASN A 89 -3.24 -3.36 4.73
CA ASN A 89 -1.84 -3.71 4.73
C ASN A 89 -1.27 -3.55 3.36
N ALA A 90 0.01 -3.28 3.28
CA ALA A 90 0.69 -3.14 2.01
C ALA A 90 2.06 -3.77 2.09
N VAL A 91 2.54 -4.27 0.98
CA VAL A 91 3.85 -4.89 0.95
C VAL A 91 4.63 -4.40 -0.25
N LEU A 92 5.90 -4.09 -0.04
CA LEU A 92 6.76 -3.63 -1.11
C LEU A 92 7.12 -4.80 -2.00
N LEU A 93 6.89 -4.66 -3.29
CA LEU A 93 7.17 -5.73 -4.21
C LEU A 93 8.64 -5.73 -4.62
N VAL A 94 9.25 -6.90 -4.55
CA VAL A 94 10.65 -7.05 -4.92
C VAL A 94 10.84 -8.33 -5.74
N TYR A 1 -6.44 14.83 -4.97
CA TYR A 1 -7.55 14.73 -5.92
C TYR A 1 -7.73 13.30 -6.43
N GLU A 2 -7.34 12.35 -5.62
CA GLU A 2 -7.52 10.95 -5.92
C GLU A 2 -8.65 10.42 -5.07
N ARG A 3 -9.85 10.87 -5.36
CA ARG A 3 -11.03 10.47 -4.64
C ARG A 3 -11.40 9.02 -4.97
N PHE A 4 -10.93 8.56 -6.12
CA PHE A 4 -11.14 7.19 -6.54
C PHE A 4 -10.14 6.28 -5.82
N ILE A 5 -10.50 5.00 -5.70
CA ILE A 5 -9.71 4.02 -4.94
C ILE A 5 -9.74 4.39 -3.46
N ARG A 6 -10.82 4.00 -2.81
CA ARG A 6 -11.03 4.32 -1.42
C ARG A 6 -11.64 3.12 -0.71
N PRO A 7 -11.34 2.94 0.60
CA PRO A 7 -11.93 1.87 1.41
C PRO A 7 -13.45 2.01 1.47
N MET A 8 -13.89 3.26 1.60
CA MET A 8 -15.29 3.65 1.65
C MET A 8 -15.34 5.11 2.06
N GLY A 9 -14.64 5.40 3.13
CA GLY A 9 -14.53 6.74 3.63
C GLY A 9 -13.24 6.90 4.40
N LEU A 10 -12.34 7.67 3.87
CA LEU A 10 -11.04 7.85 4.50
C LEU A 10 -10.62 9.31 4.49
N ARG A 11 -9.84 9.69 5.47
CA ARG A 11 -9.33 11.05 5.54
C ARG A 11 -8.11 11.21 4.65
N TYR A 12 -7.16 10.31 4.80
CA TYR A 12 -5.93 10.32 4.03
C TYR A 12 -5.53 8.91 3.68
N LYS A 13 -4.72 8.76 2.66
CA LYS A 13 -4.29 7.47 2.21
C LYS A 13 -3.04 7.06 2.95
N LYS A 14 -3.15 6.00 3.70
CA LYS A 14 -2.05 5.48 4.49
C LYS A 14 -2.19 3.97 4.63
N ALA A 15 -1.08 3.25 4.55
CA ALA A 15 -1.12 1.79 4.63
C ALA A 15 0.02 1.23 5.48
N ASN A 16 -0.19 0.03 6.00
CA ASN A 16 0.83 -0.66 6.80
C ASN A 16 1.70 -1.49 5.88
N VAL A 17 2.90 -1.00 5.62
CA VAL A 17 3.78 -1.61 4.64
C VAL A 17 4.81 -2.54 5.31
N THR A 18 4.82 -3.77 4.88
CA THR A 18 5.77 -4.75 5.37
C THR A 18 6.84 -5.00 4.31
N HIS A 19 8.10 -4.86 4.70
CA HIS A 19 9.21 -5.08 3.79
C HIS A 19 9.88 -6.40 4.12
N PRO A 20 9.75 -7.40 3.22
CA PRO A 20 10.32 -8.75 3.43
C PRO A 20 11.83 -8.73 3.67
N THR A 21 12.51 -7.78 3.04
CA THR A 21 13.95 -7.66 3.12
C THR A 21 14.41 -7.42 4.55
N LEU A 22 13.71 -6.53 5.24
CA LEU A 22 14.07 -6.15 6.60
C LEU A 22 13.24 -6.92 7.59
N ASN A 23 12.16 -7.48 7.07
CA ASN A 23 11.17 -8.21 7.88
C ASN A 23 10.60 -7.27 8.94
N VAL A 24 10.18 -6.11 8.49
CA VAL A 24 9.65 -5.10 9.37
C VAL A 24 8.43 -4.47 8.72
N THR A 25 7.49 -4.04 9.52
CA THR A 25 6.32 -3.40 9.00
C THR A 25 6.23 -1.98 9.54
N VAL A 26 6.04 -1.04 8.64
CA VAL A 26 5.96 0.36 8.98
C VAL A 26 4.79 1.01 8.26
N GLN A 27 4.19 1.98 8.88
CA GLN A 27 3.03 2.64 8.33
C GLN A 27 3.43 3.92 7.60
N LEU A 28 3.18 3.98 6.30
CA LEU A 28 3.54 5.15 5.49
C LEU A 28 2.35 5.67 4.71
N PRO A 29 2.29 7.00 4.48
CA PRO A 29 1.29 7.62 3.63
C PRO A 29 1.42 7.13 2.18
N ILE A 30 0.31 7.01 1.50
CA ILE A 30 0.31 6.57 0.11
C ILE A 30 0.38 7.79 -0.81
N LEU A 31 1.43 7.85 -1.63
CA LEU A 31 1.62 8.99 -2.53
C LEU A 31 0.57 9.02 -3.63
N SER A 32 0.25 7.85 -4.17
CA SER A 32 -0.76 7.75 -5.19
C SER A 32 -1.35 6.36 -5.23
N VAL A 33 -2.56 6.24 -5.76
CA VAL A 33 -3.24 4.96 -5.85
C VAL A 33 -3.58 4.64 -7.31
N LYS A 34 -3.33 3.41 -7.72
CA LYS A 34 -3.58 3.00 -9.09
C LYS A 34 -4.26 1.63 -9.14
N LYS A 35 -5.25 1.49 -10.00
CA LYS A 35 -5.89 0.19 -10.21
C LYS A 35 -5.58 -0.33 -11.59
N ASN A 36 -5.45 -1.63 -11.70
CA ASN A 36 -5.24 -2.25 -12.99
C ASN A 36 -6.55 -2.24 -13.77
N PRO A 37 -6.51 -2.32 -15.11
CA PRO A 37 -7.72 -2.28 -15.95
C PRO A 37 -8.67 -3.46 -15.66
N SER A 38 -8.10 -4.56 -15.22
CA SER A 38 -8.86 -5.75 -14.90
C SER A 38 -9.81 -5.53 -13.71
N ASN A 39 -9.33 -4.80 -12.69
CA ASN A 39 -10.09 -4.52 -11.47
C ASN A 39 -10.53 -5.80 -10.76
N PRO A 40 -9.64 -6.38 -9.93
CA PRO A 40 -9.91 -7.61 -9.21
C PRO A 40 -10.71 -7.36 -7.94
N LEU A 41 -11.82 -6.68 -8.08
CA LEU A 41 -12.63 -6.35 -6.93
C LEU A 41 -13.48 -7.54 -6.54
N TYR A 42 -12.97 -8.30 -5.59
CA TYR A 42 -13.66 -9.46 -5.03
C TYR A 42 -14.96 -9.04 -4.36
N THR A 43 -14.88 -7.99 -3.58
CA THR A 43 -16.05 -7.47 -2.88
C THR A 43 -17.04 -6.85 -3.86
N GLN A 44 -18.32 -6.89 -3.48
CA GLN A 44 -19.38 -6.41 -4.36
C GLN A 44 -19.24 -4.92 -4.67
N LEU A 45 -18.95 -4.12 -3.63
CA LEU A 45 -18.83 -2.67 -3.79
C LEU A 45 -18.38 -2.03 -2.50
N GLY A 46 -18.06 -0.73 -2.57
CA GLY A 46 -17.69 0.01 -1.40
C GLY A 46 -16.24 -0.19 -1.00
N VAL A 47 -15.98 -1.31 -0.35
CA VAL A 47 -14.65 -1.61 0.14
C VAL A 47 -13.76 -2.18 -0.97
N LEU A 48 -12.48 -1.88 -0.87
CA LEU A 48 -11.50 -2.34 -1.85
C LEU A 48 -11.10 -3.77 -1.62
N THR A 49 -10.52 -4.33 -2.64
CA THR A 49 -10.04 -5.68 -2.61
C THR A 49 -8.53 -5.72 -2.82
N LYS A 50 -7.86 -6.59 -2.08
CA LYS A 50 -6.42 -6.79 -2.18
C LYS A 50 -5.96 -6.95 -3.63
N GLY A 51 -4.77 -6.46 -3.93
CA GLY A 51 -4.26 -6.47 -5.28
C GLY A 51 -4.19 -5.07 -5.88
N THR A 52 -4.39 -4.06 -5.04
CA THR A 52 -4.34 -2.67 -5.48
C THR A 52 -2.89 -2.15 -5.49
N ILE A 53 -2.49 -1.47 -6.56
CA ILE A 53 -1.12 -0.98 -6.67
C ILE A 53 -1.02 0.47 -6.21
N ILE A 54 -0.10 0.73 -5.30
CA ILE A 54 0.11 2.08 -4.80
C ILE A 54 1.56 2.50 -4.97
N GLU A 55 1.81 3.79 -5.00
CA GLU A 55 3.16 4.30 -5.12
C GLU A 55 3.58 4.95 -3.81
N VAL A 56 4.69 4.51 -3.25
CA VAL A 56 5.21 5.07 -2.01
C VAL A 56 6.70 5.35 -2.13
N ASN A 57 7.19 6.25 -1.30
CA ASN A 57 8.61 6.59 -1.32
C ASN A 57 9.35 5.85 -0.23
N VAL A 58 10.35 5.09 -0.63
CA VAL A 58 11.17 4.38 0.30
C VAL A 58 12.46 5.13 0.56
N SER A 59 12.37 6.12 1.41
CA SER A 59 13.52 6.91 1.77
C SER A 59 13.93 6.71 3.22
N ASP A 60 13.04 7.08 4.14
CA ASP A 60 13.32 6.97 5.57
C ASP A 60 12.69 5.72 6.16
N LEU A 61 11.47 5.42 5.70
CA LEU A 61 10.69 4.26 6.16
C LEU A 61 10.29 4.36 7.65
N GLY A 62 10.75 5.42 8.32
CA GLY A 62 10.46 5.57 9.73
C GLY A 62 11.43 4.79 10.60
N ILE A 63 12.45 4.24 9.97
CA ILE A 63 13.46 3.45 10.67
C ILE A 63 14.84 4.01 10.36
N VAL A 64 15.83 3.54 11.07
CA VAL A 64 17.19 3.99 10.85
C VAL A 64 18.11 2.84 10.42
N THR A 65 18.11 2.59 9.12
CA THR A 65 19.00 1.63 8.54
C THR A 65 19.97 2.38 7.64
N ALA A 66 19.43 3.36 6.92
CA ALA A 66 20.20 4.21 6.07
C ALA A 66 19.35 5.37 5.63
N SER A 67 19.91 6.54 5.65
CA SER A 67 19.21 7.74 5.26
C SER A 67 19.07 7.82 3.75
N GLY A 68 18.14 7.04 3.24
CA GLY A 68 17.82 7.07 1.84
C GLY A 68 18.89 6.50 0.92
N LYS A 69 19.51 5.37 1.31
CA LYS A 69 20.50 4.73 0.43
C LYS A 69 19.84 4.25 -0.84
N ILE A 70 18.55 4.00 -0.72
CA ILE A 70 17.74 3.51 -1.80
C ILE A 70 16.49 4.35 -1.95
N ALA A 71 16.61 5.65 -1.67
CA ALA A 71 15.46 6.54 -1.72
C ALA A 71 14.90 6.64 -3.13
N TRP A 72 13.76 6.00 -3.33
CA TRP A 72 13.07 6.00 -4.62
C TRP A 72 11.58 5.82 -4.42
N GLY A 73 10.82 6.08 -5.46
CA GLY A 73 9.40 5.82 -5.41
C GLY A 73 9.14 4.45 -5.98
N ARG A 74 8.57 3.57 -5.16
CA ARG A 74 8.34 2.21 -5.57
C ARG A 74 6.90 1.82 -5.34
N TYR A 75 6.49 0.75 -5.97
CA TYR A 75 5.11 0.34 -5.92
C TYR A 75 4.92 -0.83 -4.98
N ALA A 76 3.84 -0.78 -4.24
CA ALA A 76 3.50 -1.82 -3.30
C ALA A 76 2.08 -2.26 -3.54
N GLN A 77 1.80 -3.51 -3.30
CA GLN A 77 0.48 -4.02 -3.51
C GLN A 77 -0.29 -4.10 -2.19
N ILE A 78 -1.50 -3.58 -2.24
CA ILE A 78 -2.39 -3.56 -1.10
C ILE A 78 -3.00 -4.91 -0.89
N THR A 79 -2.85 -5.43 0.28
CA THR A 79 -3.43 -6.68 0.66
C THR A 79 -4.06 -6.53 2.04
N ASN A 80 -5.36 -6.41 2.07
CA ASN A 80 -6.03 -6.23 3.33
C ASN A 80 -6.29 -7.56 3.99
N ASN A 81 -5.85 -7.69 5.22
CA ASN A 81 -6.05 -8.91 5.98
C ASN A 81 -6.70 -8.54 7.31
N PRO A 82 -7.98 -8.17 7.28
CA PRO A 82 -8.70 -7.74 8.48
C PRO A 82 -8.94 -8.88 9.46
N GLU A 83 -8.97 -10.09 8.94
CA GLU A 83 -9.22 -11.26 9.75
C GLU A 83 -7.98 -11.66 10.55
N ASN A 84 -6.83 -11.12 10.15
CA ASN A 84 -5.57 -11.41 10.83
C ASN A 84 -5.02 -10.17 11.52
N ASP A 85 -4.84 -9.12 10.75
CA ASP A 85 -4.29 -7.87 11.25
C ASP A 85 -5.39 -6.91 11.68
N GLY A 86 -6.52 -6.98 11.00
CA GLY A 86 -7.61 -6.07 11.31
C GLY A 86 -7.38 -4.69 10.74
N CYS A 87 -6.52 -4.61 9.74
CA CYS A 87 -6.16 -3.35 9.11
C CYS A 87 -5.77 -3.57 7.66
N VAL A 88 -5.73 -2.47 6.89
CA VAL A 88 -5.32 -2.53 5.51
C VAL A 88 -3.80 -2.57 5.46
N ASN A 89 -3.27 -3.62 4.84
CA ASN A 89 -1.86 -3.83 4.79
C ASN A 89 -1.35 -3.68 3.38
N ALA A 90 -0.11 -3.31 3.25
CA ALA A 90 0.53 -3.19 1.96
C ALA A 90 1.88 -3.88 2.00
N VAL A 91 2.23 -4.54 0.93
CA VAL A 91 3.50 -5.19 0.86
C VAL A 91 4.26 -4.72 -0.37
N LEU A 92 5.52 -4.39 -0.19
CA LEU A 92 6.32 -3.89 -1.26
C LEU A 92 7.23 -4.99 -1.80
N LEU A 93 7.11 -5.22 -3.09
CA LEU A 93 7.88 -6.25 -3.77
C LEU A 93 9.38 -5.92 -3.76
N VAL A 94 10.19 -6.93 -3.49
CA VAL A 94 11.63 -6.74 -3.43
C VAL A 94 12.33 -7.72 -4.35
N TYR A 1 -1.73 14.55 -12.36
CA TYR A 1 -2.78 14.93 -13.33
C TYR A 1 -4.15 14.84 -12.70
N GLU A 2 -4.15 14.69 -11.37
CA GLU A 2 -5.36 14.59 -10.56
C GLU A 2 -6.14 13.28 -10.80
N ARG A 3 -5.79 12.57 -11.85
CA ARG A 3 -6.47 11.34 -12.19
C ARG A 3 -5.96 10.19 -11.34
N PHE A 4 -6.61 9.96 -10.22
CA PHE A 4 -6.28 8.87 -9.34
C PHE A 4 -7.48 7.97 -9.16
N ILE A 5 -7.36 6.74 -9.61
CA ILE A 5 -8.45 5.77 -9.49
C ILE A 5 -8.46 5.17 -8.09
N ARG A 6 -9.41 5.64 -7.30
CA ARG A 6 -9.51 5.26 -5.91
C ARG A 6 -10.95 4.93 -5.53
N PRO A 7 -11.17 4.22 -4.41
CA PRO A 7 -12.50 3.86 -3.96
C PRO A 7 -13.11 4.97 -3.11
N MET A 8 -13.63 4.61 -1.97
CA MET A 8 -14.32 5.57 -1.10
C MET A 8 -13.33 6.19 -0.10
N GLY A 9 -12.16 6.55 -0.60
CA GLY A 9 -11.15 7.20 0.22
C GLY A 9 -10.35 6.21 1.06
N LEU A 10 -10.66 4.90 0.91
CA LEU A 10 -10.03 3.81 1.68
C LEU A 10 -9.87 4.19 3.16
N ARG A 11 -8.85 3.67 3.83
CA ARG A 11 -8.65 4.02 5.24
C ARG A 11 -8.15 5.45 5.37
N TYR A 12 -7.15 5.79 4.58
CA TYR A 12 -6.52 7.10 4.60
C TYR A 12 -5.45 7.13 3.51
N LYS A 13 -4.86 8.28 3.26
CA LYS A 13 -3.77 8.42 2.30
C LYS A 13 -2.47 7.84 2.86
N LYS A 14 -2.56 6.74 3.59
CA LYS A 14 -1.41 6.12 4.23
C LYS A 14 -1.66 4.61 4.41
N ALA A 15 -0.63 3.80 4.21
CA ALA A 15 -0.75 2.33 4.32
C ALA A 15 0.45 1.72 5.02
N ASN A 16 0.26 0.54 5.61
CA ASN A 16 1.34 -0.15 6.30
C ASN A 16 2.12 -0.99 5.32
N VAL A 17 3.27 -0.49 4.93
CA VAL A 17 4.10 -1.12 3.93
C VAL A 17 5.10 -2.08 4.58
N THR A 18 5.09 -3.30 4.13
CA THR A 18 6.00 -4.29 4.64
C THR A 18 7.08 -4.59 3.62
N HIS A 19 8.32 -4.43 4.03
CA HIS A 19 9.46 -4.70 3.17
C HIS A 19 10.11 -6.01 3.57
N PRO A 20 10.09 -7.02 2.68
CA PRO A 20 10.70 -8.33 2.95
C PRO A 20 12.22 -8.20 3.14
N THR A 21 12.75 -7.09 2.65
CA THR A 21 14.16 -6.79 2.77
C THR A 21 14.54 -6.61 4.25
N LEU A 22 13.67 -5.95 4.99
CA LEU A 22 13.93 -5.66 6.41
C LEU A 22 13.06 -6.53 7.28
N ASN A 23 12.04 -7.11 6.67
CA ASN A 23 11.04 -7.93 7.38
C ASN A 23 10.34 -7.09 8.44
N VAL A 24 10.02 -5.86 8.08
CA VAL A 24 9.40 -4.94 9.00
C VAL A 24 8.24 -4.22 8.32
N THR A 25 7.24 -3.87 9.08
CA THR A 25 6.12 -3.16 8.57
C THR A 25 6.19 -1.70 9.02
N VAL A 26 6.23 -0.80 8.08
CA VAL A 26 6.29 0.62 8.36
C VAL A 26 5.19 1.34 7.61
N GLN A 27 4.55 2.28 8.25
CA GLN A 27 3.42 2.95 7.65
C GLN A 27 3.85 4.24 6.95
N LEU A 28 3.62 4.31 5.64
CA LEU A 28 3.99 5.48 4.85
C LEU A 28 2.82 5.98 4.01
N PRO A 29 2.81 7.30 3.68
CA PRO A 29 1.77 7.92 2.84
C PRO A 29 1.71 7.32 1.44
N ILE A 30 0.50 7.25 0.88
CA ILE A 30 0.30 6.72 -0.46
C ILE A 30 0.31 7.87 -1.47
N LEU A 31 1.25 7.83 -2.38
CA LEU A 31 1.40 8.88 -3.38
C LEU A 31 0.41 8.72 -4.52
N SER A 32 0.30 7.52 -5.03
CA SER A 32 -0.57 7.25 -6.16
C SER A 32 -1.27 5.91 -5.98
N VAL A 33 -2.46 5.79 -6.53
CA VAL A 33 -3.22 4.55 -6.43
C VAL A 33 -3.68 4.10 -7.81
N LYS A 34 -3.69 2.80 -8.04
CA LYS A 34 -4.13 2.23 -9.30
C LYS A 34 -4.96 0.96 -9.08
N LYS A 35 -6.28 1.07 -9.20
CA LYS A 35 -7.13 -0.10 -9.12
C LYS A 35 -6.93 -0.94 -10.37
N ASN A 36 -7.02 -2.24 -10.22
CA ASN A 36 -6.79 -3.13 -11.35
C ASN A 36 -8.06 -3.32 -12.16
N PRO A 37 -8.06 -2.89 -13.43
CA PRO A 37 -9.19 -3.12 -14.32
C PRO A 37 -9.25 -4.59 -14.72
N SER A 38 -8.11 -5.25 -14.62
CA SER A 38 -7.99 -6.66 -14.93
C SER A 38 -8.77 -7.51 -13.94
N ASN A 39 -8.73 -7.14 -12.66
CA ASN A 39 -9.39 -7.88 -11.62
C ASN A 39 -10.89 -7.77 -11.76
N PRO A 40 -11.59 -8.90 -11.78
CA PRO A 40 -13.04 -8.96 -11.92
C PRO A 40 -13.78 -8.56 -10.65
N LEU A 41 -13.91 -7.27 -10.42
CA LEU A 41 -14.69 -6.78 -9.30
C LEU A 41 -16.16 -7.01 -9.57
N TYR A 42 -16.89 -7.34 -8.53
CA TYR A 42 -18.32 -7.60 -8.66
C TYR A 42 -19.03 -6.35 -9.16
N THR A 43 -18.69 -5.24 -8.58
CA THR A 43 -19.21 -3.96 -8.98
C THR A 43 -18.06 -3.15 -9.59
N GLN A 44 -18.31 -2.56 -10.75
CA GLN A 44 -17.26 -1.79 -11.44
C GLN A 44 -16.78 -0.63 -10.56
N LEU A 45 -17.71 0.00 -9.89
CA LEU A 45 -17.40 1.09 -8.98
C LEU A 45 -17.33 0.57 -7.55
N GLY A 46 -17.13 -0.74 -7.43
CA GLY A 46 -17.12 -1.41 -6.14
C GLY A 46 -15.92 -1.04 -5.28
N VAL A 47 -15.96 -1.48 -4.04
CA VAL A 47 -14.93 -1.18 -3.06
C VAL A 47 -13.58 -1.76 -3.46
N LEU A 48 -12.55 -1.32 -2.77
CA LEU A 48 -11.19 -1.71 -3.07
C LEU A 48 -10.89 -3.12 -2.58
N THR A 49 -10.36 -3.95 -3.46
CA THR A 49 -9.94 -5.28 -3.09
C THR A 49 -8.41 -5.37 -3.07
N LYS A 50 -7.89 -6.39 -2.42
CA LYS A 50 -6.46 -6.61 -2.34
C LYS A 50 -5.87 -6.96 -3.70
N GLY A 51 -4.62 -6.60 -3.88
CA GLY A 51 -3.94 -6.81 -5.15
C GLY A 51 -3.79 -5.51 -5.90
N THR A 52 -4.19 -4.43 -5.26
CA THR A 52 -4.14 -3.10 -5.88
C THR A 52 -2.73 -2.51 -5.81
N ILE A 53 -2.26 -1.95 -6.91
CA ILE A 53 -0.90 -1.40 -6.96
C ILE A 53 -0.89 0.09 -6.63
N ILE A 54 -0.08 0.47 -5.66
CA ILE A 54 0.03 1.86 -5.25
C ILE A 54 1.48 2.32 -5.17
N GLU A 55 1.66 3.61 -5.11
CA GLU A 55 2.98 4.21 -4.99
C GLU A 55 3.13 4.77 -3.58
N VAL A 56 4.21 4.42 -2.91
CA VAL A 56 4.45 4.90 -1.56
C VAL A 56 5.82 5.56 -1.45
N ASN A 57 5.94 6.46 -0.49
CA ASN A 57 7.18 7.17 -0.27
C ASN A 57 7.96 6.53 0.86
N VAL A 58 9.04 5.84 0.50
CA VAL A 58 9.88 5.19 1.50
C VAL A 58 11.17 5.97 1.68
N SER A 59 11.11 7.24 1.36
CA SER A 59 12.22 8.13 1.57
C SER A 59 12.17 8.68 3.00
N ASP A 60 10.96 8.68 3.57
CA ASP A 60 10.73 9.20 4.93
C ASP A 60 11.55 8.46 5.99
N LEU A 61 11.64 7.14 5.84
CA LEU A 61 12.38 6.34 6.82
C LEU A 61 13.78 6.03 6.35
N GLY A 62 14.12 6.47 5.17
CA GLY A 62 15.43 6.21 4.64
C GLY A 62 16.44 7.22 5.12
N ILE A 63 16.41 7.50 6.41
CA ILE A 63 17.29 8.49 7.01
C ILE A 63 18.65 7.86 7.32
N VAL A 64 18.68 7.04 8.35
CA VAL A 64 19.92 6.41 8.77
C VAL A 64 19.65 4.94 9.17
N THR A 65 18.46 4.47 8.86
CA THR A 65 18.04 3.12 9.20
C THR A 65 18.89 2.07 8.48
N ALA A 66 19.23 2.36 7.24
CA ALA A 66 20.07 1.49 6.44
C ALA A 66 20.98 2.34 5.57
N SER A 67 21.77 3.17 6.22
CA SER A 67 22.70 4.09 5.54
C SER A 67 21.97 5.08 4.62
N GLY A 68 20.64 5.11 4.73
CA GLY A 68 19.85 6.02 3.94
C GLY A 68 19.61 5.53 2.52
N LYS A 69 20.11 4.33 2.21
CA LYS A 69 20.00 3.79 0.85
C LYS A 69 18.59 3.37 0.50
N ILE A 70 17.78 3.14 1.51
CA ILE A 70 16.42 2.70 1.29
C ILE A 70 15.48 3.85 0.96
N ALA A 71 16.00 5.07 1.01
CA ALA A 71 15.18 6.25 0.75
C ALA A 71 14.87 6.37 -0.73
N TRP A 72 13.62 6.12 -1.10
CA TRP A 72 13.22 6.18 -2.51
C TRP A 72 11.69 6.11 -2.63
N GLY A 73 11.20 6.05 -3.85
CA GLY A 73 9.78 5.87 -4.08
C GLY A 73 9.53 4.48 -4.61
N ARG A 74 8.64 3.74 -3.98
CA ARG A 74 8.41 2.35 -4.36
C ARG A 74 6.94 2.08 -4.59
N TYR A 75 6.66 1.05 -5.36
CA TYR A 75 5.30 0.62 -5.61
C TYR A 75 4.99 -0.60 -4.78
N ALA A 76 3.85 -0.59 -4.14
CA ALA A 76 3.47 -1.67 -3.27
C ALA A 76 2.07 -2.15 -3.59
N GLN A 77 1.81 -3.39 -3.25
CA GLN A 77 0.52 -3.99 -3.49
C GLN A 77 -0.31 -3.99 -2.21
N ILE A 78 -1.50 -3.42 -2.28
CA ILE A 78 -2.39 -3.37 -1.15
C ILE A 78 -3.04 -4.70 -0.90
N THR A 79 -2.90 -5.18 0.30
CA THR A 79 -3.54 -6.36 0.76
C THR A 79 -4.16 -6.06 2.13
N ASN A 80 -5.43 -5.71 2.10
CA ASN A 80 -6.15 -5.33 3.30
C ASN A 80 -6.61 -6.53 4.08
N ASN A 81 -6.10 -6.67 5.28
CA ASN A 81 -6.50 -7.77 6.15
C ASN A 81 -6.83 -7.24 7.53
N PRO A 82 -7.98 -6.54 7.67
CA PRO A 82 -8.38 -5.98 8.95
C PRO A 82 -8.84 -7.06 9.94
N GLU A 83 -9.19 -8.22 9.43
CA GLU A 83 -9.62 -9.30 10.27
C GLU A 83 -8.44 -10.12 10.77
N ASN A 84 -7.34 -10.08 10.02
CA ASN A 84 -6.16 -10.85 10.40
C ASN A 84 -5.11 -9.95 11.05
N ASP A 85 -4.69 -8.93 10.33
CA ASP A 85 -3.72 -7.98 10.83
C ASP A 85 -4.41 -6.90 11.64
N GLY A 86 -5.57 -6.48 11.14
CA GLY A 86 -6.32 -5.44 11.80
C GLY A 86 -6.21 -4.12 11.07
N CYS A 87 -5.31 -4.06 10.11
CA CYS A 87 -5.08 -2.84 9.33
C CYS A 87 -4.96 -3.16 7.84
N VAL A 88 -4.96 -2.11 7.02
CA VAL A 88 -4.73 -2.26 5.59
C VAL A 88 -3.24 -2.21 5.34
N ASN A 89 -2.71 -3.28 4.79
CA ASN A 89 -1.28 -3.38 4.61
C ASN A 89 -0.90 -3.42 3.15
N ALA A 90 0.27 -2.93 2.84
CA ALA A 90 0.80 -2.96 1.51
C ALA A 90 2.12 -3.72 1.51
N VAL A 91 2.35 -4.51 0.49
CA VAL A 91 3.58 -5.27 0.40
C VAL A 91 4.37 -4.88 -0.85
N LEU A 92 5.67 -4.75 -0.70
CA LEU A 92 6.53 -4.34 -1.80
C LEU A 92 6.72 -5.48 -2.77
N LEU A 93 6.40 -5.24 -4.03
CA LEU A 93 6.65 -6.22 -5.06
C LEU A 93 8.06 -6.01 -5.57
N VAL A 94 8.99 -6.70 -4.97
CA VAL A 94 10.39 -6.52 -5.28
C VAL A 94 10.74 -7.19 -6.60
N TYR A 1 -7.20 8.75 -15.39
CA TYR A 1 -6.32 8.82 -14.21
C TYR A 1 -7.02 9.46 -13.02
N GLU A 2 -8.34 9.51 -13.07
CA GLU A 2 -9.10 10.12 -12.02
C GLU A 2 -10.17 9.17 -11.51
N ARG A 3 -9.71 8.19 -10.76
CA ARG A 3 -10.59 7.20 -10.17
C ARG A 3 -10.29 7.10 -8.69
N PHE A 4 -11.28 6.77 -7.91
CA PHE A 4 -11.12 6.71 -6.48
C PHE A 4 -11.03 5.27 -6.01
N ILE A 5 -9.84 4.85 -5.62
CA ILE A 5 -9.65 3.51 -5.11
C ILE A 5 -9.51 3.57 -3.60
N ARG A 6 -10.58 3.24 -2.90
CA ARG A 6 -10.61 3.28 -1.46
C ARG A 6 -11.77 2.45 -0.93
N PRO A 7 -11.67 1.91 0.30
CA PRO A 7 -12.75 1.13 0.91
C PRO A 7 -14.02 1.95 1.05
N MET A 8 -13.84 3.18 1.54
CA MET A 8 -14.93 4.12 1.71
C MET A 8 -14.36 5.52 1.73
N GLY A 9 -13.32 5.69 2.52
CA GLY A 9 -12.66 6.97 2.65
C GLY A 9 -12.10 7.12 4.03
N LEU A 10 -10.90 6.58 4.24
CA LEU A 10 -10.25 6.61 5.53
C LEU A 10 -9.75 8.03 5.86
N ARG A 11 -9.37 8.23 7.12
CA ARG A 11 -8.98 9.56 7.62
C ARG A 11 -7.74 10.13 6.91
N TYR A 12 -6.87 9.28 6.42
CA TYR A 12 -5.65 9.74 5.76
C TYR A 12 -5.14 8.66 4.83
N LYS A 13 -4.60 9.06 3.68
CA LYS A 13 -4.07 8.10 2.72
C LYS A 13 -2.82 7.43 3.28
N LYS A 14 -3.00 6.33 3.96
CA LYS A 14 -1.89 5.62 4.58
C LYS A 14 -2.21 4.14 4.73
N ALA A 15 -1.22 3.29 4.49
CA ALA A 15 -1.39 1.85 4.58
C ALA A 15 -0.30 1.25 5.45
N ASN A 16 -0.55 0.07 5.98
CA ASN A 16 0.43 -0.59 6.82
C ASN A 16 1.39 -1.36 5.93
N VAL A 17 2.61 -0.85 5.78
CA VAL A 17 3.55 -1.42 4.82
C VAL A 17 4.64 -2.26 5.49
N THR A 18 4.76 -3.47 5.04
CA THR A 18 5.81 -4.35 5.52
C THR A 18 6.88 -4.44 4.43
N HIS A 19 8.11 -4.17 4.81
CA HIS A 19 9.21 -4.19 3.87
C HIS A 19 10.00 -5.46 4.09
N PRO A 20 9.91 -6.41 3.15
CA PRO A 20 10.61 -7.71 3.27
C PRO A 20 12.13 -7.55 3.21
N THR A 21 12.57 -6.43 2.67
CA THR A 21 13.97 -6.14 2.55
C THR A 21 14.60 -6.00 3.94
N LEU A 22 13.87 -5.36 4.84
CA LEU A 22 14.35 -5.11 6.20
C LEU A 22 13.60 -6.01 7.16
N ASN A 23 12.51 -6.56 6.67
CA ASN A 23 11.59 -7.39 7.46
C ASN A 23 11.03 -6.57 8.63
N VAL A 24 10.47 -5.40 8.28
CA VAL A 24 9.94 -4.49 9.26
C VAL A 24 8.59 -3.97 8.79
N THR A 25 7.68 -3.79 9.72
CA THR A 25 6.37 -3.28 9.41
C THR A 25 6.24 -1.83 9.86
N VAL A 26 6.05 -0.96 8.89
CA VAL A 26 5.92 0.46 9.14
C VAL A 26 4.69 0.98 8.40
N GLN A 27 3.83 1.69 9.09
CA GLN A 27 2.68 2.25 8.43
C GLN A 27 3.14 3.48 7.65
N LEU A 28 2.93 3.47 6.36
CA LEU A 28 3.48 4.51 5.51
C LEU A 28 2.37 5.14 4.66
N PRO A 29 2.42 6.46 4.45
CA PRO A 29 1.40 7.19 3.67
C PRO A 29 1.44 6.83 2.18
N ILE A 30 0.30 6.92 1.54
CA ILE A 30 0.16 6.58 0.15
C ILE A 30 0.27 7.84 -0.71
N LEU A 31 1.28 7.88 -1.57
CA LEU A 31 1.46 9.01 -2.47
C LEU A 31 0.42 8.98 -3.59
N SER A 32 0.19 7.79 -4.15
CA SER A 32 -0.76 7.61 -5.22
C SER A 32 -1.22 6.17 -5.29
N VAL A 33 -2.33 5.96 -5.95
CA VAL A 33 -2.92 4.65 -6.06
C VAL A 33 -3.28 4.34 -7.51
N LYS A 34 -3.01 3.11 -7.91
CA LYS A 34 -3.25 2.68 -9.28
C LYS A 34 -4.16 1.45 -9.30
N LYS A 35 -5.23 1.52 -10.08
CA LYS A 35 -6.09 0.38 -10.26
C LYS A 35 -5.59 -0.43 -11.44
N ASN A 36 -5.33 -1.70 -11.25
CA ASN A 36 -4.87 -2.54 -12.33
C ASN A 36 -5.97 -3.48 -12.79
N PRO A 37 -6.05 -3.74 -14.10
CA PRO A 37 -7.07 -4.63 -14.69
C PRO A 37 -6.82 -6.10 -14.34
N SER A 38 -5.60 -6.40 -13.92
CA SER A 38 -5.23 -7.75 -13.55
C SER A 38 -6.08 -8.26 -12.39
N ASN A 39 -6.32 -7.38 -11.43
CA ASN A 39 -7.11 -7.73 -10.27
C ASN A 39 -8.35 -6.86 -10.19
N PRO A 40 -9.52 -7.39 -10.59
CA PRO A 40 -10.77 -6.63 -10.59
C PRO A 40 -11.26 -6.34 -9.18
N LEU A 41 -11.93 -5.20 -9.01
CA LEU A 41 -12.44 -4.79 -7.72
C LEU A 41 -13.65 -5.58 -7.33
N TYR A 42 -13.95 -5.56 -6.04
CA TYR A 42 -15.08 -6.27 -5.48
C TYR A 42 -16.37 -5.78 -6.12
N THR A 43 -16.49 -4.47 -6.24
CA THR A 43 -17.66 -3.88 -6.83
C THR A 43 -17.28 -2.68 -7.70
N GLN A 44 -18.27 -2.09 -8.35
CA GLN A 44 -18.06 -0.97 -9.27
C GLN A 44 -17.48 0.27 -8.58
N LEU A 45 -17.96 0.54 -7.38
CA LEU A 45 -17.48 1.69 -6.62
C LEU A 45 -17.42 1.35 -5.13
N GLY A 46 -16.30 1.71 -4.51
CA GLY A 46 -16.10 1.42 -3.12
C GLY A 46 -15.59 0.01 -2.91
N VAL A 47 -15.25 -0.32 -1.66
CA VAL A 47 -14.76 -1.66 -1.28
C VAL A 47 -13.71 -2.22 -2.27
N LEU A 48 -12.45 -1.89 -2.03
CA LEU A 48 -11.39 -2.36 -2.89
C LEU A 48 -10.96 -3.76 -2.49
N THR A 49 -10.06 -4.35 -3.24
CA THR A 49 -9.61 -5.68 -2.96
C THR A 49 -8.09 -5.74 -2.98
N LYS A 50 -7.56 -6.90 -2.63
CA LYS A 50 -6.12 -7.09 -2.61
C LYS A 50 -5.58 -7.19 -4.03
N GLY A 51 -4.34 -6.82 -4.20
CA GLY A 51 -3.74 -6.81 -5.50
C GLY A 51 -3.71 -5.42 -6.08
N THR A 52 -4.05 -4.44 -5.25
CA THR A 52 -4.07 -3.05 -5.68
C THR A 52 -2.66 -2.47 -5.58
N ILE A 53 -2.25 -1.67 -6.55
CA ILE A 53 -0.89 -1.12 -6.55
C ILE A 53 -0.89 0.33 -6.07
N ILE A 54 -0.06 0.63 -5.09
CA ILE A 54 0.08 1.99 -4.58
C ILE A 54 1.52 2.44 -4.64
N GLU A 55 1.73 3.73 -4.67
CA GLU A 55 3.06 4.29 -4.69
C GLU A 55 3.35 4.95 -3.35
N VAL A 56 4.44 4.57 -2.73
CA VAL A 56 4.81 5.12 -1.44
C VAL A 56 6.24 5.62 -1.45
N ASN A 57 6.54 6.50 -0.52
CA ASN A 57 7.88 7.06 -0.42
C ASN A 57 8.75 6.22 0.47
N VAL A 58 9.67 5.51 -0.12
CA VAL A 58 10.60 4.72 0.64
C VAL A 58 11.82 5.57 0.95
N SER A 59 11.67 6.43 1.93
CA SER A 59 12.72 7.33 2.36
C SER A 59 12.33 7.97 3.69
N ASP A 60 11.09 8.45 3.76
CA ASP A 60 10.57 9.11 4.96
C ASP A 60 10.23 8.13 6.07
N LEU A 61 10.36 6.84 5.80
CA LEU A 61 10.08 5.82 6.83
C LEU A 61 11.05 5.94 8.01
N GLY A 62 12.14 6.68 7.80
CA GLY A 62 13.08 6.97 8.88
C GLY A 62 14.21 5.97 8.98
N ILE A 63 14.10 4.85 8.30
CA ILE A 63 15.14 3.85 8.33
C ILE A 63 15.51 3.38 6.95
N VAL A 64 16.71 2.93 6.85
CA VAL A 64 17.26 2.37 5.63
C VAL A 64 18.64 1.82 5.95
N THR A 65 18.86 0.57 5.63
CA THR A 65 20.14 -0.05 5.92
C THR A 65 21.09 0.05 4.72
N ALA A 66 20.55 0.46 3.59
CA ALA A 66 21.31 0.55 2.35
C ALA A 66 21.86 1.96 2.11
N SER A 67 21.97 2.75 3.18
CA SER A 67 22.50 4.12 3.09
C SER A 67 21.68 5.00 2.13
N GLY A 68 20.40 4.68 1.99
CA GLY A 68 19.53 5.47 1.12
C GLY A 68 19.64 5.06 -0.34
N LYS A 69 20.40 4.00 -0.61
CA LYS A 69 20.62 3.53 -1.97
C LYS A 69 19.31 3.13 -2.60
N ILE A 70 18.48 2.51 -1.82
CA ILE A 70 17.19 2.04 -2.28
C ILE A 70 16.06 3.01 -1.94
N ALA A 71 16.40 4.24 -1.57
CA ALA A 71 15.39 5.20 -1.17
C ALA A 71 14.84 5.95 -2.37
N TRP A 72 13.62 5.59 -2.76
CA TRP A 72 12.91 6.20 -3.89
C TRP A 72 11.42 6.05 -3.68
N GLY A 73 10.63 6.64 -4.55
CA GLY A 73 9.22 6.39 -4.52
C GLY A 73 8.95 5.06 -5.18
N ARG A 74 8.50 4.11 -4.41
CA ARG A 74 8.34 2.75 -4.91
C ARG A 74 6.94 2.28 -4.69
N TYR A 75 6.52 1.31 -5.46
CA TYR A 75 5.16 0.83 -5.40
C TYR A 75 5.06 -0.48 -4.62
N ALA A 76 3.93 -0.65 -3.98
CA ALA A 76 3.66 -1.80 -3.15
C ALA A 76 2.29 -2.36 -3.45
N GLN A 77 2.07 -3.62 -3.10
CA GLN A 77 0.82 -4.27 -3.36
C GLN A 77 -0.07 -4.29 -2.12
N ILE A 78 -1.28 -3.83 -2.29
CA ILE A 78 -2.28 -3.82 -1.24
C ILE A 78 -2.83 -5.19 -1.03
N THR A 79 -2.76 -5.64 0.20
CA THR A 79 -3.29 -6.90 0.62
C THR A 79 -4.15 -6.67 1.86
N ASN A 80 -5.45 -6.67 1.65
CA ASN A 80 -6.37 -6.43 2.73
C ASN A 80 -6.50 -7.67 3.59
N ASN A 81 -6.18 -7.54 4.86
CA ASN A 81 -6.33 -8.63 5.81
C ASN A 81 -7.10 -8.14 7.03
N PRO A 82 -8.41 -7.89 6.86
CA PRO A 82 -9.24 -7.36 7.94
C PRO A 82 -9.52 -8.39 9.02
N GLU A 83 -9.35 -9.65 8.68
CA GLU A 83 -9.59 -10.72 9.64
C GLU A 83 -8.34 -10.97 10.46
N ASN A 84 -7.18 -10.61 9.92
CA ASN A 84 -5.93 -10.81 10.61
C ASN A 84 -5.54 -9.60 11.41
N ASP A 85 -5.47 -8.45 10.76
CA ASP A 85 -5.09 -7.22 11.44
C ASP A 85 -6.30 -6.33 11.65
N GLY A 86 -7.18 -6.31 10.66
CA GLY A 86 -8.36 -5.48 10.75
C GLY A 86 -8.24 -4.20 9.95
N CYS A 87 -7.20 -4.10 9.13
CA CYS A 87 -7.00 -2.90 8.33
C CYS A 87 -6.37 -3.23 6.97
N VAL A 88 -6.19 -2.20 6.14
CA VAL A 88 -5.59 -2.34 4.83
C VAL A 88 -4.08 -2.41 4.96
N ASN A 89 -3.52 -3.49 4.47
CA ASN A 89 -2.09 -3.73 4.59
C ASN A 89 -1.45 -3.67 3.22
N ALA A 90 -0.22 -3.27 3.17
CA ALA A 90 0.51 -3.22 1.92
C ALA A 90 1.86 -3.91 2.06
N VAL A 91 2.27 -4.59 1.01
CA VAL A 91 3.55 -5.27 1.00
C VAL A 91 4.38 -4.78 -0.19
N LEU A 92 5.62 -4.44 0.08
CA LEU A 92 6.50 -3.91 -0.94
C LEU A 92 7.16 -5.04 -1.73
N LEU A 93 7.02 -4.97 -3.03
CA LEU A 93 7.62 -5.95 -3.90
C LEU A 93 8.99 -5.47 -4.35
N VAL A 94 9.98 -6.31 -4.21
CA VAL A 94 11.34 -5.94 -4.57
C VAL A 94 11.60 -6.13 -6.06
N TYR A 1 -9.98 10.39 -12.46
CA TYR A 1 -9.47 9.58 -13.57
C TYR A 1 -8.51 8.50 -13.08
N GLU A 2 -9.06 7.31 -12.81
CA GLU A 2 -8.30 6.17 -12.36
C GLU A 2 -7.59 6.48 -11.03
N ARG A 3 -8.19 7.37 -10.26
CA ARG A 3 -7.63 7.79 -8.98
C ARG A 3 -8.65 7.65 -7.86
N PHE A 4 -9.85 7.25 -8.22
CA PHE A 4 -10.90 7.13 -7.24
C PHE A 4 -10.94 5.70 -6.67
N ILE A 5 -10.02 5.41 -5.75
CA ILE A 5 -10.00 4.11 -5.10
C ILE A 5 -10.10 4.30 -3.58
N ARG A 6 -11.16 3.77 -3.00
CA ARG A 6 -11.38 3.82 -1.55
C ARG A 6 -12.45 2.82 -1.16
N PRO A 7 -12.44 2.35 0.10
CA PRO A 7 -13.46 1.41 0.60
C PRO A 7 -14.87 2.01 0.56
N MET A 8 -14.97 3.26 0.99
CA MET A 8 -16.21 4.01 1.02
C MET A 8 -15.91 5.38 1.62
N GLY A 9 -14.69 5.81 1.39
CA GLY A 9 -14.21 6.99 2.01
C GLY A 9 -13.23 6.62 3.09
N LEU A 10 -12.29 7.47 3.36
CA LEU A 10 -11.28 7.19 4.36
C LEU A 10 -10.77 8.48 4.99
N ARG A 11 -10.26 8.38 6.21
CA ARG A 11 -9.80 9.56 6.95
C ARG A 11 -8.53 10.15 6.32
N TYR A 12 -7.68 9.28 5.80
CA TYR A 12 -6.46 9.71 5.14
C TYR A 12 -5.87 8.51 4.42
N LYS A 13 -5.17 8.75 3.33
CA LYS A 13 -4.60 7.67 2.54
C LYS A 13 -3.36 7.09 3.21
N LYS A 14 -3.56 6.10 4.06
CA LYS A 14 -2.47 5.43 4.72
C LYS A 14 -2.53 3.95 4.46
N ALA A 15 -1.38 3.33 4.33
CA ALA A 15 -1.30 1.90 4.17
C ALA A 15 -0.16 1.36 5.02
N ASN A 16 -0.35 0.16 5.57
CA ASN A 16 0.68 -0.44 6.39
C ASN A 16 1.64 -1.19 5.48
N VAL A 17 2.77 -0.57 5.19
CA VAL A 17 3.70 -1.10 4.20
C VAL A 17 4.75 -2.01 4.84
N THR A 18 4.78 -3.24 4.39
CA THR A 18 5.74 -4.21 4.85
C THR A 18 6.89 -4.30 3.86
N HIS A 19 8.10 -4.08 4.35
CA HIS A 19 9.28 -4.12 3.54
C HIS A 19 9.98 -5.45 3.72
N PRO A 20 10.02 -6.29 2.69
CA PRO A 20 10.66 -7.62 2.76
C PRO A 20 12.18 -7.51 2.96
N THR A 21 12.69 -6.33 2.69
CA THR A 21 14.09 -6.05 2.83
C THR A 21 14.50 -6.14 4.31
N LEU A 22 13.67 -5.58 5.18
CA LEU A 22 13.98 -5.49 6.62
C LEU A 22 13.01 -6.32 7.42
N ASN A 23 11.98 -6.80 6.74
CA ASN A 23 10.91 -7.59 7.39
C ASN A 23 10.20 -6.73 8.45
N VAL A 24 9.96 -5.47 8.10
CA VAL A 24 9.34 -4.54 9.01
C VAL A 24 8.17 -3.88 8.31
N THR A 25 7.14 -3.53 9.07
CA THR A 25 6.00 -2.90 8.47
C THR A 25 5.71 -1.56 9.16
N VAL A 26 5.56 -0.52 8.36
CA VAL A 26 5.30 0.82 8.84
C VAL A 26 4.17 1.45 8.03
N GLN A 27 3.26 2.14 8.68
CA GLN A 27 2.16 2.76 7.97
C GLN A 27 2.61 4.07 7.32
N LEU A 28 2.64 4.10 6.01
CA LEU A 28 3.02 5.28 5.26
C LEU A 28 1.85 5.79 4.43
N PRO A 29 1.85 7.09 4.09
CA PRO A 29 0.82 7.68 3.26
C PRO A 29 0.92 7.19 1.81
N ILE A 30 -0.21 7.06 1.16
CA ILE A 30 -0.25 6.64 -0.22
C ILE A 30 -0.09 7.86 -1.14
N LEU A 31 1.07 7.98 -1.77
CA LEU A 31 1.33 9.09 -2.68
C LEU A 31 0.49 8.97 -3.95
N SER A 32 0.41 7.76 -4.47
CA SER A 32 -0.34 7.49 -5.68
C SER A 32 -1.04 6.16 -5.55
N VAL A 33 -2.22 6.04 -6.12
CA VAL A 33 -2.98 4.83 -6.03
C VAL A 33 -3.62 4.46 -7.36
N LYS A 34 -3.59 3.18 -7.69
CA LYS A 34 -4.20 2.67 -8.89
C LYS A 34 -5.07 1.47 -8.58
N LYS A 35 -6.13 1.32 -9.35
CA LYS A 35 -7.03 0.19 -9.20
C LYS A 35 -6.37 -1.07 -9.74
N ASN A 36 -6.84 -2.22 -9.32
CA ASN A 36 -6.27 -3.49 -9.78
C ASN A 36 -6.46 -3.65 -11.29
N PRO A 37 -5.36 -3.94 -12.01
CA PRO A 37 -5.35 -4.05 -13.49
C PRO A 37 -6.24 -5.17 -14.03
N SER A 38 -6.55 -6.15 -13.20
CA SER A 38 -7.39 -7.26 -13.62
C SER A 38 -8.87 -6.85 -13.60
N ASN A 39 -9.13 -5.68 -13.02
CA ASN A 39 -10.48 -5.11 -12.91
C ASN A 39 -11.50 -6.09 -12.30
N PRO A 40 -11.25 -6.59 -11.07
CA PRO A 40 -12.19 -7.48 -10.38
C PRO A 40 -13.26 -6.68 -9.64
N LEU A 41 -13.09 -5.36 -9.66
CA LEU A 41 -13.98 -4.45 -8.96
C LEU A 41 -15.32 -4.33 -9.64
N TYR A 42 -16.32 -4.11 -8.85
CA TYR A 42 -17.66 -3.93 -9.35
C TYR A 42 -17.93 -2.43 -9.47
N THR A 43 -17.04 -1.64 -8.88
CA THR A 43 -17.11 -0.18 -8.87
C THR A 43 -18.31 0.32 -8.04
N GLN A 44 -19.51 0.18 -8.59
CA GLN A 44 -20.72 0.61 -7.91
C GLN A 44 -21.10 -0.35 -6.78
N LEU A 45 -20.52 -1.54 -6.80
CA LEU A 45 -20.74 -2.53 -5.77
C LEU A 45 -19.43 -3.01 -5.18
N GLY A 46 -19.46 -3.42 -3.93
CA GLY A 46 -18.29 -3.97 -3.28
C GLY A 46 -17.29 -2.92 -2.86
N VAL A 47 -16.13 -3.38 -2.43
CA VAL A 47 -15.06 -2.52 -1.97
C VAL A 47 -13.78 -2.87 -2.70
N LEU A 48 -12.74 -2.06 -2.50
CA LEU A 48 -11.45 -2.30 -3.14
C LEU A 48 -10.90 -3.68 -2.74
N THR A 49 -10.54 -4.46 -3.73
CA THR A 49 -10.01 -5.77 -3.51
C THR A 49 -8.50 -5.73 -3.42
N LYS A 50 -7.91 -6.78 -2.89
CA LYS A 50 -6.47 -6.86 -2.77
C LYS A 50 -5.82 -7.02 -4.13
N GLY A 51 -4.61 -6.54 -4.25
CA GLY A 51 -3.90 -6.62 -5.50
C GLY A 51 -3.79 -5.27 -6.17
N THR A 52 -4.18 -4.23 -5.47
CA THR A 52 -4.08 -2.89 -6.01
C THR A 52 -2.65 -2.38 -5.87
N ILE A 53 -2.28 -1.41 -6.68
CA ILE A 53 -0.91 -0.91 -6.69
C ILE A 53 -0.83 0.54 -6.24
N ILE A 54 0.02 0.81 -5.28
CA ILE A 54 0.23 2.16 -4.79
C ILE A 54 1.69 2.54 -4.87
N GLU A 55 1.94 3.83 -4.87
CA GLU A 55 3.28 4.35 -4.94
C GLU A 55 3.66 4.94 -3.58
N VAL A 56 4.76 4.47 -3.03
CA VAL A 56 5.21 4.93 -1.73
C VAL A 56 6.66 5.38 -1.78
N ASN A 57 7.03 6.23 -0.85
CA ASN A 57 8.38 6.75 -0.79
C ASN A 57 9.18 6.01 0.26
N VAL A 58 10.18 5.27 -0.16
CA VAL A 58 11.02 4.55 0.77
C VAL A 58 12.10 5.50 1.27
N SER A 59 11.66 6.45 2.08
CA SER A 59 12.50 7.47 2.70
C SER A 59 11.77 8.04 3.91
N ASP A 60 10.44 7.90 3.90
CA ASP A 60 9.58 8.42 4.95
C ASP A 60 9.50 7.48 6.13
N LEU A 61 10.35 6.46 6.11
CA LEU A 61 10.43 5.49 7.20
C LEU A 61 10.98 6.16 8.45
N GLY A 62 11.70 7.26 8.25
CA GLY A 62 12.24 8.01 9.36
C GLY A 62 13.68 7.65 9.67
N ILE A 63 14.18 6.60 9.05
CA ILE A 63 15.56 6.17 9.29
C ILE A 63 16.41 6.29 8.08
N VAL A 64 17.56 6.81 8.32
CA VAL A 64 18.56 7.00 7.31
C VAL A 64 19.73 6.08 7.61
N THR A 65 20.00 5.18 6.68
CA THR A 65 21.03 4.17 6.89
C THR A 65 22.43 4.79 6.92
N ALA A 66 22.66 5.75 5.99
CA ALA A 66 23.95 6.47 5.86
C ALA A 66 24.02 7.16 4.51
N SER A 67 23.53 6.48 3.51
CA SER A 67 23.61 6.96 2.14
C SER A 67 22.32 6.74 1.37
N GLY A 68 21.26 6.39 2.08
CA GLY A 68 20.01 6.09 1.40
C GLY A 68 20.15 4.85 0.53
N LYS A 69 20.66 3.79 1.14
CA LYS A 69 21.00 2.55 0.45
C LYS A 69 19.78 1.99 -0.25
N ILE A 70 18.65 2.13 0.39
CA ILE A 70 17.40 1.64 -0.13
C ILE A 70 16.39 2.77 -0.36
N ALA A 71 16.88 3.99 -0.43
CA ALA A 71 16.00 5.15 -0.59
C ALA A 71 15.59 5.33 -2.04
N TRP A 72 14.32 5.02 -2.32
CA TRP A 72 13.73 5.14 -3.67
C TRP A 72 12.23 5.21 -3.59
N GLY A 73 11.61 5.54 -4.71
CA GLY A 73 10.17 5.49 -4.79
C GLY A 73 9.77 4.15 -5.36
N ARG A 74 9.01 3.39 -4.60
CA ARG A 74 8.67 2.04 -5.00
C ARG A 74 7.17 1.82 -4.93
N TYR A 75 6.72 0.76 -5.58
CA TYR A 75 5.31 0.43 -5.60
C TYR A 75 5.00 -0.73 -4.67
N ALA A 76 3.88 -0.62 -4.01
CA ALA A 76 3.45 -1.65 -3.09
C ALA A 76 2.06 -2.12 -3.45
N GLN A 77 1.79 -3.37 -3.18
CA GLN A 77 0.50 -3.96 -3.48
C GLN A 77 -0.37 -3.97 -2.24
N ILE A 78 -1.56 -3.40 -2.33
CA ILE A 78 -2.47 -3.39 -1.20
C ILE A 78 -3.20 -4.70 -1.07
N THR A 79 -3.14 -5.25 0.11
CA THR A 79 -3.83 -6.44 0.46
C THR A 79 -4.48 -6.26 1.84
N ASN A 80 -5.78 -6.02 1.84
CA ASN A 80 -6.52 -5.81 3.06
C ASN A 80 -6.82 -7.12 3.77
N ASN A 81 -6.28 -7.27 4.97
CA ASN A 81 -6.47 -8.48 5.75
C ASN A 81 -6.88 -8.13 7.18
N PRO A 82 -8.13 -7.69 7.39
CA PRO A 82 -8.62 -7.31 8.72
C PRO A 82 -8.74 -8.52 9.65
N GLU A 83 -8.88 -9.69 9.06
CA GLU A 83 -9.02 -10.93 9.84
C GLU A 83 -7.66 -11.42 10.34
N ASN A 84 -6.60 -10.87 9.81
CA ASN A 84 -5.27 -11.27 10.20
C ASN A 84 -4.55 -10.16 10.94
N ASP A 85 -4.44 -9.03 10.28
CA ASP A 85 -3.72 -7.90 10.82
C ASP A 85 -4.65 -6.90 11.48
N GLY A 86 -5.89 -6.86 11.01
CA GLY A 86 -6.87 -5.92 11.54
C GLY A 86 -6.69 -4.54 10.94
N CYS A 87 -5.98 -4.48 9.83
CA CYS A 87 -5.71 -3.22 9.15
C CYS A 87 -5.43 -3.47 7.67
N VAL A 88 -5.47 -2.41 6.87
CA VAL A 88 -5.16 -2.51 5.46
C VAL A 88 -3.64 -2.51 5.27
N ASN A 89 -3.13 -3.56 4.65
CA ASN A 89 -1.69 -3.70 4.52
C ASN A 89 -1.26 -3.60 3.08
N ALA A 90 -0.04 -3.17 2.89
CA ALA A 90 0.54 -3.09 1.58
C ALA A 90 1.88 -3.80 1.58
N VAL A 91 2.10 -4.65 0.62
CA VAL A 91 3.35 -5.37 0.53
C VAL A 91 4.20 -4.77 -0.56
N LEU A 92 5.42 -4.42 -0.21
CA LEU A 92 6.32 -3.80 -1.15
C LEU A 92 6.88 -4.81 -2.12
N LEU A 93 6.79 -4.50 -3.40
CA LEU A 93 7.32 -5.38 -4.41
C LEU A 93 8.66 -4.84 -4.89
N VAL A 94 9.67 -5.70 -4.87
CA VAL A 94 11.01 -5.30 -5.28
C VAL A 94 11.45 -6.08 -6.51
N TYR A 1 -16.44 9.21 -12.62
CA TYR A 1 -15.82 8.77 -11.34
C TYR A 1 -14.90 7.59 -11.59
N GLU A 2 -14.47 7.45 -12.84
CA GLU A 2 -13.62 6.34 -13.25
C GLU A 2 -12.27 6.38 -12.53
N ARG A 3 -11.71 7.57 -12.39
CA ARG A 3 -10.39 7.71 -11.76
C ARG A 3 -10.49 7.86 -10.24
N PHE A 4 -11.66 7.58 -9.68
CA PHE A 4 -11.82 7.65 -8.26
C PHE A 4 -11.75 6.23 -7.69
N ILE A 5 -10.72 5.97 -6.90
CA ILE A 5 -10.47 4.64 -6.37
C ILE A 5 -11.11 4.47 -4.99
N ARG A 6 -11.90 3.42 -4.85
CA ARG A 6 -12.59 3.13 -3.60
C ARG A 6 -12.31 1.69 -3.17
N PRO A 7 -11.15 1.44 -2.54
CA PRO A 7 -10.78 0.09 -2.08
C PRO A 7 -11.81 -0.46 -1.11
N MET A 8 -12.27 0.41 -0.22
CA MET A 8 -13.30 0.11 0.76
C MET A 8 -13.67 1.40 1.49
N GLY A 9 -13.21 2.52 0.94
CA GLY A 9 -13.41 3.79 1.58
C GLY A 9 -12.31 4.06 2.58
N LEU A 10 -11.35 4.88 2.21
CA LEU A 10 -10.23 5.16 3.09
C LEU A 10 -10.33 6.56 3.68
N ARG A 11 -10.08 6.66 4.96
CA ARG A 11 -10.11 7.93 5.66
C ARG A 11 -8.90 8.79 5.31
N TYR A 12 -7.79 8.13 5.00
CA TYR A 12 -6.56 8.82 4.67
C TYR A 12 -5.65 7.86 3.92
N LYS A 13 -4.92 8.37 2.95
CA LYS A 13 -4.03 7.54 2.16
C LYS A 13 -2.79 7.14 2.95
N LYS A 14 -2.94 6.13 3.78
CA LYS A 14 -1.83 5.62 4.57
C LYS A 14 -2.11 4.17 4.94
N ALA A 15 -1.11 3.32 4.79
CA ALA A 15 -1.27 1.89 5.07
C ALA A 15 -0.03 1.33 5.72
N ASN A 16 -0.18 0.19 6.37
CA ASN A 16 0.95 -0.46 7.03
C ASN A 16 1.76 -1.23 6.01
N VAL A 17 2.89 -0.67 5.63
CA VAL A 17 3.73 -1.25 4.62
C VAL A 17 4.66 -2.29 5.23
N THR A 18 4.56 -3.49 4.73
CA THR A 18 5.40 -4.57 5.18
C THR A 18 6.48 -4.82 4.15
N HIS A 19 7.71 -4.78 4.60
CA HIS A 19 8.84 -5.06 3.75
C HIS A 19 9.33 -6.45 4.04
N PRO A 20 9.06 -7.41 3.15
CA PRO A 20 9.42 -8.81 3.38
C PRO A 20 10.92 -9.05 3.50
N THR A 21 11.70 -8.24 2.79
CA THR A 21 13.15 -8.35 2.83
C THR A 21 13.68 -7.95 4.21
N LEU A 22 13.12 -6.88 4.78
CA LEU A 22 13.56 -6.37 6.07
C LEU A 22 12.81 -7.07 7.17
N ASN A 23 11.68 -7.63 6.79
CA ASN A 23 10.76 -8.29 7.70
C ASN A 23 10.28 -7.30 8.77
N VAL A 24 9.81 -6.15 8.31
CA VAL A 24 9.37 -5.09 9.19
C VAL A 24 8.11 -4.44 8.63
N THR A 25 7.25 -3.99 9.51
CA THR A 25 6.04 -3.31 9.10
C THR A 25 6.05 -1.87 9.59
N VAL A 26 6.00 -0.94 8.65
CA VAL A 26 5.99 0.48 8.99
C VAL A 26 4.84 1.16 8.25
N GLN A 27 4.01 1.89 8.97
CA GLN A 27 2.87 2.52 8.35
C GLN A 27 3.34 3.78 7.63
N LEU A 28 3.13 3.81 6.33
CA LEU A 28 3.59 4.91 5.52
C LEU A 28 2.45 5.48 4.71
N PRO A 29 2.49 6.78 4.42
CA PRO A 29 1.48 7.42 3.58
C PRO A 29 1.61 6.96 2.14
N ILE A 30 0.49 6.87 1.47
CA ILE A 30 0.48 6.44 0.10
C ILE A 30 0.57 7.67 -0.80
N LEU A 31 1.64 7.75 -1.58
CA LEU A 31 1.88 8.91 -2.43
C LEU A 31 0.85 8.98 -3.54
N SER A 32 0.57 7.85 -4.14
CA SER A 32 -0.41 7.80 -5.21
C SER A 32 -1.04 6.43 -5.27
N VAL A 33 -2.30 6.38 -5.70
CA VAL A 33 -2.98 5.13 -5.84
C VAL A 33 -3.33 4.92 -7.31
N LYS A 34 -3.23 3.69 -7.75
CA LYS A 34 -3.53 3.34 -9.10
C LYS A 34 -4.45 2.15 -9.17
N LYS A 35 -5.37 2.19 -10.12
CA LYS A 35 -6.32 1.13 -10.31
C LYS A 35 -5.64 -0.09 -10.88
N ASN A 36 -5.94 -1.23 -10.32
CA ASN A 36 -5.35 -2.47 -10.78
C ASN A 36 -6.00 -2.87 -12.11
N PRO A 37 -5.34 -3.74 -12.91
CA PRO A 37 -5.86 -4.16 -14.23
C PRO A 37 -7.24 -4.83 -14.13
N SER A 38 -7.55 -5.34 -12.94
CA SER A 38 -8.85 -5.93 -12.65
C SER A 38 -9.14 -7.15 -13.53
N ASN A 39 -8.11 -7.91 -13.87
CA ASN A 39 -8.30 -9.13 -14.67
C ASN A 39 -9.02 -10.23 -13.86
N PRO A 40 -8.46 -10.66 -12.68
CA PRO A 40 -9.10 -11.68 -11.85
C PRO A 40 -10.36 -11.16 -11.15
N LEU A 41 -10.35 -9.88 -10.82
CA LEU A 41 -11.48 -9.24 -10.17
C LEU A 41 -11.88 -8.02 -10.97
N TYR A 42 -13.02 -8.11 -11.62
CA TYR A 42 -13.46 -7.03 -12.50
C TYR A 42 -14.82 -6.49 -12.11
N THR A 43 -15.32 -6.89 -10.94
CA THR A 43 -16.60 -6.38 -10.49
C THR A 43 -16.51 -4.89 -10.18
N GLN A 44 -15.43 -4.50 -9.47
CA GLN A 44 -15.11 -3.10 -9.14
C GLN A 44 -16.20 -2.41 -8.27
N LEU A 45 -17.38 -2.28 -8.82
CA LEU A 45 -18.51 -1.64 -8.13
C LEU A 45 -18.95 -2.43 -6.90
N GLY A 46 -18.56 -3.68 -6.84
CA GLY A 46 -18.91 -4.54 -5.73
C GLY A 46 -17.85 -4.51 -4.64
N VAL A 47 -17.00 -3.48 -4.70
CA VAL A 47 -15.88 -3.31 -3.77
C VAL A 47 -14.75 -4.26 -4.12
N LEU A 48 -13.56 -3.72 -4.25
CA LEU A 48 -12.41 -4.51 -4.65
C LEU A 48 -11.70 -5.11 -3.44
N THR A 49 -10.70 -5.91 -3.72
CA THR A 49 -9.93 -6.57 -2.69
C THR A 49 -8.44 -6.31 -2.88
N LYS A 50 -7.63 -6.99 -2.09
CA LYS A 50 -6.17 -6.86 -2.16
C LYS A 50 -5.63 -7.01 -3.58
N GLY A 51 -4.51 -6.34 -3.83
CA GLY A 51 -3.92 -6.36 -5.15
C GLY A 51 -3.93 -4.98 -5.79
N THR A 52 -4.35 -3.98 -5.01
CA THR A 52 -4.40 -2.60 -5.51
C THR A 52 -2.99 -2.03 -5.65
N ILE A 53 -2.74 -1.30 -6.72
CA ILE A 53 -1.40 -0.78 -6.99
C ILE A 53 -1.24 0.61 -6.40
N ILE A 54 -0.22 0.80 -5.59
CA ILE A 54 0.04 2.10 -5.01
C ILE A 54 1.50 2.47 -5.12
N GLU A 55 1.79 3.74 -5.00
CA GLU A 55 3.15 4.21 -5.03
C GLU A 55 3.55 4.63 -3.64
N VAL A 56 4.65 4.10 -3.16
CA VAL A 56 5.14 4.41 -1.84
C VAL A 56 6.56 4.91 -1.93
N ASN A 57 6.94 5.71 -0.97
CA ASN A 57 8.24 6.32 -0.95
C ASN A 57 9.17 5.62 0.01
N VAL A 58 10.16 4.92 -0.51
CA VAL A 58 11.14 4.29 0.34
C VAL A 58 12.11 5.35 0.81
N SER A 59 11.67 6.10 1.81
CA SER A 59 12.41 7.19 2.38
C SER A 59 11.63 7.74 3.59
N ASP A 60 10.32 7.56 3.56
CA ASP A 60 9.43 8.02 4.63
C ASP A 60 9.46 7.11 5.84
N LEU A 61 10.33 6.11 5.82
CA LEU A 61 10.47 5.17 6.92
C LEU A 61 10.89 5.90 8.20
N GLY A 62 11.78 6.88 8.05
CA GLY A 62 12.24 7.66 9.19
C GLY A 62 13.35 6.98 9.94
N ILE A 63 13.84 5.88 9.40
CA ILE A 63 14.90 5.13 10.03
C ILE A 63 16.21 5.30 9.28
N VAL A 64 16.16 6.09 8.20
CA VAL A 64 17.31 6.30 7.31
C VAL A 64 17.70 4.98 6.67
N THR A 65 17.22 4.77 5.48
CA THR A 65 17.44 3.53 4.79
C THR A 65 18.78 3.56 4.05
N ALA A 66 19.80 2.92 4.66
CA ALA A 66 21.14 2.82 4.08
C ALA A 66 21.66 4.20 3.65
N SER A 67 21.62 5.15 4.58
CA SER A 67 22.09 6.52 4.33
C SER A 67 21.24 7.25 3.26
N GLY A 68 20.14 6.64 2.87
CA GLY A 68 19.26 7.23 1.89
C GLY A 68 19.73 7.02 0.46
N LYS A 69 20.79 6.23 0.28
CA LYS A 69 21.34 6.00 -1.06
C LYS A 69 20.38 5.20 -1.91
N ILE A 70 19.52 4.46 -1.25
CA ILE A 70 18.54 3.66 -1.92
C ILE A 70 17.14 4.20 -1.72
N ALA A 71 17.04 5.47 -1.35
CA ALA A 71 15.75 6.08 -1.12
C ALA A 71 15.10 6.44 -2.46
N TRP A 72 14.12 5.65 -2.84
CA TRP A 72 13.41 5.84 -4.11
C TRP A 72 11.95 5.50 -3.98
N GLY A 73 11.13 6.02 -4.88
CA GLY A 73 9.73 5.68 -4.88
C GLY A 73 9.52 4.36 -5.58
N ARG A 74 8.76 3.48 -4.97
CA ARG A 74 8.50 2.15 -5.51
C ARG A 74 7.02 1.87 -5.56
N TYR A 75 6.67 0.77 -6.18
CA TYR A 75 5.30 0.36 -6.25
C TYR A 75 5.02 -0.73 -5.25
N ALA A 76 3.88 -0.66 -4.64
CA ALA A 76 3.47 -1.61 -3.64
C ALA A 76 2.04 -1.99 -3.88
N GLN A 77 1.64 -3.13 -3.36
CA GLN A 77 0.28 -3.58 -3.52
C GLN A 77 -0.44 -3.59 -2.19
N ILE A 78 -1.66 -3.11 -2.20
CA ILE A 78 -2.45 -3.11 -0.99
C ILE A 78 -3.04 -4.48 -0.76
N THR A 79 -2.76 -5.02 0.40
CA THR A 79 -3.29 -6.29 0.81
C THR A 79 -4.00 -6.10 2.15
N ASN A 80 -5.28 -5.85 2.07
CA ASN A 80 -6.08 -5.59 3.25
C ASN A 80 -6.35 -6.86 4.03
N ASN A 81 -5.88 -6.90 5.26
CA ASN A 81 -6.18 -8.01 6.14
C ASN A 81 -6.68 -7.50 7.48
N PRO A 82 -7.88 -6.90 7.50
CA PRO A 82 -8.49 -6.43 8.73
C PRO A 82 -9.06 -7.59 9.50
N GLU A 83 -9.34 -8.64 8.78
CA GLU A 83 -9.92 -9.84 9.33
C GLU A 83 -8.92 -10.53 10.25
N ASN A 84 -7.66 -10.51 9.86
CA ASN A 84 -6.64 -11.20 10.64
C ASN A 84 -5.76 -10.21 11.39
N ASP A 85 -5.12 -9.29 10.67
CA ASP A 85 -4.24 -8.30 11.28
C ASP A 85 -5.06 -7.25 12.03
N GLY A 86 -6.17 -6.88 11.43
CA GLY A 86 -7.03 -5.87 12.01
C GLY A 86 -6.85 -4.50 11.37
N CYS A 87 -6.06 -4.45 10.31
CA CYS A 87 -5.79 -3.19 9.62
C CYS A 87 -5.49 -3.41 8.13
N VAL A 88 -5.54 -2.33 7.35
CA VAL A 88 -5.22 -2.38 5.94
C VAL A 88 -3.71 -2.33 5.78
N ASN A 89 -3.16 -3.31 5.12
CA ASN A 89 -1.73 -3.45 5.00
C ASN A 89 -1.29 -3.34 3.56
N ALA A 90 -0.08 -2.90 3.35
CA ALA A 90 0.48 -2.82 2.01
C ALA A 90 1.78 -3.60 1.96
N VAL A 91 2.06 -4.21 0.83
CA VAL A 91 3.28 -4.99 0.68
C VAL A 91 4.12 -4.44 -0.46
N LEU A 92 5.41 -4.25 -0.19
CA LEU A 92 6.32 -3.72 -1.16
C LEU A 92 7.15 -4.83 -1.79
N LEU A 93 7.16 -4.85 -3.11
CA LEU A 93 7.89 -5.88 -3.84
C LEU A 93 9.22 -5.32 -4.34
N VAL A 94 10.20 -6.20 -4.47
CA VAL A 94 11.52 -5.82 -4.95
C VAL A 94 11.93 -6.66 -6.16
N TYR A 1 -18.17 2.98 -8.96
CA TYR A 1 -18.38 4.34 -9.47
C TYR A 1 -17.18 5.21 -9.20
N GLU A 2 -16.15 5.02 -10.02
CA GLU A 2 -14.92 5.79 -9.97
C GLU A 2 -14.33 5.88 -8.57
N ARG A 3 -13.72 4.80 -8.14
CA ARG A 3 -13.06 4.78 -6.85
C ARG A 3 -11.91 5.78 -6.84
N PHE A 4 -11.76 6.48 -5.73
CA PHE A 4 -10.79 7.56 -5.61
C PHE A 4 -9.35 7.06 -5.78
N ILE A 5 -8.60 7.77 -6.60
CA ILE A 5 -7.20 7.49 -6.82
C ILE A 5 -6.34 8.61 -6.25
N ARG A 6 -5.54 8.27 -5.24
CA ARG A 6 -4.64 9.21 -4.58
C ARG A 6 -5.39 10.45 -4.07
N PRO A 7 -5.97 10.37 -2.87
CA PRO A 7 -6.70 11.51 -2.29
C PRO A 7 -5.74 12.66 -1.96
N MET A 8 -4.96 12.52 -0.88
CA MET A 8 -4.00 13.53 -0.50
C MET A 8 -2.97 12.97 0.49
N GLY A 9 -2.89 11.64 0.55
CA GLY A 9 -1.95 11.01 1.46
C GLY A 9 -2.30 11.27 2.92
N LEU A 10 -3.60 11.21 3.22
CA LEU A 10 -4.07 11.48 4.56
C LEU A 10 -4.21 10.18 5.36
N ARG A 11 -4.94 10.26 6.48
CA ARG A 11 -5.17 9.10 7.35
C ARG A 11 -5.90 7.98 6.58
N TYR A 12 -6.64 8.37 5.56
CA TYR A 12 -7.31 7.42 4.70
C TYR A 12 -6.42 7.16 3.50
N LYS A 13 -6.49 5.93 2.96
CA LYS A 13 -5.55 5.49 1.94
C LYS A 13 -4.14 5.45 2.53
N LYS A 14 -4.09 4.93 3.72
CA LYS A 14 -2.88 4.73 4.47
C LYS A 14 -2.79 3.26 4.83
N ALA A 15 -1.64 2.65 4.64
CA ALA A 15 -1.50 1.21 4.86
C ALA A 15 -0.24 0.87 5.61
N ASN A 16 -0.24 -0.32 6.22
CA ASN A 16 0.93 -0.80 6.93
C ASN A 16 1.83 -1.52 5.95
N VAL A 17 2.93 -0.89 5.59
CA VAL A 17 3.80 -1.42 4.57
C VAL A 17 4.93 -2.25 5.17
N THR A 18 4.97 -3.51 4.80
CA THR A 18 5.98 -4.42 5.25
C THR A 18 6.96 -4.67 4.10
N HIS A 19 8.22 -4.46 4.37
CA HIS A 19 9.26 -4.60 3.37
C HIS A 19 10.01 -5.88 3.65
N PRO A 20 9.85 -6.91 2.81
CA PRO A 20 10.53 -8.20 3.02
C PRO A 20 12.05 -8.10 2.87
N THR A 21 12.49 -7.19 2.02
CA THR A 21 13.90 -6.99 1.77
C THR A 21 14.62 -6.47 3.02
N LEU A 22 13.99 -5.51 3.70
CA LEU A 22 14.59 -4.88 4.87
C LEU A 22 14.08 -5.55 6.12
N ASN A 23 13.00 -6.28 5.95
CA ASN A 23 12.31 -6.95 7.06
C ASN A 23 11.84 -5.91 8.07
N VAL A 24 11.11 -4.92 7.57
CA VAL A 24 10.62 -3.85 8.40
C VAL A 24 9.19 -3.50 8.03
N THR A 25 8.35 -3.30 9.02
CA THR A 25 6.97 -2.94 8.79
C THR A 25 6.69 -1.53 9.33
N VAL A 26 6.34 -0.64 8.43
CA VAL A 26 6.08 0.74 8.79
C VAL A 26 4.75 1.19 8.22
N GLN A 27 3.92 1.77 9.07
CA GLN A 27 2.66 2.28 8.61
C GLN A 27 2.89 3.60 7.90
N LEU A 28 2.45 3.69 6.67
CA LEU A 28 2.75 4.86 5.86
C LEU A 28 1.55 5.23 4.98
N PRO A 29 1.25 6.54 4.83
CA PRO A 29 0.22 6.99 3.91
C PRO A 29 0.65 6.74 2.46
N ILE A 30 -0.29 6.46 1.61
CA ILE A 30 0.02 6.10 0.25
C ILE A 30 0.22 7.34 -0.63
N LEU A 31 1.39 7.42 -1.28
CA LEU A 31 1.71 8.55 -2.14
C LEU A 31 0.83 8.56 -3.39
N SER A 32 0.60 7.38 -3.95
CA SER A 32 -0.27 7.25 -5.13
C SER A 32 -0.76 5.82 -5.26
N VAL A 33 -1.94 5.63 -5.84
CA VAL A 33 -2.52 4.30 -5.98
C VAL A 33 -2.88 4.01 -7.43
N LYS A 34 -2.80 2.76 -7.80
CA LYS A 34 -3.20 2.31 -9.10
C LYS A 34 -4.37 1.34 -8.95
N LYS A 35 -5.50 1.73 -9.52
CA LYS A 35 -6.74 0.98 -9.49
C LYS A 35 -6.56 -0.41 -10.11
N ASN A 36 -7.20 -1.41 -9.50
CA ASN A 36 -7.10 -2.80 -9.96
C ASN A 36 -7.58 -2.91 -11.40
N PRO A 37 -6.71 -3.44 -12.28
CA PRO A 37 -7.00 -3.55 -13.72
C PRO A 37 -8.02 -4.65 -14.07
N SER A 38 -7.98 -5.76 -13.34
CA SER A 38 -8.84 -6.88 -13.66
C SER A 38 -9.12 -7.76 -12.45
N ASN A 39 -10.14 -7.43 -11.71
CA ASN A 39 -10.59 -8.29 -10.63
C ASN A 39 -12.08 -8.08 -10.36
N PRO A 40 -12.77 -9.14 -9.95
CA PRO A 40 -14.22 -9.10 -9.65
C PRO A 40 -14.50 -8.45 -8.30
N LEU A 41 -13.44 -8.18 -7.53
CA LEU A 41 -13.53 -7.63 -6.18
C LEU A 41 -14.05 -8.68 -5.21
N TYR A 42 -15.38 -8.85 -5.19
CA TYR A 42 -16.05 -9.85 -4.36
C TYR A 42 -16.03 -9.49 -2.87
N THR A 43 -15.10 -8.66 -2.45
CA THR A 43 -15.01 -8.30 -1.06
C THR A 43 -15.64 -6.93 -0.82
N GLN A 44 -16.75 -6.93 -0.12
CA GLN A 44 -17.49 -5.72 0.26
C GLN A 44 -17.94 -4.92 -0.96
N LEU A 45 -18.61 -3.79 -0.71
CA LEU A 45 -19.09 -2.95 -1.79
C LEU A 45 -18.69 -1.50 -1.57
N GLY A 46 -18.35 -0.85 -2.67
CA GLY A 46 -17.93 0.55 -2.61
C GLY A 46 -16.47 0.71 -2.24
N VAL A 47 -15.82 -0.41 -2.00
CA VAL A 47 -14.43 -0.45 -1.62
C VAL A 47 -13.68 -1.40 -2.52
N LEU A 48 -12.37 -1.41 -2.42
CA LEU A 48 -11.57 -2.25 -3.28
C LEU A 48 -11.16 -3.54 -2.59
N THR A 49 -10.51 -4.39 -3.35
CA THR A 49 -10.06 -5.67 -2.91
C THR A 49 -8.56 -5.79 -3.17
N LYS A 50 -7.87 -6.57 -2.34
CA LYS A 50 -6.41 -6.76 -2.43
C LYS A 50 -5.92 -6.95 -3.87
N GLY A 51 -4.68 -6.53 -4.09
CA GLY A 51 -4.09 -6.59 -5.41
C GLY A 51 -3.84 -5.22 -5.98
N THR A 52 -4.10 -4.19 -5.18
CA THR A 52 -3.90 -2.81 -5.63
C THR A 52 -2.42 -2.44 -5.58
N ILE A 53 -1.93 -1.76 -6.60
CA ILE A 53 -0.51 -1.39 -6.66
C ILE A 53 -0.35 0.06 -6.26
N ILE A 54 0.54 0.33 -5.32
CA ILE A 54 0.70 1.70 -4.84
C ILE A 54 2.13 2.19 -4.90
N GLU A 55 2.26 3.51 -4.82
CA GLU A 55 3.53 4.20 -4.78
C GLU A 55 3.88 4.57 -3.35
N VAL A 56 5.02 4.09 -2.88
CA VAL A 56 5.50 4.42 -1.55
C VAL A 56 6.94 4.90 -1.59
N ASN A 57 7.33 5.68 -0.61
CA ASN A 57 8.68 6.19 -0.52
C ASN A 57 9.48 5.42 0.49
N VAL A 58 10.52 4.76 0.01
CA VAL A 58 11.39 4.04 0.88
C VAL A 58 12.72 4.75 0.93
N SER A 59 12.82 5.70 1.84
CA SER A 59 14.03 6.46 2.02
C SER A 59 14.59 6.26 3.42
N ASP A 60 14.02 6.97 4.37
CA ASP A 60 14.48 6.92 5.75
C ASP A 60 13.60 6.00 6.58
N LEU A 61 12.33 5.90 6.21
CA LEU A 61 11.35 5.07 6.92
C LEU A 61 11.13 5.57 8.34
N GLY A 62 11.43 6.86 8.56
CA GLY A 62 11.25 7.45 9.87
C GLY A 62 12.50 7.39 10.73
N ILE A 63 13.52 6.68 10.26
CA ILE A 63 14.76 6.53 11.01
C ILE A 63 15.95 6.86 10.13
N VAL A 64 17.11 6.99 10.73
CA VAL A 64 18.31 7.26 9.97
C VAL A 64 18.99 5.95 9.55
N THR A 65 18.59 5.45 8.40
CA THR A 65 19.08 4.17 7.91
C THR A 65 20.46 4.27 7.25
N ALA A 66 20.62 5.20 6.30
CA ALA A 66 21.89 5.33 5.57
C ALA A 66 21.91 6.59 4.71
N SER A 67 21.64 7.73 5.34
CA SER A 67 21.67 9.04 4.66
C SER A 67 20.69 9.10 3.47
N GLY A 68 19.71 8.20 3.47
CA GLY A 68 18.72 8.19 2.40
C GLY A 68 19.27 7.73 1.05
N LYS A 69 20.39 7.00 1.06
CA LYS A 69 20.99 6.54 -0.19
C LYS A 69 20.15 5.47 -0.87
N ILE A 70 19.28 4.87 -0.09
CA ILE A 70 18.42 3.83 -0.59
C ILE A 70 17.05 4.39 -0.97
N ALA A 71 16.95 5.71 -1.06
CA ALA A 71 15.70 6.37 -1.35
C ALA A 71 15.29 6.19 -2.80
N TRP A 72 14.29 5.36 -3.00
CA TRP A 72 13.69 5.13 -4.29
C TRP A 72 12.21 4.93 -4.16
N GLY A 73 11.46 5.42 -5.13
CA GLY A 73 10.06 5.17 -5.15
C GLY A 73 9.81 3.76 -5.57
N ARG A 74 9.08 3.02 -4.78
CA ARG A 74 8.86 1.62 -5.06
C ARG A 74 7.39 1.28 -5.03
N TYR A 75 7.05 0.11 -5.55
CA TYR A 75 5.66 -0.31 -5.64
C TYR A 75 5.34 -1.30 -4.54
N ALA A 76 4.20 -1.11 -3.91
CA ALA A 76 3.76 -1.99 -2.86
C ALA A 76 2.39 -2.56 -3.21
N GLN A 77 2.14 -3.78 -2.76
CA GLN A 77 0.90 -4.45 -3.04
C GLN A 77 -0.06 -4.31 -1.86
N ILE A 78 -1.25 -3.81 -2.14
CA ILE A 78 -2.28 -3.66 -1.13
C ILE A 78 -3.02 -4.95 -0.92
N THR A 79 -3.01 -5.41 0.30
CA THR A 79 -3.73 -6.56 0.71
C THR A 79 -4.55 -6.21 1.96
N ASN A 80 -5.74 -5.69 1.75
CA ASN A 80 -6.56 -5.25 2.86
C ASN A 80 -7.27 -6.43 3.47
N ASN A 81 -6.95 -6.69 4.72
CA ASN A 81 -7.55 -7.79 5.46
C ASN A 81 -8.03 -7.32 6.81
N PRO A 82 -9.13 -6.55 6.86
CA PRO A 82 -9.67 -6.07 8.11
C PRO A 82 -10.21 -7.23 8.95
N GLU A 83 -10.52 -8.30 8.28
CA GLU A 83 -10.97 -9.52 8.92
C GLU A 83 -9.83 -10.17 9.70
N ASN A 84 -8.62 -10.09 9.15
CA ASN A 84 -7.46 -10.75 9.73
C ASN A 84 -6.70 -9.82 10.65
N ASP A 85 -6.30 -8.67 10.14
CA ASP A 85 -5.52 -7.71 10.92
C ASP A 85 -6.39 -6.60 11.44
N GLY A 86 -7.40 -6.26 10.67
CA GLY A 86 -8.29 -5.17 11.04
C GLY A 86 -7.88 -3.87 10.38
N CYS A 87 -6.76 -3.90 9.69
CA CYS A 87 -6.21 -2.72 9.03
C CYS A 87 -5.85 -3.02 7.58
N VAL A 88 -5.59 -1.97 6.82
CA VAL A 88 -5.16 -2.12 5.44
C VAL A 88 -3.67 -2.42 5.42
N ASN A 89 -3.32 -3.55 4.85
CA ASN A 89 -1.95 -4.00 4.86
C ASN A 89 -1.33 -3.88 3.49
N ALA A 90 -0.04 -3.59 3.45
CA ALA A 90 0.67 -3.48 2.20
C ALA A 90 2.03 -4.16 2.31
N VAL A 91 2.48 -4.73 1.21
CA VAL A 91 3.77 -5.40 1.19
C VAL A 91 4.57 -4.97 -0.03
N LEU A 92 5.85 -4.70 0.19
CA LEU A 92 6.73 -4.26 -0.89
C LEU A 92 7.05 -5.40 -1.84
N LEU A 93 6.88 -5.15 -3.12
CA LEU A 93 7.23 -6.12 -4.13
C LEU A 93 8.55 -5.75 -4.78
N VAL A 94 9.34 -6.73 -5.13
CA VAL A 94 10.63 -6.50 -5.75
C VAL A 94 10.70 -7.14 -7.13
N TYR A 1 -15.02 10.11 -12.71
CA TYR A 1 -15.83 9.25 -11.82
C TYR A 1 -15.71 7.78 -12.24
N GLU A 2 -14.66 7.47 -12.98
CA GLU A 2 -14.43 6.12 -13.44
C GLU A 2 -13.57 5.35 -12.44
N ARG A 3 -12.65 6.04 -11.82
CA ARG A 3 -11.69 5.41 -10.95
C ARG A 3 -11.88 5.78 -9.50
N PHE A 4 -12.36 4.83 -8.72
CA PHE A 4 -12.49 5.01 -7.29
C PHE A 4 -11.63 4.01 -6.57
N ILE A 5 -10.71 4.50 -5.76
CA ILE A 5 -9.84 3.65 -4.99
C ILE A 5 -10.13 3.83 -3.49
N ARG A 6 -11.33 4.32 -3.21
CA ARG A 6 -11.78 4.48 -1.85
C ARG A 6 -13.27 4.21 -1.77
N PRO A 7 -13.77 3.74 -0.62
CA PRO A 7 -15.19 3.42 -0.42
C PRO A 7 -16.10 4.62 -0.67
N MET A 8 -16.08 5.54 0.25
CA MET A 8 -16.86 6.77 0.14
C MET A 8 -16.07 7.89 0.78
N GLY A 9 -14.77 7.71 0.76
CA GLY A 9 -13.89 8.61 1.42
C GLY A 9 -13.39 7.97 2.69
N LEU A 10 -12.17 8.22 3.03
CA LEU A 10 -11.61 7.61 4.21
C LEU A 10 -10.88 8.64 5.06
N ARG A 11 -10.53 8.23 6.27
CA ARG A 11 -9.88 9.12 7.23
C ARG A 11 -8.54 9.63 6.72
N TYR A 12 -7.75 8.77 6.11
CA TYR A 12 -6.46 9.16 5.57
C TYR A 12 -5.87 8.02 4.76
N LYS A 13 -5.25 8.36 3.65
CA LYS A 13 -4.62 7.37 2.80
C LYS A 13 -3.31 6.91 3.40
N LYS A 14 -3.38 5.84 4.17
CA LYS A 14 -2.21 5.32 4.85
C LYS A 14 -2.28 3.78 4.90
N ALA A 15 -1.15 3.12 4.66
CA ALA A 15 -1.11 1.66 4.65
C ALA A 15 0.16 1.14 5.32
N ASN A 16 0.08 -0.09 5.84
CA ASN A 16 1.22 -0.71 6.50
C ASN A 16 2.07 -1.46 5.49
N VAL A 17 3.26 -0.96 5.23
CA VAL A 17 4.14 -1.51 4.22
C VAL A 17 5.19 -2.42 4.84
N THR A 18 5.27 -3.63 4.34
CA THR A 18 6.24 -4.59 4.81
C THR A 18 7.37 -4.73 3.80
N HIS A 19 8.60 -4.60 4.27
CA HIS A 19 9.77 -4.71 3.42
C HIS A 19 10.44 -6.05 3.64
N PRO A 20 10.38 -6.96 2.65
CA PRO A 20 10.95 -8.33 2.77
C PRO A 20 12.45 -8.34 3.12
N THR A 21 13.18 -7.38 2.60
CA THR A 21 14.61 -7.29 2.83
C THR A 21 14.92 -6.99 4.31
N LEU A 22 14.14 -6.10 4.90
CA LEU A 22 14.37 -5.65 6.27
C LEU A 22 13.55 -6.46 7.23
N ASN A 23 12.53 -7.10 6.70
CA ASN A 23 11.58 -7.88 7.51
C ASN A 23 10.92 -6.98 8.54
N VAL A 24 10.51 -5.80 8.10
CA VAL A 24 9.91 -4.83 8.98
C VAL A 24 8.67 -4.23 8.34
N THR A 25 7.67 -3.95 9.14
CA THR A 25 6.46 -3.35 8.64
C THR A 25 6.32 -1.95 9.19
N VAL A 26 6.27 -0.98 8.31
CA VAL A 26 6.13 0.40 8.68
C VAL A 26 4.95 1.02 7.96
N GLN A 27 4.26 1.89 8.61
CA GLN A 27 3.06 2.45 8.03
C GLN A 27 3.35 3.80 7.40
N LEU A 28 3.06 3.93 6.12
CA LEU A 28 3.31 5.16 5.37
C LEU A 28 2.06 5.60 4.62
N PRO A 29 1.96 6.89 4.31
CA PRO A 29 0.86 7.41 3.50
C PRO A 29 0.96 6.92 2.06
N ILE A 30 -0.17 6.77 1.40
CA ILE A 30 -0.17 6.29 0.04
C ILE A 30 0.04 7.47 -0.94
N LEU A 31 1.19 7.47 -1.60
CA LEU A 31 1.56 8.54 -2.54
C LEU A 31 0.68 8.54 -3.79
N SER A 32 0.40 7.37 -4.32
CA SER A 32 -0.40 7.25 -5.53
C SER A 32 -1.15 5.93 -5.53
N VAL A 33 -2.34 5.93 -6.14
CA VAL A 33 -3.16 4.75 -6.19
C VAL A 33 -3.48 4.37 -7.63
N LYS A 34 -3.48 3.07 -7.90
CA LYS A 34 -3.78 2.56 -9.23
C LYS A 34 -4.77 1.39 -9.11
N LYS A 35 -5.82 1.40 -9.91
CA LYS A 35 -6.77 0.31 -9.90
C LYS A 35 -6.69 -0.48 -11.19
N ASN A 36 -6.88 -1.78 -11.09
CA ASN A 36 -6.88 -2.62 -12.28
C ASN A 36 -8.21 -2.48 -13.00
N PRO A 37 -8.17 -2.27 -14.32
CA PRO A 37 -9.40 -2.12 -15.13
C PRO A 37 -10.22 -3.41 -15.16
N SER A 38 -9.58 -4.51 -14.83
CA SER A 38 -10.23 -5.80 -14.75
C SER A 38 -11.14 -5.87 -13.52
N ASN A 39 -10.98 -4.90 -12.61
CA ASN A 39 -11.76 -4.83 -11.38
C ASN A 39 -11.58 -6.06 -10.50
N PRO A 40 -10.49 -6.11 -9.74
CA PRO A 40 -10.19 -7.23 -8.87
C PRO A 40 -10.91 -7.12 -7.53
N LEU A 41 -12.21 -6.91 -7.58
CA LEU A 41 -13.02 -6.80 -6.38
C LEU A 41 -13.55 -8.15 -6.00
N TYR A 42 -13.21 -8.61 -4.82
CA TYR A 42 -13.65 -9.91 -4.35
C TYR A 42 -14.78 -9.75 -3.33
N THR A 43 -15.27 -8.52 -3.18
CA THR A 43 -16.33 -8.22 -2.25
C THR A 43 -17.42 -7.37 -2.90
N GLN A 44 -18.68 -7.77 -2.71
CA GLN A 44 -19.85 -7.11 -3.32
C GLN A 44 -20.20 -5.78 -2.65
N LEU A 45 -19.39 -5.35 -1.69
CA LEU A 45 -19.66 -4.12 -0.95
C LEU A 45 -19.19 -2.90 -1.72
N GLY A 46 -18.64 -3.12 -2.91
CA GLY A 46 -18.16 -2.02 -3.71
C GLY A 46 -16.88 -1.44 -3.16
N VAL A 47 -16.08 -2.29 -2.56
CA VAL A 47 -14.81 -1.88 -1.99
C VAL A 47 -13.69 -2.67 -2.61
N LEU A 48 -12.51 -2.10 -2.63
CA LEU A 48 -11.36 -2.77 -3.19
C LEU A 48 -10.79 -3.77 -2.24
N THR A 49 -10.31 -4.82 -2.81
CA THR A 49 -9.73 -5.91 -2.08
C THR A 49 -8.25 -6.07 -2.42
N LYS A 50 -7.61 -7.07 -1.84
CA LYS A 50 -6.18 -7.30 -2.04
C LYS A 50 -5.85 -7.57 -3.51
N GLY A 51 -4.69 -7.09 -3.92
CA GLY A 51 -4.27 -7.24 -5.30
C GLY A 51 -4.23 -5.91 -6.03
N THR A 52 -4.46 -4.83 -5.30
CA THR A 52 -4.43 -3.50 -5.86
C THR A 52 -3.00 -2.93 -5.86
N ILE A 53 -2.73 -1.94 -6.72
CA ILE A 53 -1.37 -1.42 -6.87
C ILE A 53 -1.27 0.04 -6.42
N ILE A 54 -0.29 0.33 -5.57
CA ILE A 54 -0.03 1.69 -5.12
C ILE A 54 1.45 2.03 -5.22
N GLU A 55 1.76 3.30 -5.18
CA GLU A 55 3.12 3.76 -5.23
C GLU A 55 3.48 4.39 -3.89
N VAL A 56 4.61 4.00 -3.35
CA VAL A 56 5.06 4.51 -2.08
C VAL A 56 6.49 5.01 -2.16
N ASN A 57 6.81 5.98 -1.35
CA ASN A 57 8.14 6.55 -1.34
C ASN A 57 8.91 6.04 -0.14
N VAL A 58 9.86 5.14 -0.37
CA VAL A 58 10.65 4.60 0.71
C VAL A 58 11.83 5.54 1.02
N SER A 59 11.49 6.67 1.61
CA SER A 59 12.44 7.70 1.99
C SER A 59 11.85 8.50 3.13
N ASP A 60 10.54 8.71 3.04
CA ASP A 60 9.76 9.45 4.02
C ASP A 60 9.42 8.55 5.22
N LEU A 61 10.19 7.49 5.37
CA LEU A 61 9.98 6.51 6.44
C LEU A 61 10.12 7.15 7.80
N GLY A 62 11.07 8.05 7.92
CA GLY A 62 11.28 8.70 9.18
C GLY A 62 12.50 9.59 9.17
N ILE A 63 13.64 9.05 9.57
CA ILE A 63 14.85 9.84 9.67
C ILE A 63 16.03 9.12 9.02
N VAL A 64 16.69 8.28 9.80
CA VAL A 64 17.86 7.56 9.34
C VAL A 64 17.61 6.07 9.37
N THR A 65 16.88 5.60 8.40
CA THR A 65 16.56 4.21 8.31
C THR A 65 17.78 3.38 7.94
N ALA A 66 18.34 3.68 6.78
CA ALA A 66 19.52 3.01 6.28
C ALA A 66 20.41 4.00 5.54
N SER A 67 20.67 5.14 6.19
CA SER A 67 21.51 6.20 5.64
C SER A 67 20.88 6.83 4.38
N GLY A 68 19.61 6.53 4.16
CA GLY A 68 18.92 7.05 3.00
C GLY A 68 19.35 6.37 1.72
N LYS A 69 20.09 5.29 1.86
CA LYS A 69 20.60 4.54 0.73
C LYS A 69 19.45 3.89 -0.01
N ILE A 70 18.46 3.52 0.75
CA ILE A 70 17.27 2.88 0.24
C ILE A 70 16.22 3.92 -0.21
N ALA A 71 16.60 5.18 -0.28
CA ALA A 71 15.66 6.23 -0.62
C ALA A 71 15.38 6.27 -2.12
N TRP A 72 14.17 5.83 -2.50
CA TRP A 72 13.72 5.84 -3.89
C TRP A 72 12.22 5.51 -3.95
N GLY A 73 11.50 6.08 -4.92
CA GLY A 73 10.09 5.77 -5.06
C GLY A 73 9.88 4.37 -5.59
N ARG A 74 9.02 3.60 -4.93
CA ARG A 74 8.74 2.22 -5.32
C ARG A 74 7.25 1.94 -5.41
N TYR A 75 6.92 0.74 -5.86
CA TYR A 75 5.53 0.32 -5.97
C TYR A 75 5.23 -0.80 -4.98
N ALA A 76 4.02 -0.83 -4.49
CA ALA A 76 3.61 -1.82 -3.53
C ALA A 76 2.22 -2.33 -3.84
N GLN A 77 1.94 -3.55 -3.43
CA GLN A 77 0.63 -4.15 -3.65
C GLN A 77 -0.18 -4.10 -2.37
N ILE A 78 -1.44 -3.72 -2.49
CA ILE A 78 -2.31 -3.66 -1.35
C ILE A 78 -2.92 -5.00 -1.06
N THR A 79 -2.77 -5.43 0.16
CA THR A 79 -3.37 -6.63 0.63
C THR A 79 -4.13 -6.29 1.92
N ASN A 80 -5.37 -5.88 1.77
CA ASN A 80 -6.19 -5.51 2.89
C ASN A 80 -6.53 -6.72 3.73
N ASN A 81 -6.08 -6.70 4.97
CA ASN A 81 -6.31 -7.80 5.87
C ASN A 81 -6.90 -7.27 7.18
N PRO A 82 -8.15 -6.79 7.15
CA PRO A 82 -8.81 -6.25 8.31
C PRO A 82 -9.47 -7.34 9.14
N GLU A 83 -9.57 -8.50 8.56
CA GLU A 83 -10.21 -9.62 9.21
C GLU A 83 -9.37 -10.10 10.39
N ASN A 84 -8.05 -10.08 10.22
CA ASN A 84 -7.15 -10.52 11.27
C ASN A 84 -6.30 -9.37 11.78
N ASP A 85 -5.54 -8.72 10.89
CA ASP A 85 -4.69 -7.61 11.29
C ASP A 85 -5.55 -6.43 11.70
N GLY A 86 -6.63 -6.24 10.97
CA GLY A 86 -7.55 -5.16 11.26
C GLY A 86 -7.19 -3.89 10.55
N CYS A 87 -6.10 -3.94 9.78
CA CYS A 87 -5.62 -2.77 9.08
C CYS A 87 -5.36 -3.08 7.62
N VAL A 88 -5.23 -2.03 6.81
CA VAL A 88 -4.92 -2.18 5.40
C VAL A 88 -3.42 -2.35 5.26
N ASN A 89 -3.01 -3.49 4.76
CA ASN A 89 -1.60 -3.80 4.64
C ASN A 89 -1.17 -3.72 3.20
N ALA A 90 0.07 -3.37 2.98
CA ALA A 90 0.63 -3.30 1.65
C ALA A 90 2.02 -3.92 1.65
N VAL A 91 2.38 -4.58 0.58
CA VAL A 91 3.66 -5.22 0.48
C VAL A 91 4.48 -4.61 -0.65
N LEU A 92 5.72 -4.27 -0.33
CA LEU A 92 6.61 -3.66 -1.29
C LEU A 92 7.54 -4.72 -1.86
N LEU A 93 7.57 -4.83 -3.17
CA LEU A 93 8.38 -5.84 -3.83
C LEU A 93 9.74 -5.29 -4.21
N VAL A 94 10.74 -6.16 -4.12
CA VAL A 94 12.11 -5.83 -4.45
C VAL A 94 12.73 -6.92 -5.31
N TYR A 1 -12.43 13.88 -8.84
CA TYR A 1 -12.98 12.94 -7.84
C TYR A 1 -12.57 11.49 -8.14
N GLU A 2 -11.48 11.34 -8.89
CA GLU A 2 -10.97 10.02 -9.27
C GLU A 2 -10.10 9.43 -8.16
N ARG A 3 -9.96 10.19 -7.08
CA ARG A 3 -9.21 9.75 -5.91
C ARG A 3 -10.11 8.91 -5.00
N PHE A 4 -11.12 8.31 -5.62
CA PHE A 4 -12.09 7.46 -4.95
C PHE A 4 -11.40 6.26 -4.29
N ILE A 5 -10.40 5.71 -4.98
CA ILE A 5 -9.67 4.53 -4.49
C ILE A 5 -9.11 4.79 -3.10
N ARG A 6 -9.45 3.92 -2.17
CA ARG A 6 -9.02 4.06 -0.80
C ARG A 6 -8.76 2.67 -0.21
N PRO A 7 -7.89 2.58 0.81
CA PRO A 7 -7.49 1.28 1.41
C PRO A 7 -8.67 0.47 1.94
N MET A 8 -9.60 1.15 2.61
CA MET A 8 -10.79 0.51 3.17
C MET A 8 -11.67 1.57 3.84
N GLY A 9 -11.86 2.67 3.15
CA GLY A 9 -12.69 3.73 3.68
C GLY A 9 -11.98 4.57 4.72
N LEU A 10 -10.66 4.57 4.68
CA LEU A 10 -9.88 5.37 5.62
C LEU A 10 -9.99 6.84 5.30
N ARG A 11 -9.75 7.65 6.30
CA ARG A 11 -9.82 9.10 6.20
C ARG A 11 -8.85 9.66 5.17
N TYR A 12 -7.68 9.05 5.06
CA TYR A 12 -6.67 9.47 4.10
C TYR A 12 -6.01 8.26 3.47
N LYS A 13 -5.39 8.48 2.32
CA LYS A 13 -4.75 7.41 1.59
C LYS A 13 -3.43 7.02 2.22
N LYS A 14 -3.50 6.18 3.23
CA LYS A 14 -2.33 5.65 3.89
C LYS A 14 -2.41 4.16 3.95
N ALA A 15 -1.28 3.51 3.82
CA ALA A 15 -1.22 2.07 3.88
C ALA A 15 -0.11 1.61 4.80
N ASN A 16 -0.30 0.45 5.42
CA ASN A 16 0.70 -0.11 6.31
C ASN A 16 1.67 -0.94 5.47
N VAL A 17 2.82 -0.35 5.18
CA VAL A 17 3.78 -0.94 4.27
C VAL A 17 4.69 -1.94 4.96
N THR A 18 4.61 -3.18 4.51
CA THR A 18 5.41 -4.26 5.03
C THR A 18 6.59 -4.51 4.08
N HIS A 19 7.78 -4.52 4.63
CA HIS A 19 8.98 -4.73 3.85
C HIS A 19 9.47 -6.15 4.03
N PRO A 20 9.40 -6.98 2.98
CA PRO A 20 9.73 -8.42 3.07
C PRO A 20 11.20 -8.71 3.38
N THR A 21 12.08 -7.77 3.05
CA THR A 21 13.51 -7.98 3.23
C THR A 21 13.91 -8.08 4.71
N LEU A 22 13.36 -7.20 5.52
CA LEU A 22 13.67 -7.17 6.94
C LEU A 22 12.44 -7.48 7.80
N ASN A 23 11.30 -7.62 7.13
CA ASN A 23 10.03 -7.99 7.76
C ASN A 23 9.58 -7.00 8.84
N VAL A 24 9.35 -5.76 8.42
CA VAL A 24 8.82 -4.75 9.33
C VAL A 24 7.78 -3.94 8.57
N THR A 25 6.77 -3.47 9.26
CA THR A 25 5.73 -2.73 8.59
C THR A 25 5.48 -1.37 9.26
N VAL A 26 5.34 -0.35 8.44
CA VAL A 26 5.11 1.02 8.88
C VAL A 26 4.10 1.72 7.97
N GLN A 27 3.32 2.63 8.53
CA GLN A 27 2.29 3.31 7.75
C GLN A 27 2.85 4.53 7.01
N LEU A 28 2.68 4.55 5.70
CA LEU A 28 3.11 5.67 4.88
C LEU A 28 1.97 6.15 4.00
N PRO A 29 1.95 7.44 3.65
CA PRO A 29 0.96 8.00 2.75
C PRO A 29 1.17 7.51 1.32
N ILE A 30 0.08 7.30 0.62
CA ILE A 30 0.15 6.82 -0.74
C ILE A 30 0.16 8.00 -1.72
N LEU A 31 1.23 8.09 -2.51
CA LEU A 31 1.38 9.17 -3.48
C LEU A 31 0.42 9.01 -4.66
N SER A 32 0.28 7.79 -5.14
CA SER A 32 -0.58 7.52 -6.29
C SER A 32 -1.30 6.19 -6.11
N VAL A 33 -2.55 6.11 -6.56
CA VAL A 33 -3.33 4.88 -6.43
C VAL A 33 -3.92 4.44 -7.78
N LYS A 34 -3.89 3.13 -8.02
CA LYS A 34 -4.52 2.56 -9.19
C LYS A 34 -5.22 1.27 -8.84
N LYS A 35 -6.45 1.12 -9.27
CA LYS A 35 -7.19 -0.08 -9.03
C LYS A 35 -6.99 -1.04 -10.17
N ASN A 36 -7.25 -2.31 -9.94
CA ASN A 36 -7.14 -3.29 -11.01
C ASN A 36 -8.20 -2.99 -12.06
N PRO A 37 -7.79 -2.88 -13.34
CA PRO A 37 -8.69 -2.52 -14.43
C PRO A 37 -9.77 -3.57 -14.71
N SER A 38 -9.46 -4.83 -14.43
CA SER A 38 -10.40 -5.89 -14.71
C SER A 38 -10.95 -6.54 -13.44
N ASN A 39 -10.32 -6.28 -12.31
CA ASN A 39 -10.75 -6.87 -11.05
C ASN A 39 -11.60 -5.90 -10.24
N PRO A 40 -12.85 -6.27 -9.98
CA PRO A 40 -13.79 -5.48 -9.19
C PRO A 40 -13.54 -5.59 -7.69
N LEU A 41 -14.22 -4.74 -6.93
CA LEU A 41 -14.14 -4.77 -5.48
C LEU A 41 -14.94 -5.89 -4.92
N TYR A 42 -14.72 -6.19 -3.66
CA TYR A 42 -15.42 -7.30 -3.01
C TYR A 42 -16.92 -7.06 -2.99
N THR A 43 -17.31 -5.82 -2.76
CA THR A 43 -18.71 -5.47 -2.78
C THR A 43 -19.02 -4.59 -3.99
N GLN A 44 -18.56 -3.35 -3.93
CA GLN A 44 -18.73 -2.35 -5.00
C GLN A 44 -18.14 -1.03 -4.55
N LEU A 45 -18.14 -0.83 -3.24
CA LEU A 45 -17.58 0.35 -2.64
C LEU A 45 -17.15 0.04 -1.22
N GLY A 46 -16.48 0.98 -0.59
CA GLY A 46 -16.04 0.79 0.77
C GLY A 46 -14.71 0.06 0.86
N VAL A 47 -14.77 -1.26 0.77
CA VAL A 47 -13.58 -2.07 0.88
C VAL A 47 -12.83 -2.14 -0.45
N LEU A 48 -11.51 -2.14 -0.35
CA LEU A 48 -10.66 -2.22 -1.51
C LEU A 48 -10.24 -3.65 -1.75
N THR A 49 -10.00 -4.00 -2.99
CA THR A 49 -9.60 -5.34 -3.30
C THR A 49 -8.08 -5.45 -3.26
N LYS A 50 -7.59 -6.62 -2.91
CA LYS A 50 -6.17 -6.83 -2.79
C LYS A 50 -5.52 -6.92 -4.17
N GLY A 51 -4.29 -6.49 -4.26
CA GLY A 51 -3.61 -6.47 -5.54
C GLY A 51 -3.62 -5.09 -6.16
N THR A 52 -4.07 -4.11 -5.40
CA THR A 52 -4.12 -2.72 -5.84
C THR A 52 -2.70 -2.14 -5.91
N ILE A 53 -2.40 -1.44 -7.01
CA ILE A 53 -1.08 -0.88 -7.24
C ILE A 53 -1.00 0.56 -6.73
N ILE A 54 -0.05 0.83 -5.85
CA ILE A 54 0.13 2.16 -5.31
C ILE A 54 1.58 2.62 -5.36
N GLU A 55 1.75 3.92 -5.27
CA GLU A 55 3.07 4.53 -5.27
C GLU A 55 3.37 5.07 -3.88
N VAL A 56 4.51 4.68 -3.32
CA VAL A 56 4.89 5.11 -1.98
C VAL A 56 6.33 5.62 -1.95
N ASN A 57 6.64 6.43 -0.97
CA ASN A 57 7.98 6.98 -0.82
C ASN A 57 8.69 6.32 0.35
N VAL A 58 9.65 5.46 0.04
CA VAL A 58 10.37 4.77 1.08
C VAL A 58 11.48 5.66 1.60
N SER A 59 11.09 6.60 2.44
CA SER A 59 11.99 7.56 3.05
C SER A 59 11.20 8.48 3.98
N ASP A 60 9.89 8.57 3.74
CA ASP A 60 9.01 9.43 4.53
C ASP A 60 9.00 9.05 6.00
N LEU A 61 9.10 7.75 6.28
CA LEU A 61 9.14 7.23 7.66
C LEU A 61 10.22 7.91 8.50
N GLY A 62 11.24 8.46 7.85
CA GLY A 62 12.27 9.23 8.54
C GLY A 62 13.45 8.39 8.99
N ILE A 63 13.32 7.09 8.93
CA ILE A 63 14.39 6.21 9.33
C ILE A 63 14.79 5.30 8.21
N VAL A 64 15.97 4.78 8.29
CA VAL A 64 16.51 3.92 7.27
C VAL A 64 17.13 2.69 7.89
N THR A 65 17.10 1.59 7.18
CA THR A 65 17.70 0.37 7.68
C THR A 65 19.23 0.47 7.62
N ALA A 66 19.74 1.03 6.52
CA ALA A 66 21.17 1.19 6.36
C ALA A 66 21.48 2.33 5.38
N SER A 67 21.63 3.53 5.93
CA SER A 67 22.08 4.71 5.16
C SER A 67 21.15 5.06 3.98
N GLY A 68 19.90 4.63 4.06
CA GLY A 68 18.95 4.94 3.00
C GLY A 68 19.30 4.24 1.70
N LYS A 69 19.86 3.05 1.79
CA LYS A 69 20.26 2.29 0.62
C LYS A 69 19.07 2.00 -0.26
N ILE A 70 17.97 1.69 0.36
CA ILE A 70 16.76 1.38 -0.33
C ILE A 70 15.77 2.57 -0.30
N ALA A 71 16.26 3.74 0.10
CA ALA A 71 15.38 4.90 0.23
C ALA A 71 15.19 5.59 -1.10
N TRP A 72 14.01 5.42 -1.67
CA TRP A 72 13.61 6.02 -2.95
C TRP A 72 12.11 5.88 -3.11
N GLY A 73 11.58 6.42 -4.20
CA GLY A 73 10.18 6.23 -4.49
C GLY A 73 9.96 4.84 -5.04
N ARG A 74 9.06 4.10 -4.42
CA ARG A 74 8.79 2.73 -4.81
C ARG A 74 7.32 2.50 -5.04
N TYR A 75 6.99 1.30 -5.45
CA TYR A 75 5.61 0.92 -5.65
C TYR A 75 5.26 -0.24 -4.75
N ALA A 76 4.04 -0.26 -4.29
CA ALA A 76 3.60 -1.28 -3.39
C ALA A 76 2.24 -1.80 -3.80
N GLN A 77 1.92 -2.99 -3.36
CA GLN A 77 0.64 -3.59 -3.67
C GLN A 77 -0.17 -3.74 -2.40
N ILE A 78 -1.39 -3.26 -2.43
CA ILE A 78 -2.25 -3.31 -1.25
C ILE A 78 -2.91 -4.65 -1.11
N THR A 79 -2.76 -5.22 0.06
CA THR A 79 -3.39 -6.44 0.42
C THR A 79 -3.89 -6.31 1.86
N ASN A 80 -5.18 -6.10 2.00
CA ASN A 80 -5.74 -5.93 3.32
C ASN A 80 -5.83 -7.24 4.03
N ASN A 81 -5.24 -7.30 5.20
CA ASN A 81 -5.25 -8.52 6.00
C ASN A 81 -5.72 -8.22 7.40
N PRO A 82 -7.01 -7.92 7.58
CA PRO A 82 -7.58 -7.66 8.90
C PRO A 82 -7.60 -8.93 9.72
N GLU A 83 -7.52 -10.04 9.01
CA GLU A 83 -7.48 -11.34 9.60
C GLU A 83 -6.20 -11.55 10.41
N ASN A 84 -5.08 -11.02 9.89
CA ASN A 84 -3.80 -11.23 10.54
C ASN A 84 -3.43 -10.04 11.39
N ASP A 85 -3.38 -8.88 10.77
CA ASP A 85 -2.98 -7.67 11.46
C ASP A 85 -4.18 -6.90 11.97
N GLY A 86 -5.24 -6.91 11.20
CA GLY A 86 -6.44 -6.19 11.57
C GLY A 86 -6.54 -4.87 10.83
N CYS A 87 -5.50 -4.56 10.05
CA CYS A 87 -5.45 -3.32 9.30
C CYS A 87 -5.14 -3.58 7.83
N VAL A 88 -5.31 -2.56 7.00
CA VAL A 88 -5.02 -2.67 5.59
C VAL A 88 -3.53 -2.52 5.37
N ASN A 89 -2.92 -3.52 4.79
CA ASN A 89 -1.49 -3.56 4.65
C ASN A 89 -1.07 -3.53 3.20
N ALA A 90 0.09 -3.02 2.93
CA ALA A 90 0.63 -2.98 1.60
C ALA A 90 1.99 -3.65 1.60
N VAL A 91 2.28 -4.38 0.55
CA VAL A 91 3.54 -5.07 0.47
C VAL A 91 4.44 -4.43 -0.56
N LEU A 92 5.69 -4.25 -0.18
CA LEU A 92 6.67 -3.62 -1.05
C LEU A 92 7.34 -4.68 -1.91
N LEU A 93 7.26 -4.49 -3.21
CA LEU A 93 7.86 -5.40 -4.14
C LEU A 93 9.26 -4.94 -4.50
N VAL A 94 10.25 -5.62 -3.96
CA VAL A 94 11.64 -5.29 -4.25
C VAL A 94 12.18 -6.23 -5.33
N TYR A 1 -3.98 14.32 -4.96
CA TYR A 1 -3.68 13.29 -3.95
C TYR A 1 -4.94 12.80 -3.28
N GLU A 2 -6.06 13.37 -3.67
CA GLU A 2 -7.34 13.01 -3.12
C GLU A 2 -7.71 11.60 -3.53
N ARG A 3 -7.41 11.26 -4.80
CA ARG A 3 -7.68 9.97 -5.39
C ARG A 3 -9.13 9.52 -5.22
N PHE A 4 -9.93 9.76 -6.27
CA PHE A 4 -11.33 9.39 -6.27
C PHE A 4 -11.50 7.89 -6.14
N ILE A 5 -10.61 7.13 -6.78
CA ILE A 5 -10.64 5.69 -6.67
C ILE A 5 -10.27 5.29 -5.23
N ARG A 6 -11.13 4.51 -4.61
CA ARG A 6 -10.93 4.13 -3.23
C ARG A 6 -11.21 2.64 -3.05
N PRO A 7 -10.56 1.99 -2.07
CA PRO A 7 -10.83 0.59 -1.77
C PRO A 7 -12.26 0.39 -1.30
N MET A 8 -12.55 0.81 -0.07
CA MET A 8 -13.90 0.73 0.47
C MET A 8 -14.27 2.07 1.09
N GLY A 9 -13.35 3.00 1.03
CA GLY A 9 -13.54 4.29 1.62
C GLY A 9 -12.80 4.39 2.93
N LEU A 10 -11.66 5.06 2.91
CA LEU A 10 -10.84 5.19 4.09
C LEU A 10 -10.76 6.65 4.53
N ARG A 11 -10.60 6.85 5.83
CA ARG A 11 -10.54 8.20 6.37
C ARG A 11 -9.21 8.89 6.04
N TYR A 12 -8.14 8.13 6.00
CA TYR A 12 -6.82 8.66 5.65
C TYR A 12 -6.12 7.70 4.73
N LYS A 13 -5.30 8.22 3.86
CA LYS A 13 -4.56 7.38 2.95
C LYS A 13 -3.34 6.81 3.66
N LYS A 14 -3.56 5.88 4.55
CA LYS A 14 -2.50 5.24 5.26
C LYS A 14 -2.55 3.75 5.06
N ALA A 15 -1.40 3.16 4.88
CA ALA A 15 -1.30 1.73 4.75
C ALA A 15 -0.13 1.20 5.56
N ASN A 16 -0.29 0.00 6.07
CA ASN A 16 0.76 -0.64 6.85
C ASN A 16 1.72 -1.33 5.88
N VAL A 17 2.85 -0.70 5.65
CA VAL A 17 3.79 -1.17 4.65
C VAL A 17 4.84 -2.09 5.25
N THR A 18 4.89 -3.31 4.77
CA THR A 18 5.87 -4.27 5.18
C THR A 18 6.81 -4.56 4.00
N HIS A 19 8.10 -4.46 4.25
CA HIS A 19 9.08 -4.70 3.22
C HIS A 19 9.70 -6.06 3.45
N PRO A 20 9.40 -7.05 2.60
CA PRO A 20 9.88 -8.43 2.79
C PRO A 20 11.41 -8.56 2.69
N THR A 21 12.02 -7.68 1.93
CA THR A 21 13.47 -7.73 1.73
C THR A 21 14.22 -7.16 2.95
N LEU A 22 13.59 -6.25 3.67
CA LEU A 22 14.22 -5.63 4.84
C LEU A 22 13.66 -6.20 6.11
N ASN A 23 12.46 -6.75 5.97
CA ASN A 23 11.68 -7.29 7.08
C ASN A 23 11.39 -6.17 8.09
N VAL A 24 10.84 -5.08 7.58
CA VAL A 24 10.52 -3.93 8.40
C VAL A 24 9.10 -3.45 8.07
N THR A 25 8.35 -3.13 9.11
CA THR A 25 6.99 -2.68 8.93
C THR A 25 6.81 -1.26 9.48
N VAL A 26 6.32 -0.38 8.61
CA VAL A 26 6.07 1.02 8.95
C VAL A 26 4.80 1.51 8.25
N GLN A 27 4.09 2.45 8.86
CA GLN A 27 2.89 2.99 8.24
C GLN A 27 3.18 4.36 7.65
N LEU A 28 2.99 4.48 6.35
CA LEU A 28 3.23 5.76 5.66
C LEU A 28 2.02 6.13 4.83
N PRO A 29 1.80 7.46 4.64
CA PRO A 29 0.74 7.95 3.78
C PRO A 29 0.91 7.49 2.34
N ILE A 30 -0.18 7.16 1.70
CA ILE A 30 -0.15 6.71 0.33
C ILE A 30 -0.32 7.88 -0.62
N LEU A 31 0.67 8.12 -1.45
CA LEU A 31 0.64 9.25 -2.37
C LEU A 31 -0.42 9.06 -3.45
N SER A 32 -0.51 7.86 -3.98
CA SER A 32 -1.46 7.58 -5.04
C SER A 32 -1.84 6.11 -5.06
N VAL A 33 -3.06 5.83 -5.48
CA VAL A 33 -3.56 4.48 -5.57
C VAL A 33 -4.14 4.25 -6.96
N LYS A 34 -4.05 3.03 -7.45
CA LYS A 34 -4.63 2.69 -8.74
C LYS A 34 -5.28 1.32 -8.66
N LYS A 35 -6.32 1.13 -9.45
CA LYS A 35 -7.05 -0.12 -9.45
C LYS A 35 -6.20 -1.26 -10.01
N ASN A 36 -6.53 -2.49 -9.60
CA ASN A 36 -5.82 -3.66 -10.07
C ASN A 36 -6.29 -4.07 -11.47
N PRO A 37 -5.39 -4.01 -12.46
CA PRO A 37 -5.72 -4.36 -13.86
C PRO A 37 -5.93 -5.86 -14.07
N SER A 38 -5.17 -6.66 -13.33
CA SER A 38 -5.24 -8.10 -13.49
C SER A 38 -5.33 -8.81 -12.15
N ASN A 39 -6.46 -8.65 -11.52
CA ASN A 39 -6.76 -9.31 -10.25
C ASN A 39 -8.27 -9.46 -10.13
N PRO A 40 -8.75 -10.60 -9.63
CA PRO A 40 -10.19 -10.86 -9.48
C PRO A 40 -10.83 -10.01 -8.38
N LEU A 41 -12.04 -9.53 -8.65
CA LEU A 41 -12.79 -8.75 -7.67
C LEU A 41 -14.08 -9.47 -7.32
N TYR A 42 -14.50 -9.37 -6.07
CA TYR A 42 -15.75 -10.00 -5.65
C TYR A 42 -16.93 -9.31 -6.33
N THR A 43 -16.86 -7.97 -6.38
CA THR A 43 -17.84 -7.12 -7.09
C THR A 43 -19.30 -7.19 -6.55
N GLN A 44 -19.59 -8.15 -5.68
CA GLN A 44 -20.98 -8.36 -5.20
C GLN A 44 -21.53 -7.15 -4.45
N LEU A 45 -20.72 -6.52 -3.63
CA LEU A 45 -21.20 -5.37 -2.86
C LEU A 45 -20.40 -4.12 -3.18
N GLY A 46 -19.67 -4.15 -4.28
CA GLY A 46 -18.83 -3.03 -4.62
C GLY A 46 -17.58 -3.00 -3.76
N VAL A 47 -16.64 -3.87 -4.06
CA VAL A 47 -15.44 -3.99 -3.24
C VAL A 47 -14.20 -4.08 -4.12
N LEU A 48 -13.14 -3.42 -3.67
CA LEU A 48 -11.86 -3.46 -4.36
C LEU A 48 -10.98 -4.49 -3.67
N THR A 49 -10.43 -5.39 -4.45
CA THR A 49 -9.64 -6.46 -3.92
C THR A 49 -8.16 -6.13 -3.81
N LYS A 50 -7.45 -6.99 -3.10
CA LYS A 50 -6.03 -6.86 -2.91
C LYS A 50 -5.28 -6.91 -4.24
N GLY A 51 -4.12 -6.30 -4.28
CA GLY A 51 -3.39 -6.22 -5.50
C GLY A 51 -3.44 -4.83 -6.05
N THR A 52 -3.94 -3.91 -5.24
CA THR A 52 -4.03 -2.52 -5.63
C THR A 52 -2.62 -1.91 -5.64
N ILE A 53 -2.25 -1.28 -6.74
CA ILE A 53 -0.91 -0.71 -6.88
C ILE A 53 -0.89 0.71 -6.37
N ILE A 54 0.06 1.01 -5.51
CA ILE A 54 0.14 2.32 -4.91
C ILE A 54 1.52 2.92 -5.06
N GLU A 55 1.56 4.24 -5.04
CA GLU A 55 2.81 4.98 -5.10
C GLU A 55 3.18 5.46 -3.72
N VAL A 56 4.34 5.02 -3.24
CA VAL A 56 4.84 5.40 -1.93
C VAL A 56 6.30 5.78 -2.01
N ASN A 57 6.75 6.57 -1.06
CA ASN A 57 8.13 6.98 -1.02
C ASN A 57 8.88 6.21 0.04
N VAL A 58 9.74 5.30 -0.38
CA VAL A 58 10.57 4.57 0.56
C VAL A 58 11.85 5.35 0.82
N SER A 59 11.77 6.65 0.54
CA SER A 59 12.83 7.58 0.86
C SER A 59 12.39 8.41 2.08
N ASP A 60 11.10 8.33 2.39
CA ASP A 60 10.51 9.15 3.45
C ASP A 60 10.46 8.40 4.78
N LEU A 61 10.97 7.17 4.77
CA LEU A 61 10.99 6.33 5.98
C LEU A 61 11.86 6.93 7.10
N GLY A 62 12.91 7.65 6.72
CA GLY A 62 13.77 8.29 7.71
C GLY A 62 14.59 7.32 8.54
N ILE A 63 14.98 6.20 7.95
CA ILE A 63 15.79 5.22 8.66
C ILE A 63 17.13 5.02 7.97
N VAL A 64 18.12 4.65 8.74
CA VAL A 64 19.49 4.48 8.24
C VAL A 64 20.01 3.07 8.49
N THR A 65 19.12 2.19 8.95
CA THR A 65 19.49 0.80 9.26
C THR A 65 20.06 0.08 8.02
N ALA A 66 19.79 0.63 6.84
CA ALA A 66 20.29 0.05 5.60
C ALA A 66 21.19 1.05 4.87
N SER A 67 21.85 1.92 5.64
CA SER A 67 22.78 2.95 5.12
C SER A 67 22.04 4.02 4.30
N GLY A 68 20.73 3.91 4.24
CA GLY A 68 19.93 4.87 3.50
C GLY A 68 19.89 4.60 2.00
N LYS A 69 20.58 3.54 1.57
CA LYS A 69 20.64 3.18 0.16
C LYS A 69 19.31 2.68 -0.36
N ILE A 70 18.44 2.34 0.58
CA ILE A 70 17.12 1.83 0.26
C ILE A 70 16.16 2.97 -0.07
N ALA A 71 16.62 4.20 0.08
CA ALA A 71 15.80 5.36 -0.20
C ALA A 71 15.49 5.44 -1.68
N TRP A 72 14.25 5.18 -2.02
CA TRP A 72 13.81 5.18 -3.42
C TRP A 72 12.33 5.54 -3.54
N GLY A 73 11.87 5.63 -4.77
CA GLY A 73 10.46 5.78 -5.03
C GLY A 73 9.96 4.50 -5.65
N ARG A 74 9.12 3.78 -4.94
CA ARG A 74 8.67 2.47 -5.40
C ARG A 74 7.17 2.34 -5.37
N TYR A 75 6.68 1.37 -6.10
CA TYR A 75 5.26 1.08 -6.09
C TYR A 75 5.02 -0.17 -5.24
N ALA A 76 4.03 -0.09 -4.39
CA ALA A 76 3.73 -1.18 -3.50
C ALA A 76 2.37 -1.77 -3.81
N GLN A 77 2.14 -2.96 -3.31
CA GLN A 77 0.89 -3.65 -3.56
C GLN A 77 0.06 -3.72 -2.29
N ILE A 78 -1.18 -3.30 -2.37
CA ILE A 78 -2.07 -3.36 -1.22
C ILE A 78 -2.66 -4.73 -1.06
N THR A 79 -2.51 -5.26 0.12
CA THR A 79 -3.08 -6.51 0.50
C THR A 79 -3.86 -6.31 1.80
N ASN A 80 -5.15 -6.21 1.69
CA ASN A 80 -5.98 -5.99 2.85
C ASN A 80 -6.19 -7.27 3.65
N ASN A 81 -5.72 -7.24 4.88
CA ASN A 81 -5.92 -8.36 5.80
C ASN A 81 -6.50 -7.84 7.09
N PRO A 82 -7.77 -7.45 7.08
CA PRO A 82 -8.44 -6.91 8.25
C PRO A 82 -8.64 -7.97 9.31
N GLU A 83 -8.58 -9.21 8.91
CA GLU A 83 -8.70 -10.32 9.82
C GLU A 83 -7.47 -10.40 10.70
N ASN A 84 -6.32 -9.99 10.15
CA ASN A 84 -5.07 -10.06 10.87
C ASN A 84 -4.77 -8.75 11.60
N ASP A 85 -4.73 -7.65 10.85
CA ASP A 85 -4.41 -6.36 11.41
C ASP A 85 -5.64 -5.48 11.58
N GLY A 86 -6.63 -5.70 10.74
CA GLY A 86 -7.83 -4.88 10.79
C GLY A 86 -7.67 -3.59 10.04
N CYS A 87 -6.59 -3.49 9.29
CA CYS A 87 -6.29 -2.31 8.52
C CYS A 87 -5.84 -2.68 7.12
N VAL A 88 -5.65 -1.69 6.27
CA VAL A 88 -5.17 -1.91 4.92
C VAL A 88 -3.66 -2.11 4.96
N ASN A 89 -3.21 -3.24 4.47
CA ASN A 89 -1.81 -3.56 4.50
C ASN A 89 -1.20 -3.35 3.13
N ALA A 90 0.07 -3.06 3.10
CA ALA A 90 0.77 -2.86 1.85
C ALA A 90 2.11 -3.55 1.90
N VAL A 91 2.52 -4.10 0.79
CA VAL A 91 3.77 -4.81 0.74
C VAL A 91 4.56 -4.40 -0.50
N LEU A 92 5.86 -4.27 -0.35
CA LEU A 92 6.71 -3.93 -1.47
C LEU A 92 6.96 -5.16 -2.31
N LEU A 93 6.69 -5.06 -3.59
CA LEU A 93 6.85 -6.18 -4.50
C LEU A 93 8.33 -6.55 -4.67
N VAL A 94 8.61 -7.84 -4.59
CA VAL A 94 9.97 -8.34 -4.74
C VAL A 94 10.01 -9.49 -5.74
#